data_1X5X
#
_entry.id   1X5X
#
_entity_poly.entity_id   1
_entity_poly.type   'polypeptide(L)'
_entity_poly.pdbx_seq_one_letter_code
;GSSGSSGPSMPASPVLTKAGITWLSLQWSKPSGTPSDEGISYILEMEEETSGYGFKPKYDGEDLAYTVKNLRRSTKYKFK
VIAYNSEGKSNPSEVVEFTTCPDSGPSSG
;
_entity_poly.pdbx_strand_id   A
#
# COMPACT_ATOMS: atom_id res chain seq x y z
N GLY A 1 17.12 -5.84 13.08
CA GLY A 1 16.88 -5.06 14.28
C GLY A 1 18.19 -4.48 14.84
N SER A 2 18.25 -4.40 16.16
CA SER A 2 19.43 -3.88 16.81
C SER A 2 19.65 -2.42 16.41
N SER A 3 20.41 -1.72 17.24
CA SER A 3 20.70 -0.31 16.99
C SER A 3 21.12 -0.12 15.53
N GLY A 4 20.68 0.99 14.95
CA GLY A 4 21.02 1.29 13.57
C GLY A 4 20.39 2.62 13.14
N SER A 5 20.32 2.82 11.83
CA SER A 5 19.75 4.03 11.28
C SER A 5 18.22 3.93 11.27
N SER A 6 17.60 4.87 11.99
CA SER A 6 16.16 4.90 12.08
C SER A 6 15.56 5.46 10.79
N GLY A 7 14.37 5.00 10.47
CA GLY A 7 13.69 5.45 9.26
C GLY A 7 12.47 6.32 9.61
N PRO A 8 11.51 6.37 8.66
CA PRO A 8 10.30 7.15 8.85
C PRO A 8 9.35 6.45 9.82
N SER A 9 8.81 7.25 10.73
CA SER A 9 7.87 6.73 11.72
C SER A 9 6.75 5.95 11.03
N MET A 10 5.81 5.49 11.84
CA MET A 10 4.68 4.74 11.32
C MET A 10 3.73 5.65 10.54
N PRO A 11 3.61 5.35 9.22
CA PRO A 11 2.74 6.12 8.35
C PRO A 11 1.27 5.77 8.59
N ALA A 12 0.39 6.59 8.03
CA ALA A 12 -1.03 6.38 8.17
C ALA A 12 -1.50 5.33 7.16
N SER A 13 -2.35 4.43 7.65
CA SER A 13 -2.87 3.37 6.80
C SER A 13 -3.36 3.96 5.46
N PRO A 14 -3.20 3.15 4.38
CA PRO A 14 -3.62 3.58 3.07
C PRO A 14 -5.14 3.53 2.92
N VAL A 15 -5.70 4.60 2.38
CA VAL A 15 -7.13 4.69 2.18
C VAL A 15 -7.50 4.10 0.82
N LEU A 16 -8.77 4.21 0.49
CA LEU A 16 -9.26 3.70 -0.79
C LEU A 16 -10.16 4.74 -1.44
N THR A 17 -9.53 5.65 -2.18
CA THR A 17 -10.26 6.71 -2.86
C THR A 17 -11.35 6.11 -3.75
N LYS A 18 -10.91 5.30 -4.71
CA LYS A 18 -11.83 4.67 -5.64
C LYS A 18 -11.48 3.18 -5.77
N ALA A 19 -12.50 2.35 -5.67
CA ALA A 19 -12.32 0.92 -5.77
C ALA A 19 -12.87 0.43 -7.11
N GLY A 20 -11.97 -0.06 -7.94
CA GLY A 20 -12.36 -0.56 -9.25
C GLY A 20 -12.59 -2.08 -9.21
N ILE A 21 -12.64 -2.66 -10.41
CA ILE A 21 -12.84 -4.10 -10.52
C ILE A 21 -11.48 -4.79 -10.61
N THR A 22 -10.64 -4.26 -11.50
CA THR A 22 -9.31 -4.83 -11.68
C THR A 22 -8.24 -3.78 -11.35
N TRP A 23 -8.57 -2.93 -10.40
CA TRP A 23 -7.65 -1.88 -9.98
C TRP A 23 -8.16 -1.30 -8.66
N LEU A 24 -7.23 -0.76 -7.89
CA LEU A 24 -7.56 -0.17 -6.61
C LEU A 24 -6.73 1.09 -6.39
N SER A 25 -7.42 2.21 -6.23
CA SER A 25 -6.75 3.47 -6.01
C SER A 25 -6.64 3.76 -4.51
N LEU A 26 -5.46 3.50 -3.97
CA LEU A 26 -5.21 3.73 -2.56
C LEU A 26 -4.59 5.11 -2.37
N GLN A 27 -4.70 5.60 -1.15
CA GLN A 27 -4.17 6.92 -0.82
C GLN A 27 -3.58 6.90 0.60
N TRP A 28 -2.31 7.29 0.68
CA TRP A 28 -1.63 7.33 1.96
C TRP A 28 -0.94 8.70 2.08
N SER A 29 -0.60 9.04 3.32
CA SER A 29 0.05 10.31 3.59
C SER A 29 1.36 10.08 4.33
N LYS A 30 2.14 11.13 4.44
CA LYS A 30 3.43 11.06 5.12
C LYS A 30 3.19 11.09 6.64
N PRO A 31 4.23 10.63 7.40
CA PRO A 31 4.15 10.61 8.84
C PRO A 31 4.31 12.02 9.43
N SER A 32 4.01 12.13 10.71
CA SER A 32 4.12 13.40 11.39
C SER A 32 5.59 13.72 11.69
N GLY A 33 5.91 15.00 11.61
CA GLY A 33 7.28 15.44 11.87
C GLY A 33 8.29 14.49 11.23
N THR A 34 8.49 14.67 9.93
CA THR A 34 9.42 13.84 9.20
C THR A 34 10.85 14.02 9.74
N PRO A 35 11.71 13.01 9.45
CA PRO A 35 13.09 13.06 9.91
C PRO A 35 13.91 14.04 9.07
N SER A 36 13.99 13.75 7.78
CA SER A 36 14.73 14.60 6.87
C SER A 36 14.52 14.14 5.43
N ASP A 37 15.10 14.89 4.50
CA ASP A 37 14.97 14.57 3.10
C ASP A 37 13.51 14.78 2.65
N GLU A 38 13.31 15.81 1.85
CA GLU A 38 11.99 16.12 1.35
C GLU A 38 11.46 14.98 0.50
N GLY A 39 10.13 14.91 0.40
CA GLY A 39 9.49 13.87 -0.37
C GLY A 39 9.93 12.48 0.09
N ILE A 40 9.00 11.78 0.72
CA ILE A 40 9.28 10.44 1.22
C ILE A 40 8.68 9.41 0.27
N SER A 41 9.15 8.18 0.40
CA SER A 41 8.67 7.10 -0.44
C SER A 41 7.96 6.05 0.42
N TYR A 42 7.01 5.37 -0.20
CA TYR A 42 6.25 4.34 0.49
C TYR A 42 6.00 3.14 -0.43
N ILE A 43 6.22 1.95 0.12
CA ILE A 43 6.03 0.73 -0.63
C ILE A 43 4.69 0.11 -0.24
N LEU A 44 3.82 -0.02 -1.23
CA LEU A 44 2.51 -0.60 -1.01
C LEU A 44 2.61 -2.13 -1.04
N GLU A 45 2.29 -2.74 0.09
CA GLU A 45 2.34 -4.19 0.20
C GLU A 45 0.93 -4.78 0.11
N MET A 46 0.88 -6.08 -0.11
CA MET A 46 -0.39 -6.77 -0.21
C MET A 46 -0.20 -8.29 -0.04
N GLU A 47 -1.09 -8.87 0.76
CA GLU A 47 -1.03 -10.30 1.03
C GLU A 47 -2.40 -10.93 0.78
N GLU A 48 -2.43 -11.84 -0.19
CA GLU A 48 -3.66 -12.53 -0.54
C GLU A 48 -3.41 -13.52 -1.68
N GLU A 49 -2.67 -14.57 -1.36
CA GLU A 49 -2.36 -15.59 -2.34
C GLU A 49 -1.58 -16.73 -1.69
N THR A 50 -0.48 -16.37 -1.04
CA THR A 50 0.36 -17.35 -0.38
C THR A 50 -0.31 -17.83 0.91
N SER A 51 0.09 -19.02 1.35
CA SER A 51 -0.46 -19.60 2.56
C SER A 51 0.31 -19.07 3.78
N GLY A 52 -0.16 -17.94 4.29
CA GLY A 52 0.46 -17.32 5.45
C GLY A 52 1.99 -17.36 5.33
N TYR A 53 2.48 -16.76 4.26
CA TYR A 53 3.92 -16.71 4.01
C TYR A 53 4.48 -15.34 4.37
N GLY A 54 3.88 -14.32 3.78
CA GLY A 54 4.31 -12.95 4.02
C GLY A 54 3.82 -12.01 2.92
N PHE A 55 3.84 -10.73 3.23
CA PHE A 55 3.40 -9.71 2.27
C PHE A 55 4.47 -9.47 1.21
N LYS A 56 4.01 -9.07 0.03
CA LYS A 56 4.91 -8.80 -1.07
C LYS A 56 4.72 -7.35 -1.54
N PRO A 57 5.84 -6.75 -2.03
CA PRO A 57 5.80 -5.39 -2.51
C PRO A 57 5.10 -5.29 -3.87
N LYS A 58 4.39 -4.19 -4.06
CA LYS A 58 3.68 -3.98 -5.30
C LYS A 58 4.15 -2.66 -5.92
N TYR A 59 4.10 -1.60 -5.13
CA TYR A 59 4.52 -0.29 -5.59
C TYR A 59 5.78 0.17 -4.84
N ASP A 60 6.62 0.89 -5.57
CA ASP A 60 7.85 1.40 -4.99
C ASP A 60 8.23 2.72 -5.68
N GLY A 61 7.63 3.80 -5.19
CA GLY A 61 7.88 5.11 -5.74
C GLY A 61 7.90 6.17 -4.65
N GLU A 62 7.84 7.42 -5.07
CA GLU A 62 7.84 8.54 -4.14
C GLU A 62 6.56 9.36 -4.27
N ASP A 63 5.46 8.64 -4.39
CA ASP A 63 4.16 9.28 -4.52
C ASP A 63 3.26 8.86 -3.35
N LEU A 64 2.39 9.77 -2.96
CA LEU A 64 1.47 9.51 -1.86
C LEU A 64 0.16 8.96 -2.41
N ALA A 65 0.27 8.23 -3.51
CA ALA A 65 -0.89 7.64 -4.15
C ALA A 65 -0.44 6.68 -5.24
N TYR A 66 -1.25 5.65 -5.46
CA TYR A 66 -0.94 4.66 -6.48
C TYR A 66 -2.21 3.96 -6.95
N THR A 67 -2.14 3.46 -8.18
CA THR A 67 -3.29 2.76 -8.77
C THR A 67 -2.94 1.28 -8.99
N VAL A 68 -3.33 0.47 -8.02
CA VAL A 68 -3.07 -0.96 -8.10
C VAL A 68 -3.69 -1.52 -9.39
N LYS A 69 -3.07 -2.57 -9.90
CA LYS A 69 -3.55 -3.20 -11.12
C LYS A 69 -3.44 -4.72 -10.97
N ASN A 70 -4.01 -5.41 -11.94
CA ASN A 70 -3.98 -6.87 -11.94
C ASN A 70 -4.69 -7.38 -10.69
N LEU A 71 -6.01 -7.31 -10.72
CA LEU A 71 -6.82 -7.75 -9.60
C LEU A 71 -7.93 -8.67 -10.10
N ARG A 72 -8.81 -9.03 -9.20
CA ARG A 72 -9.93 -9.90 -9.54
C ARG A 72 -11.25 -9.23 -9.16
N ARG A 73 -12.24 -9.41 -10.03
CA ARG A 73 -13.56 -8.84 -9.80
C ARG A 73 -14.16 -9.39 -8.52
N SER A 74 -14.94 -8.55 -7.85
CA SER A 74 -15.59 -8.95 -6.61
C SER A 74 -14.63 -9.81 -5.78
N THR A 75 -13.57 -9.16 -5.29
CA THR A 75 -12.59 -9.85 -4.48
C THR A 75 -12.05 -8.92 -3.40
N LYS A 76 -11.61 -9.52 -2.31
CA LYS A 76 -11.06 -8.76 -1.19
C LYS A 76 -9.55 -8.95 -1.14
N TYR A 77 -8.87 -7.87 -0.74
CA TYR A 77 -7.42 -7.90 -0.66
C TYR A 77 -6.93 -7.00 0.48
N LYS A 78 -5.76 -7.34 0.99
CA LYS A 78 -5.16 -6.59 2.08
C LYS A 78 -4.10 -5.64 1.52
N PHE A 79 -3.82 -4.59 2.28
CA PHE A 79 -2.83 -3.61 1.88
C PHE A 79 -2.33 -2.81 3.08
N LYS A 80 -1.03 -2.56 3.08
CA LYS A 80 -0.40 -1.82 4.17
C LYS A 80 0.69 -0.91 3.59
N VAL A 81 0.63 0.35 3.98
CA VAL A 81 1.61 1.33 3.51
C VAL A 81 2.91 1.14 4.30
N ILE A 82 4.00 1.08 3.57
CA ILE A 82 5.32 0.92 4.18
C ILE A 82 6.22 2.08 3.75
N ALA A 83 6.57 2.90 4.73
CA ALA A 83 7.43 4.05 4.47
C ALA A 83 8.89 3.63 4.66
N TYR A 84 9.70 3.96 3.66
CA TYR A 84 11.12 3.63 3.71
C TYR A 84 11.96 4.76 3.11
N ASN A 85 13.25 4.71 3.41
CA ASN A 85 14.18 5.72 2.90
C ASN A 85 15.30 5.03 2.13
N SER A 86 15.95 5.81 1.30
CA SER A 86 17.05 5.30 0.48
C SER A 86 18.06 4.58 1.39
N GLU A 87 18.01 4.92 2.67
CA GLU A 87 18.91 4.30 3.64
C GLU A 87 18.40 2.92 4.05
N GLY A 88 17.12 2.88 4.37
CA GLY A 88 16.49 1.64 4.78
C GLY A 88 14.97 1.77 4.78
N LYS A 89 14.33 0.89 5.56
CA LYS A 89 12.88 0.90 5.66
C LYS A 89 12.48 0.81 7.12
N SER A 90 11.22 1.12 7.39
CA SER A 90 10.70 1.09 8.74
C SER A 90 9.61 0.01 8.85
N ASN A 91 8.85 0.10 9.94
CA ASN A 91 7.78 -0.85 10.18
C ASN A 91 6.58 -0.49 9.30
N PRO A 92 5.78 -1.54 8.96
CA PRO A 92 4.60 -1.33 8.13
C PRO A 92 3.47 -0.67 8.92
N SER A 93 2.49 -0.17 8.19
CA SER A 93 1.35 0.49 8.81
C SER A 93 0.20 -0.51 8.98
N GLU A 94 -0.87 -0.02 9.60
CA GLU A 94 -2.04 -0.86 9.84
C GLU A 94 -2.46 -1.55 8.54
N VAL A 95 -2.93 -2.78 8.69
CA VAL A 95 -3.36 -3.56 7.55
C VAL A 95 -4.84 -3.28 7.28
N VAL A 96 -5.09 -2.64 6.15
CA VAL A 96 -6.45 -2.29 5.77
C VAL A 96 -6.94 -3.30 4.73
N GLU A 97 -8.25 -3.32 4.55
CA GLU A 97 -8.87 -4.23 3.61
C GLU A 97 -9.84 -3.47 2.69
N PHE A 98 -9.95 -3.95 1.46
CA PHE A 98 -10.83 -3.33 0.49
C PHE A 98 -11.41 -4.37 -0.47
N THR A 99 -12.48 -3.98 -1.15
CA THR A 99 -13.13 -4.87 -2.09
C THR A 99 -13.21 -4.21 -3.48
N THR A 100 -13.52 -5.03 -4.47
CA THR A 100 -13.63 -4.54 -5.84
C THR A 100 -15.07 -4.67 -6.33
N CYS A 101 -15.33 -4.01 -7.45
CA CYS A 101 -16.65 -4.03 -8.04
C CYS A 101 -16.82 -5.35 -8.79
N PRO A 102 -18.10 -5.63 -9.18
CA PRO A 102 -18.41 -6.86 -9.90
C PRO A 102 -17.95 -6.77 -11.35
N ASP A 103 -18.09 -7.89 -12.04
CA ASP A 103 -17.68 -7.96 -13.44
C ASP A 103 -18.54 -8.99 -14.17
N SER A 104 -18.33 -10.25 -13.79
CA SER A 104 -19.07 -11.34 -14.40
C SER A 104 -18.37 -11.81 -15.67
N GLY A 105 -17.98 -10.83 -16.49
CA GLY A 105 -17.30 -11.12 -17.73
C GLY A 105 -18.07 -12.18 -18.54
N PRO A 106 -17.34 -12.79 -19.52
CA PRO A 106 -17.95 -13.81 -20.37
C PRO A 106 -18.10 -15.12 -19.61
N SER A 107 -17.07 -15.45 -18.84
CA SER A 107 -17.07 -16.68 -18.07
C SER A 107 -17.02 -17.90 -19.00
N SER A 108 -18.13 -18.12 -19.68
CA SER A 108 -18.23 -19.25 -20.61
C SER A 108 -17.39 -18.95 -21.86
N GLY A 109 -16.84 -20.01 -22.42
CA GLY A 109 -16.02 -19.90 -23.62
C GLY A 109 -15.24 -21.17 -23.89
N GLY A 1 24.26 -10.13 11.41
CA GLY A 1 24.28 -8.72 11.02
C GLY A 1 23.84 -7.84 12.19
N SER A 2 24.55 -6.73 12.35
CA SER A 2 24.24 -5.79 13.42
C SER A 2 22.89 -5.14 13.16
N SER A 3 22.01 -5.26 14.14
CA SER A 3 20.68 -4.69 14.04
C SER A 3 20.73 -3.19 14.34
N GLY A 4 19.86 -2.45 13.67
CA GLY A 4 19.79 -1.01 13.86
C GLY A 4 19.50 -0.30 12.55
N SER A 5 18.27 0.19 12.44
CA SER A 5 17.85 0.90 11.24
C SER A 5 16.45 1.49 11.44
N SER A 6 16.45 2.74 11.90
CA SER A 6 15.19 3.43 12.15
C SER A 6 15.01 4.55 11.12
N GLY A 7 13.92 4.43 10.36
CA GLY A 7 13.62 5.41 9.34
C GLY A 7 12.59 6.43 9.85
N PRO A 8 11.60 6.73 8.97
CA PRO A 8 10.55 7.68 9.31
C PRO A 8 9.54 7.06 10.29
N SER A 9 8.69 7.91 10.83
CA SER A 9 7.68 7.46 11.77
C SER A 9 6.65 6.58 11.06
N MET A 10 5.61 6.23 11.80
CA MET A 10 4.56 5.38 11.25
C MET A 10 3.58 6.22 10.41
N PRO A 11 3.48 5.85 9.11
CA PRO A 11 2.58 6.54 8.20
C PRO A 11 1.13 6.16 8.46
N ALA A 12 0.24 6.93 7.86
CA ALA A 12 -1.19 6.69 8.02
C ALA A 12 -1.63 5.60 7.03
N SER A 13 -2.44 4.69 7.52
CA SER A 13 -2.94 3.60 6.70
C SER A 13 -3.41 4.14 5.35
N PRO A 14 -3.24 3.28 4.30
CA PRO A 14 -3.65 3.66 2.96
C PRO A 14 -5.17 3.61 2.80
N VAL A 15 -5.72 4.72 2.35
CA VAL A 15 -7.15 4.81 2.15
C VAL A 15 -7.52 4.24 0.77
N LEU A 16 -8.81 4.31 0.46
CA LEU A 16 -9.29 3.80 -0.81
C LEU A 16 -10.25 4.82 -1.43
N THR A 17 -9.68 5.74 -2.18
CA THR A 17 -10.47 6.78 -2.83
C THR A 17 -11.48 6.14 -3.78
N LYS A 18 -10.98 5.32 -4.68
CA LYS A 18 -11.82 4.65 -5.66
C LYS A 18 -11.46 3.16 -5.71
N ALA A 19 -12.46 2.36 -6.05
CA ALA A 19 -12.25 0.92 -6.14
C ALA A 19 -12.59 0.45 -7.55
N GLY A 20 -11.73 -0.40 -8.08
CA GLY A 20 -11.91 -0.93 -9.42
C GLY A 20 -12.08 -2.46 -9.39
N ILE A 21 -12.61 -2.99 -10.48
CA ILE A 21 -12.83 -4.42 -10.59
C ILE A 21 -11.48 -5.13 -10.68
N THR A 22 -10.55 -4.48 -11.37
CA THR A 22 -9.22 -5.04 -11.55
C THR A 22 -8.15 -4.00 -11.19
N TRP A 23 -8.56 -3.03 -10.38
CA TRP A 23 -7.66 -1.97 -9.98
C TRP A 23 -8.16 -1.41 -8.65
N LEU A 24 -7.27 -0.75 -7.93
CA LEU A 24 -7.60 -0.16 -6.65
C LEU A 24 -6.79 1.12 -6.46
N SER A 25 -7.50 2.23 -6.31
CA SER A 25 -6.87 3.52 -6.12
C SER A 25 -6.82 3.85 -4.63
N LEU A 26 -5.65 3.62 -4.03
CA LEU A 26 -5.47 3.90 -2.61
C LEU A 26 -4.83 5.28 -2.45
N GLN A 27 -4.74 5.71 -1.20
CA GLN A 27 -4.15 7.00 -0.90
C GLN A 27 -3.60 7.01 0.53
N TRP A 28 -2.28 7.19 0.63
CA TRP A 28 -1.63 7.23 1.92
C TRP A 28 -0.95 8.59 2.07
N SER A 29 -0.58 8.90 3.30
CA SER A 29 0.08 10.15 3.60
C SER A 29 1.40 9.91 4.33
N LYS A 30 2.18 10.97 4.45
CA LYS A 30 3.47 10.87 5.12
C LYS A 30 3.24 10.62 6.62
N PRO A 31 4.33 10.15 7.29
CA PRO A 31 4.25 9.86 8.72
C PRO A 31 4.25 11.16 9.54
N SER A 32 4.35 10.99 10.84
CA SER A 32 4.37 12.12 11.74
C SER A 32 5.81 12.41 12.19
N GLY A 33 6.26 13.61 11.86
CA GLY A 33 7.61 14.02 12.22
C GLY A 33 8.65 13.28 11.37
N THR A 34 8.82 13.75 10.15
CA THR A 34 9.78 13.14 9.24
C THR A 34 11.20 13.54 9.62
N PRO A 35 12.17 12.69 9.18
CA PRO A 35 13.57 12.94 9.48
C PRO A 35 14.12 14.06 8.61
N SER A 36 13.70 14.05 7.35
CA SER A 36 14.14 15.05 6.40
C SER A 36 12.93 15.78 5.81
N ASP A 37 13.21 16.91 5.18
CA ASP A 37 12.16 17.70 4.55
C ASP A 37 11.35 16.82 3.60
N GLU A 38 12.05 16.25 2.64
CA GLU A 38 11.41 15.38 1.66
C GLU A 38 12.41 14.33 1.15
N GLY A 39 11.88 13.39 0.38
CA GLY A 39 12.71 12.33 -0.17
C GLY A 39 12.32 10.98 0.41
N ILE A 40 11.11 10.92 0.95
CA ILE A 40 10.61 9.68 1.54
C ILE A 40 9.73 8.97 0.53
N SER A 41 9.87 7.65 0.51
CA SER A 41 9.10 6.82 -0.41
C SER A 41 8.33 5.76 0.38
N TYR A 42 7.16 5.43 -0.15
CA TYR A 42 6.31 4.43 0.48
C TYR A 42 6.07 3.23 -0.44
N ILE A 43 6.42 2.05 0.05
CA ILE A 43 6.26 0.84 -0.72
C ILE A 43 4.94 0.16 -0.31
N LEU A 44 4.03 0.08 -1.27
CA LEU A 44 2.74 -0.53 -1.03
C LEU A 44 2.90 -2.05 -1.01
N GLU A 45 2.22 -2.67 -0.06
CA GLU A 45 2.28 -4.12 0.07
C GLU A 45 0.89 -4.73 -0.14
N MET A 46 0.89 -6.04 -0.38
CA MET A 46 -0.36 -6.75 -0.60
C MET A 46 -0.21 -8.24 -0.29
N GLU A 47 -1.18 -8.76 0.44
CA GLU A 47 -1.17 -10.16 0.81
C GLU A 47 -2.38 -10.89 0.21
N GLU A 48 -2.08 -11.89 -0.60
CA GLU A 48 -3.13 -12.67 -1.24
C GLU A 48 -2.52 -13.75 -2.14
N GLU A 49 -1.72 -13.29 -3.11
CA GLU A 49 -1.08 -14.20 -4.04
C GLU A 49 -0.54 -15.43 -3.29
N THR A 50 -0.48 -16.54 -4.01
CA THR A 50 0.00 -17.78 -3.42
C THR A 50 -0.46 -17.91 -1.97
N SER A 51 -1.75 -18.15 -1.82
CA SER A 51 -2.33 -18.30 -0.48
C SER A 51 -1.69 -17.28 0.47
N GLY A 52 -1.91 -16.01 0.17
CA GLY A 52 -1.38 -14.95 0.99
C GLY A 52 0.07 -15.24 1.39
N TYR A 53 0.22 -15.79 2.59
CA TYR A 53 1.54 -16.12 3.10
C TYR A 53 2.53 -14.98 2.86
N GLY A 54 2.68 -14.13 3.86
CA GLY A 54 3.59 -13.00 3.77
C GLY A 54 3.04 -11.94 2.80
N PHE A 55 3.48 -10.71 3.02
CA PHE A 55 3.04 -9.61 2.18
C PHE A 55 4.04 -9.35 1.05
N LYS A 56 3.51 -9.08 -0.12
CA LYS A 56 4.34 -8.82 -1.29
C LYS A 56 4.17 -7.35 -1.71
N PRO A 57 5.29 -6.77 -2.22
CA PRO A 57 5.28 -5.39 -2.66
C PRO A 57 4.55 -5.25 -4.00
N LYS A 58 4.41 -4.00 -4.42
CA LYS A 58 3.74 -3.71 -5.69
C LYS A 58 4.20 -2.35 -6.20
N TYR A 59 4.22 -1.38 -5.30
CA TYR A 59 4.65 -0.04 -5.66
C TYR A 59 5.94 0.34 -4.94
N ASP A 60 6.61 1.35 -5.47
CA ASP A 60 7.86 1.82 -4.91
C ASP A 60 8.25 3.15 -5.54
N GLY A 61 7.62 4.21 -5.06
CA GLY A 61 7.88 5.54 -5.57
C GLY A 61 7.67 6.60 -4.49
N GLU A 62 7.98 7.84 -4.85
CA GLU A 62 7.83 8.95 -3.93
C GLU A 62 6.47 9.63 -4.14
N ASP A 63 5.46 8.80 -4.36
CA ASP A 63 4.12 9.30 -4.57
C ASP A 63 3.23 8.92 -3.39
N LEU A 64 2.25 9.76 -3.11
CA LEU A 64 1.33 9.52 -2.01
C LEU A 64 0.01 8.98 -2.57
N ALA A 65 0.13 8.23 -3.67
CA ALA A 65 -1.04 7.66 -4.30
C ALA A 65 -0.59 6.68 -5.39
N TYR A 66 -1.36 5.62 -5.55
CA TYR A 66 -1.06 4.61 -6.55
C TYR A 66 -2.32 3.88 -6.99
N THR A 67 -2.32 3.46 -8.25
CA THR A 67 -3.45 2.75 -8.81
C THR A 67 -3.11 1.28 -9.05
N VAL A 68 -3.50 0.45 -8.08
CA VAL A 68 -3.23 -0.97 -8.17
C VAL A 68 -3.93 -1.54 -9.41
N LYS A 69 -3.32 -2.58 -9.96
CA LYS A 69 -3.87 -3.23 -11.14
C LYS A 69 -3.65 -4.74 -11.04
N ASN A 70 -3.99 -5.43 -12.13
CA ASN A 70 -3.83 -6.87 -12.18
C ASN A 70 -4.49 -7.49 -10.95
N LEU A 71 -5.78 -7.26 -10.83
CA LEU A 71 -6.54 -7.79 -9.71
C LEU A 71 -7.68 -8.67 -10.23
N ARG A 72 -8.61 -8.96 -9.34
CA ARG A 72 -9.75 -9.78 -9.70
C ARG A 72 -11.06 -9.10 -9.28
N ARG A 73 -12.14 -9.48 -9.94
CA ARG A 73 -13.44 -8.91 -9.64
C ARG A 73 -13.99 -9.51 -8.35
N SER A 74 -14.59 -8.63 -7.54
CA SER A 74 -15.16 -9.06 -6.27
C SER A 74 -14.20 -10.01 -5.56
N THR A 75 -13.17 -9.44 -4.97
CA THR A 75 -12.18 -10.23 -4.25
C THR A 75 -11.58 -9.42 -3.11
N LYS A 76 -11.39 -10.10 -1.98
CA LYS A 76 -10.82 -9.45 -0.81
C LYS A 76 -9.31 -9.31 -0.99
N TYR A 77 -8.78 -8.21 -0.47
CA TYR A 77 -7.36 -7.95 -0.56
C TYR A 77 -6.90 -7.06 0.59
N LYS A 78 -5.65 -7.29 1.01
CA LYS A 78 -5.07 -6.52 2.10
C LYS A 78 -4.06 -5.53 1.54
N PHE A 79 -3.73 -4.54 2.35
CA PHE A 79 -2.78 -3.52 1.95
C PHE A 79 -2.25 -2.75 3.16
N LYS A 80 -0.94 -2.54 3.16
CA LYS A 80 -0.30 -1.81 4.24
C LYS A 80 0.79 -0.90 3.68
N VAL A 81 0.69 0.37 4.03
CA VAL A 81 1.66 1.35 3.57
C VAL A 81 2.94 1.24 4.41
N ILE A 82 4.06 1.15 3.73
CA ILE A 82 5.34 1.05 4.40
C ILE A 82 6.24 2.19 3.94
N ALA A 83 6.59 3.04 4.90
CA ALA A 83 7.45 4.18 4.61
C ALA A 83 8.90 3.81 4.93
N TYR A 84 9.71 3.78 3.88
CA TYR A 84 11.11 3.45 4.03
C TYR A 84 12.01 4.62 3.61
N ASN A 85 13.26 4.56 4.05
CA ASN A 85 14.21 5.61 3.74
C ASN A 85 15.42 4.99 3.04
N SER A 86 16.03 5.78 2.17
CA SER A 86 17.20 5.32 1.43
C SER A 86 18.17 4.62 2.37
N GLU A 87 18.09 5.00 3.64
CA GLU A 87 18.95 4.42 4.65
C GLU A 87 18.48 3.01 5.00
N GLY A 88 17.19 2.90 5.24
CA GLY A 88 16.59 1.61 5.59
C GLY A 88 15.06 1.68 5.53
N LYS A 89 14.44 0.70 6.17
CA LYS A 89 12.98 0.64 6.20
C LYS A 89 12.49 1.02 7.59
N SER A 90 11.18 0.95 7.77
CA SER A 90 10.57 1.29 9.04
C SER A 90 9.41 0.33 9.33
N ASN A 91 8.63 0.70 10.34
CA ASN A 91 7.49 -0.12 10.74
C ASN A 91 6.32 0.15 9.78
N PRO A 92 5.56 -0.93 9.48
CA PRO A 92 4.42 -0.82 8.59
C PRO A 92 3.25 -0.14 9.29
N SER A 93 2.29 0.31 8.49
CA SER A 93 1.11 0.96 9.01
C SER A 93 -0.04 -0.04 9.17
N GLU A 94 -1.07 0.39 9.87
CA GLU A 94 -2.23 -0.47 10.09
C GLU A 94 -2.69 -1.09 8.77
N VAL A 95 -2.69 -2.41 8.75
CA VAL A 95 -3.10 -3.13 7.56
C VAL A 95 -4.61 -2.95 7.35
N VAL A 96 -4.95 -2.38 6.21
CA VAL A 96 -6.34 -2.13 5.87
C VAL A 96 -6.81 -3.20 4.88
N GLU A 97 -8.12 -3.22 4.67
CA GLU A 97 -8.72 -4.18 3.76
C GLU A 97 -9.70 -3.49 2.82
N PHE A 98 -9.77 -3.99 1.60
CA PHE A 98 -10.66 -3.43 0.60
C PHE A 98 -11.17 -4.52 -0.35
N THR A 99 -12.14 -4.14 -1.16
CA THR A 99 -12.73 -5.06 -2.12
C THR A 99 -12.97 -4.36 -3.46
N THR A 100 -12.83 -5.14 -4.52
CA THR A 100 -13.03 -4.60 -5.86
C THR A 100 -14.53 -4.49 -6.17
N CYS A 101 -14.82 -4.10 -7.41
CA CYS A 101 -16.20 -3.95 -7.84
C CYS A 101 -16.56 -5.16 -8.70
N PRO A 102 -17.90 -5.30 -8.96
CA PRO A 102 -18.39 -6.41 -9.75
C PRO A 102 -18.09 -6.20 -11.24
N ASP A 103 -17.66 -7.27 -11.88
CA ASP A 103 -17.33 -7.21 -13.29
C ASP A 103 -18.61 -6.94 -14.10
N SER A 104 -18.58 -5.83 -14.82
CA SER A 104 -19.73 -5.43 -15.63
C SER A 104 -19.36 -4.22 -16.49
N GLY A 105 -19.79 -4.29 -17.75
CA GLY A 105 -19.53 -3.21 -18.68
C GLY A 105 -20.51 -2.06 -18.49
N PRO A 106 -20.18 -0.90 -19.12
CA PRO A 106 -21.02 0.28 -19.02
C PRO A 106 -22.27 0.13 -19.90
N SER A 107 -23.40 -0.08 -19.25
CA SER A 107 -24.66 -0.24 -19.95
C SER A 107 -24.62 -1.52 -20.80
N SER A 108 -25.26 -2.56 -20.27
CA SER A 108 -25.31 -3.83 -20.96
C SER A 108 -23.90 -4.27 -21.38
N GLY A 109 -23.26 -5.02 -20.49
CA GLY A 109 -21.91 -5.49 -20.76
C GLY A 109 -21.53 -6.60 -19.77
N GLY A 1 30.01 2.93 20.92
CA GLY A 1 28.72 2.55 20.37
C GLY A 1 28.11 3.70 19.55
N SER A 2 26.82 3.56 19.28
CA SER A 2 26.12 4.57 18.51
C SER A 2 24.61 4.31 18.57
N SER A 3 23.97 4.99 19.51
CA SER A 3 22.54 4.85 19.69
C SER A 3 21.80 5.90 18.85
N GLY A 4 20.88 5.41 18.04
CA GLY A 4 20.09 6.29 17.18
C GLY A 4 19.97 5.71 15.78
N SER A 5 18.74 5.61 15.31
CA SER A 5 18.47 5.08 13.99
C SER A 5 17.60 6.06 13.20
N SER A 6 17.89 6.16 11.91
CA SER A 6 17.14 7.04 11.03
C SER A 6 16.00 6.28 10.35
N GLY A 7 14.99 7.03 9.94
CA GLY A 7 13.84 6.44 9.27
C GLY A 7 12.55 7.14 9.70
N PRO A 8 11.53 7.07 8.79
CA PRO A 8 10.25 7.69 9.06
C PRO A 8 9.44 6.89 10.08
N SER A 9 8.49 7.56 10.70
CA SER A 9 7.66 6.92 11.70
C SER A 9 6.54 6.13 11.01
N MET A 10 5.62 5.62 11.83
CA MET A 10 4.51 4.85 11.33
C MET A 10 3.57 5.72 10.49
N PRO A 11 3.48 5.38 9.18
CA PRO A 11 2.62 6.13 8.26
C PRO A 11 1.15 5.79 8.50
N ALA A 12 0.29 6.61 7.92
CA ALA A 12 -1.15 6.41 8.06
C ALA A 12 -1.61 5.37 7.02
N SER A 13 -2.47 4.48 7.48
CA SER A 13 -2.99 3.43 6.61
C SER A 13 -3.44 4.04 5.28
N PRO A 14 -3.25 3.24 4.20
CA PRO A 14 -3.64 3.69 2.86
C PRO A 14 -5.15 3.64 2.68
N VAL A 15 -5.72 4.77 2.28
CA VAL A 15 -7.15 4.86 2.07
C VAL A 15 -7.49 4.29 0.70
N LEU A 16 -8.76 4.42 0.34
CA LEU A 16 -9.23 3.91 -0.94
C LEU A 16 -10.18 4.94 -1.56
N THR A 17 -9.62 5.81 -2.39
CA THR A 17 -10.41 6.83 -3.05
C THR A 17 -11.51 6.19 -3.88
N LYS A 18 -11.11 5.26 -4.73
CA LYS A 18 -12.06 4.57 -5.58
C LYS A 18 -11.70 3.08 -5.64
N ALA A 19 -12.71 2.27 -5.91
CA ALA A 19 -12.52 0.83 -6.00
C ALA A 19 -12.94 0.34 -7.39
N GLY A 20 -11.96 -0.24 -8.08
CA GLY A 20 -12.21 -0.75 -9.42
C GLY A 20 -12.46 -2.26 -9.39
N ILE A 21 -12.82 -2.79 -10.55
CA ILE A 21 -13.08 -4.22 -10.67
C ILE A 21 -11.76 -4.97 -10.80
N THR A 22 -10.80 -4.31 -11.45
CA THR A 22 -9.49 -4.91 -11.65
C THR A 22 -8.40 -3.91 -11.27
N TRP A 23 -8.76 -2.97 -10.42
CA TRP A 23 -7.82 -1.95 -9.97
C TRP A 23 -8.34 -1.38 -8.65
N LEU A 24 -7.40 -0.85 -7.87
CA LEU A 24 -7.75 -0.27 -6.58
C LEU A 24 -6.93 1.00 -6.36
N SER A 25 -7.64 2.12 -6.29
CA SER A 25 -6.98 3.40 -6.08
C SER A 25 -6.83 3.68 -4.59
N LEU A 26 -5.61 3.52 -4.11
CA LEU A 26 -5.32 3.74 -2.71
C LEU A 26 -4.70 5.13 -2.53
N GLN A 27 -4.69 5.58 -1.29
CA GLN A 27 -4.13 6.90 -0.98
C GLN A 27 -3.55 6.90 0.43
N TRP A 28 -2.25 7.13 0.51
CA TRP A 28 -1.57 7.16 1.78
C TRP A 28 -0.88 8.53 1.92
N SER A 29 -0.50 8.84 3.15
CA SER A 29 0.15 10.11 3.43
C SER A 29 1.46 9.86 4.19
N LYS A 30 2.19 10.94 4.41
CA LYS A 30 3.45 10.85 5.13
C LYS A 30 3.17 10.69 6.62
N PRO A 31 4.21 10.21 7.36
CA PRO A 31 4.09 10.01 8.79
C PRO A 31 4.14 11.33 9.54
N SER A 32 4.23 11.24 10.86
CA SER A 32 4.28 12.43 11.70
C SER A 32 5.70 12.64 12.21
N GLY A 33 6.15 13.88 12.07
CA GLY A 33 7.50 14.23 12.52
C GLY A 33 8.55 13.48 11.70
N THR A 34 8.66 13.85 10.44
CA THR A 34 9.63 13.21 9.56
C THR A 34 11.04 13.68 9.90
N PRO A 35 12.04 12.82 9.54
CA PRO A 35 13.43 13.13 9.80
C PRO A 35 13.95 14.19 8.82
N SER A 36 13.54 14.04 7.57
CA SER A 36 13.95 14.97 6.53
C SER A 36 12.74 15.71 5.98
N ASP A 37 13.02 16.76 5.23
CA ASP A 37 11.96 17.57 4.63
C ASP A 37 11.13 16.70 3.69
N GLU A 38 11.80 16.20 2.66
CA GLU A 38 11.14 15.36 1.68
C GLU A 38 12.11 14.30 1.15
N GLY A 39 11.60 13.46 0.26
CA GLY A 39 12.41 12.41 -0.33
C GLY A 39 12.06 11.04 0.27
N ILE A 40 10.87 10.98 0.86
CA ILE A 40 10.41 9.75 1.47
C ILE A 40 9.60 8.95 0.45
N SER A 41 9.76 7.64 0.51
CA SER A 41 9.05 6.75 -0.40
C SER A 41 8.25 5.73 0.40
N TYR A 42 7.13 5.32 -0.19
CA TYR A 42 6.27 4.34 0.45
C TYR A 42 6.08 3.11 -0.45
N ILE A 43 6.35 1.96 0.13
CA ILE A 43 6.22 0.70 -0.60
C ILE A 43 4.85 0.08 -0.27
N LEU A 44 4.00 0.04 -1.28
CA LEU A 44 2.67 -0.54 -1.12
C LEU A 44 2.77 -2.06 -1.12
N GLU A 45 2.50 -2.63 0.05
CA GLU A 45 2.56 -4.07 0.21
C GLU A 45 1.16 -4.68 0.08
N MET A 46 1.14 -5.99 -0.13
CA MET A 46 -0.12 -6.69 -0.28
C MET A 46 0.06 -8.20 -0.09
N GLU A 47 -0.95 -8.82 0.51
CA GLU A 47 -0.91 -10.25 0.76
C GLU A 47 -2.16 -10.93 0.21
N GLU A 48 -1.94 -11.97 -0.57
CA GLU A 48 -3.04 -12.70 -1.17
C GLU A 48 -2.52 -13.71 -2.20
N GLU A 49 -3.43 -14.50 -2.73
CA GLU A 49 -3.07 -15.50 -3.71
C GLU A 49 -2.03 -16.47 -3.15
N THR A 50 -1.94 -17.64 -3.77
CA THR A 50 -1.00 -18.65 -3.33
C THR A 50 -1.06 -18.82 -1.82
N SER A 51 -0.05 -19.50 -1.28
CA SER A 51 0.02 -19.73 0.14
C SER A 51 0.26 -18.41 0.89
N GLY A 52 -0.83 -17.83 1.36
CA GLY A 52 -0.76 -16.58 2.08
C GLY A 52 0.25 -16.66 3.22
N TYR A 53 1.48 -16.28 2.92
CA TYR A 53 2.55 -16.30 3.91
C TYR A 53 3.57 -15.19 3.65
N GLY A 54 3.29 -14.03 4.25
CA GLY A 54 4.18 -12.89 4.10
C GLY A 54 3.67 -11.96 2.99
N PHE A 55 3.93 -10.67 3.18
CA PHE A 55 3.52 -9.68 2.20
C PHE A 55 4.60 -9.47 1.14
N LYS A 56 4.16 -8.97 -0.01
CA LYS A 56 5.08 -8.71 -1.11
C LYS A 56 4.89 -7.27 -1.59
N PRO A 57 6.01 -6.71 -2.14
CA PRO A 57 5.98 -5.34 -2.63
C PRO A 57 5.24 -5.26 -3.97
N LYS A 58 4.65 -4.10 -4.21
CA LYS A 58 3.91 -3.88 -5.45
C LYS A 58 4.37 -2.58 -6.08
N TYR A 59 4.40 -1.53 -5.28
CA TYR A 59 4.82 -0.23 -5.76
C TYR A 59 6.07 0.25 -5.01
N ASP A 60 6.80 1.15 -5.66
CA ASP A 60 8.02 1.68 -5.07
C ASP A 60 8.30 3.06 -5.68
N GLY A 61 7.64 4.07 -5.14
CA GLY A 61 7.81 5.43 -5.62
C GLY A 61 7.64 6.44 -4.49
N GLU A 62 7.98 7.67 -4.78
CA GLU A 62 7.86 8.75 -3.80
C GLU A 62 6.55 9.51 -4.00
N ASP A 63 5.50 8.74 -4.26
CA ASP A 63 4.18 9.32 -4.47
C ASP A 63 3.26 8.93 -3.31
N LEU A 64 2.34 9.83 -3.00
CA LEU A 64 1.39 9.59 -1.92
C LEU A 64 0.06 9.09 -2.51
N ALA A 65 0.17 8.36 -3.61
CA ALA A 65 -1.00 7.82 -4.26
C ALA A 65 -0.56 6.86 -5.37
N TYR A 66 -1.30 5.76 -5.49
CA TYR A 66 -1.01 4.76 -6.49
C TYR A 66 -2.27 4.02 -6.92
N THR A 67 -2.22 3.45 -8.11
CA THR A 67 -3.35 2.71 -8.65
C THR A 67 -2.95 1.26 -8.93
N VAL A 68 -3.40 0.39 -8.04
CA VAL A 68 -3.10 -1.04 -8.17
C VAL A 68 -3.85 -1.59 -9.39
N LYS A 69 -3.20 -2.55 -10.05
CA LYS A 69 -3.80 -3.17 -11.22
C LYS A 69 -3.63 -4.69 -11.12
N ASN A 70 -4.22 -5.38 -12.08
CA ASN A 70 -4.14 -6.83 -12.12
C ASN A 70 -4.84 -7.41 -10.89
N LEU A 71 -6.14 -7.21 -10.83
CA LEU A 71 -6.93 -7.69 -9.72
C LEU A 71 -8.07 -8.57 -10.25
N ARG A 72 -8.91 -9.02 -9.33
CA ARG A 72 -10.03 -9.87 -9.69
C ARG A 72 -11.35 -9.20 -9.31
N ARG A 73 -12.37 -9.46 -10.11
CA ARG A 73 -13.69 -8.89 -9.87
C ARG A 73 -14.26 -9.44 -8.55
N SER A 74 -15.01 -8.58 -7.88
CA SER A 74 -15.64 -8.96 -6.62
C SER A 74 -14.65 -9.79 -5.79
N THR A 75 -13.67 -9.09 -5.23
CA THR A 75 -12.67 -9.74 -4.40
C THR A 75 -12.15 -8.78 -3.33
N LYS A 76 -11.50 -9.35 -2.33
CA LYS A 76 -10.96 -8.56 -1.24
C LYS A 76 -9.43 -8.72 -1.22
N TYR A 77 -8.77 -7.71 -0.67
CA TYR A 77 -7.32 -7.73 -0.57
C TYR A 77 -6.83 -6.87 0.59
N LYS A 78 -5.76 -7.32 1.21
CA LYS A 78 -5.19 -6.61 2.34
C LYS A 78 -3.97 -5.80 1.87
N PHE A 79 -3.97 -4.53 2.23
CA PHE A 79 -2.87 -3.65 1.84
C PHE A 79 -2.33 -2.89 3.05
N LYS A 80 -1.04 -2.60 3.00
CA LYS A 80 -0.40 -1.87 4.08
C LYS A 80 0.69 -0.97 3.50
N VAL A 81 0.71 0.27 3.98
CA VAL A 81 1.67 1.25 3.52
C VAL A 81 2.94 1.14 4.37
N ILE A 82 4.07 1.04 3.69
CA ILE A 82 5.35 0.93 4.38
C ILE A 82 6.24 2.11 3.97
N ALA A 83 6.57 2.93 4.96
CA ALA A 83 7.41 4.09 4.72
C ALA A 83 8.87 3.71 4.96
N TYR A 84 9.65 3.81 3.90
CA TYR A 84 11.06 3.48 3.97
C TYR A 84 11.92 4.62 3.41
N ASN A 85 13.21 4.57 3.75
CA ASN A 85 14.14 5.59 3.29
C ASN A 85 15.29 4.92 2.55
N SER A 86 16.03 5.73 1.81
CA SER A 86 17.17 5.23 1.05
C SER A 86 18.12 4.47 1.96
N GLU A 87 17.99 4.74 3.26
CA GLU A 87 18.83 4.08 4.25
C GLU A 87 18.28 2.70 4.58
N GLY A 88 16.99 2.65 4.82
CA GLY A 88 16.32 1.39 5.14
C GLY A 88 14.80 1.56 5.13
N LYS A 89 14.14 0.67 5.86
CA LYS A 89 12.69 0.70 5.95
C LYS A 89 12.27 0.62 7.42
N SER A 90 11.07 1.11 7.68
CA SER A 90 10.53 1.10 9.03
C SER A 90 9.44 0.04 9.15
N ASN A 91 8.70 0.12 10.24
CA ASN A 91 7.61 -0.82 10.50
C ASN A 91 6.42 -0.46 9.61
N PRO A 92 5.64 -1.51 9.25
CA PRO A 92 4.46 -1.32 8.41
C PRO A 92 3.31 -0.70 9.22
N SER A 93 2.38 -0.10 8.48
CA SER A 93 1.23 0.53 9.11
C SER A 93 0.08 -0.48 9.23
N GLU A 94 -0.98 -0.04 9.88
CA GLU A 94 -2.15 -0.89 10.07
C GLU A 94 -2.62 -1.45 8.72
N VAL A 95 -2.78 -2.76 8.69
CA VAL A 95 -3.22 -3.43 7.48
C VAL A 95 -4.70 -3.14 7.25
N VAL A 96 -4.98 -2.57 6.09
CA VAL A 96 -6.35 -2.23 5.73
C VAL A 96 -6.91 -3.29 4.77
N GLU A 97 -8.23 -3.31 4.66
CA GLU A 97 -8.89 -4.26 3.78
C GLU A 97 -9.93 -3.55 2.92
N PHE A 98 -10.02 -4.00 1.68
CA PHE A 98 -10.96 -3.42 0.74
C PHE A 98 -11.54 -4.48 -0.19
N THR A 99 -12.55 -4.09 -0.94
CA THR A 99 -13.19 -4.99 -1.89
C THR A 99 -13.35 -4.33 -3.25
N THR A 100 -13.26 -5.15 -4.29
CA THR A 100 -13.38 -4.65 -5.65
C THR A 100 -14.84 -4.76 -6.12
N CYS A 101 -15.07 -4.28 -7.34
CA CYS A 101 -16.41 -4.32 -7.91
C CYS A 101 -16.52 -5.55 -8.79
N PRO A 102 -17.78 -5.93 -9.10
CA PRO A 102 -18.03 -7.10 -9.93
C PRO A 102 -17.72 -6.80 -11.40
N ASP A 103 -17.54 -7.87 -12.17
CA ASP A 103 -17.24 -7.74 -13.58
C ASP A 103 -18.43 -8.23 -14.39
N SER A 104 -18.89 -7.37 -15.29
CA SER A 104 -20.01 -7.70 -16.14
C SER A 104 -19.71 -7.33 -17.59
N GLY A 105 -19.39 -6.06 -17.80
CA GLY A 105 -19.07 -5.58 -19.14
C GLY A 105 -19.22 -4.05 -19.22
N PRO A 106 -18.69 -3.48 -20.33
CA PRO A 106 -18.75 -2.05 -20.54
C PRO A 106 -20.16 -1.62 -20.96
N SER A 107 -20.86 -0.99 -20.01
CA SER A 107 -22.21 -0.53 -20.28
C SER A 107 -22.24 1.00 -20.33
N SER A 108 -21.81 1.61 -19.23
CA SER A 108 -21.77 3.05 -19.14
C SER A 108 -20.48 3.51 -18.46
N GLY A 109 -19.53 3.93 -19.29
CA GLY A 109 -18.25 4.39 -18.78
C GLY A 109 -18.08 5.89 -19.00
N GLY A 1 27.17 7.37 20.48
CA GLY A 1 25.95 6.59 20.56
C GLY A 1 25.74 5.78 19.27
N SER A 2 25.59 4.47 19.46
CA SER A 2 25.38 3.58 18.34
C SER A 2 24.27 4.11 17.44
N SER A 3 24.23 3.60 16.22
CA SER A 3 23.24 4.02 15.25
C SER A 3 22.59 2.80 14.61
N GLY A 4 21.33 2.57 14.97
CA GLY A 4 20.59 1.43 14.44
C GLY A 4 19.80 1.84 13.19
N SER A 5 18.62 1.25 13.07
CA SER A 5 17.76 1.54 11.93
C SER A 5 16.43 2.14 12.41
N SER A 6 16.33 3.46 12.30
CA SER A 6 15.13 4.15 12.72
C SER A 6 14.77 5.23 11.70
N GLY A 7 14.18 4.78 10.59
CA GLY A 7 13.79 5.70 9.53
C GLY A 7 12.64 6.60 9.99
N PRO A 8 11.64 6.78 9.08
CA PRO A 8 10.50 7.61 9.38
C PRO A 8 9.54 6.91 10.34
N SER A 9 8.68 7.69 10.95
CA SER A 9 7.70 7.16 11.89
C SER A 9 6.66 6.32 11.16
N MET A 10 5.68 5.86 11.90
CA MET A 10 4.61 5.05 11.33
C MET A 10 3.64 5.90 10.53
N PRO A 11 3.53 5.58 9.21
CA PRO A 11 2.65 6.31 8.32
C PRO A 11 1.18 5.93 8.58
N ALA A 12 0.30 6.72 8.00
CA ALA A 12 -1.14 6.49 8.16
C ALA A 12 -1.58 5.44 7.13
N SER A 13 -2.42 4.52 7.61
CA SER A 13 -2.93 3.46 6.75
C SER A 13 -3.38 4.04 5.41
N PRO A 14 -3.19 3.23 4.33
CA PRO A 14 -3.58 3.66 3.01
C PRO A 14 -5.09 3.60 2.82
N VAL A 15 -5.64 4.72 2.36
CA VAL A 15 -7.08 4.81 2.15
C VAL A 15 -7.42 4.23 0.77
N LEU A 16 -8.66 4.44 0.37
CA LEU A 16 -9.13 3.95 -0.91
C LEU A 16 -10.05 4.99 -1.55
N THR A 17 -9.47 5.80 -2.42
CA THR A 17 -10.22 6.84 -3.11
C THR A 17 -11.26 6.22 -4.03
N LYS A 18 -10.78 5.37 -4.92
CA LYS A 18 -11.65 4.70 -5.87
C LYS A 18 -11.34 3.20 -5.89
N ALA A 19 -12.39 2.40 -6.05
CA ALA A 19 -12.24 0.96 -6.09
C ALA A 19 -12.62 0.44 -7.47
N GLY A 20 -11.63 -0.10 -8.15
CA GLY A 20 -11.85 -0.64 -9.49
C GLY A 20 -12.10 -2.15 -9.44
N ILE A 21 -12.69 -2.65 -10.52
CA ILE A 21 -13.00 -4.06 -10.61
C ILE A 21 -11.69 -4.86 -10.70
N THR A 22 -10.71 -4.26 -11.36
CA THR A 22 -9.42 -4.89 -11.53
C THR A 22 -8.30 -3.92 -11.18
N TRP A 23 -8.66 -2.92 -10.38
CA TRP A 23 -7.69 -1.92 -9.97
C TRP A 23 -8.18 -1.30 -8.65
N LEU A 24 -7.24 -0.80 -7.87
CA LEU A 24 -7.56 -0.18 -6.61
C LEU A 24 -6.68 1.06 -6.40
N SER A 25 -7.36 2.19 -6.25
CA SER A 25 -6.65 3.46 -6.04
C SER A 25 -6.58 3.78 -4.55
N LEU A 26 -5.42 3.50 -3.97
CA LEU A 26 -5.21 3.76 -2.56
C LEU A 26 -4.59 5.16 -2.39
N GLN A 27 -4.69 5.66 -1.17
CA GLN A 27 -4.15 6.97 -0.86
C GLN A 27 -3.58 7.00 0.56
N TRP A 28 -2.26 7.13 0.64
CA TRP A 28 -1.58 7.16 1.91
C TRP A 28 -1.02 8.58 2.12
N SER A 29 -0.68 8.87 3.35
CA SER A 29 -0.13 10.17 3.70
C SER A 29 1.26 10.01 4.30
N LYS A 30 1.91 11.14 4.52
CA LYS A 30 3.25 11.15 5.10
C LYS A 30 3.14 11.16 6.63
N PRO A 31 4.28 10.84 7.28
CA PRO A 31 4.33 10.81 8.74
C PRO A 31 4.36 12.22 9.32
N SER A 32 3.19 12.63 9.82
CA SER A 32 3.07 13.96 10.41
C SER A 32 4.32 14.31 11.21
N GLY A 33 4.72 15.57 11.11
CA GLY A 33 5.90 16.03 11.82
C GLY A 33 7.17 15.42 11.23
N THR A 34 7.32 15.60 9.92
CA THR A 34 8.48 15.07 9.23
C THR A 34 9.76 15.65 9.82
N PRO A 35 10.90 14.93 9.56
CA PRO A 35 12.19 15.37 10.05
C PRO A 35 12.71 16.57 9.26
N SER A 36 12.86 16.34 7.95
CA SER A 36 13.35 17.39 7.08
C SER A 36 12.45 17.51 5.85
N ASP A 37 12.69 18.55 5.07
CA ASP A 37 11.91 18.79 3.88
C ASP A 37 12.39 17.88 2.76
N GLU A 38 12.32 16.57 3.02
CA GLU A 38 12.75 15.59 2.05
C GLU A 38 11.53 14.90 1.41
N GLY A 39 11.80 13.79 0.74
CA GLY A 39 10.74 13.05 0.08
C GLY A 39 10.79 11.57 0.47
N ILE A 40 9.99 11.23 1.47
CA ILE A 40 9.93 9.86 1.95
C ILE A 40 9.18 9.01 0.94
N SER A 41 9.56 7.74 0.87
CA SER A 41 8.94 6.81 -0.05
C SER A 41 8.00 5.88 0.72
N TYR A 42 7.09 5.26 -0.02
CA TYR A 42 6.13 4.34 0.58
C TYR A 42 5.90 3.13 -0.33
N ILE A 43 6.13 1.96 0.24
CA ILE A 43 5.95 0.72 -0.50
C ILE A 43 4.56 0.14 -0.20
N LEU A 44 3.80 -0.06 -1.25
CA LEU A 44 2.47 -0.61 -1.11
C LEU A 44 2.54 -2.14 -1.12
N GLU A 45 2.26 -2.72 0.05
CA GLU A 45 2.30 -4.15 0.19
C GLU A 45 0.89 -4.74 -0.01
N MET A 46 0.86 -6.04 -0.26
CA MET A 46 -0.40 -6.74 -0.48
C MET A 46 -0.24 -8.25 -0.32
N GLU A 47 -1.23 -8.86 0.31
CA GLU A 47 -1.20 -10.28 0.53
C GLU A 47 -2.63 -10.84 0.58
N GLU A 48 -2.79 -12.03 0.00
CA GLU A 48 -4.09 -12.67 -0.04
C GLU A 48 -4.00 -14.09 0.52
N GLU A 49 -4.74 -14.33 1.59
CA GLU A 49 -4.75 -15.63 2.23
C GLU A 49 -3.31 -16.15 2.39
N THR A 50 -3.22 -17.41 2.75
CA THR A 50 -1.92 -18.04 2.95
C THR A 50 -1.17 -18.15 1.62
N SER A 51 0.05 -18.66 1.71
CA SER A 51 0.88 -18.83 0.52
C SER A 51 2.24 -19.40 0.92
N GLY A 52 2.97 -18.61 1.70
CA GLY A 52 4.29 -19.02 2.15
C GLY A 52 5.37 -18.11 1.57
N TYR A 53 5.21 -16.82 1.81
CA TYR A 53 6.17 -15.85 1.32
C TYR A 53 6.09 -14.55 2.12
N GLY A 54 4.87 -14.04 2.26
CA GLY A 54 4.65 -12.81 3.01
C GLY A 54 4.26 -11.67 2.06
N PHE A 55 3.70 -10.62 2.65
CA PHE A 55 3.29 -9.46 1.88
C PHE A 55 4.36 -9.09 0.84
N LYS A 56 3.91 -9.00 -0.40
CA LYS A 56 4.80 -8.66 -1.50
C LYS A 56 4.62 -7.18 -1.85
N PRO A 57 5.73 -6.57 -2.35
CA PRO A 57 5.71 -5.16 -2.73
C PRO A 57 4.98 -4.97 -4.06
N LYS A 58 4.10 -3.99 -4.08
CA LYS A 58 3.32 -3.68 -5.27
C LYS A 58 3.91 -2.45 -5.95
N TYR A 59 3.88 -1.33 -5.23
CA TYR A 59 4.40 -0.09 -5.75
C TYR A 59 5.70 0.30 -5.05
N ASP A 60 6.54 1.03 -5.77
CA ASP A 60 7.82 1.47 -5.23
C ASP A 60 8.16 2.85 -5.80
N GLY A 61 7.62 3.87 -5.16
CA GLY A 61 7.86 5.24 -5.59
C GLY A 61 7.79 6.21 -4.41
N GLU A 62 7.69 7.49 -4.74
CA GLU A 62 7.62 8.52 -3.73
C GLU A 62 6.35 9.36 -3.91
N ASP A 63 5.24 8.65 -4.11
CA ASP A 63 3.96 9.32 -4.30
C ASP A 63 3.02 8.95 -3.17
N LEU A 64 2.05 9.82 -2.92
CA LEU A 64 1.10 9.60 -1.86
C LEU A 64 -0.20 9.05 -2.46
N ALA A 65 -0.05 8.35 -3.58
CA ALA A 65 -1.19 7.77 -4.26
C ALA A 65 -0.69 6.84 -5.38
N TYR A 66 -1.46 5.79 -5.62
CA TYR A 66 -1.12 4.83 -6.65
C TYR A 66 -2.36 4.08 -7.14
N THR A 67 -2.24 3.53 -8.33
CA THR A 67 -3.34 2.78 -8.93
C THR A 67 -2.94 1.32 -9.13
N VAL A 68 -3.47 0.47 -8.27
CA VAL A 68 -3.18 -0.96 -8.36
C VAL A 68 -3.86 -1.54 -9.60
N LYS A 69 -3.22 -2.55 -10.17
CA LYS A 69 -3.75 -3.20 -11.35
C LYS A 69 -3.61 -4.72 -11.20
N ASN A 70 -4.20 -5.43 -12.14
CA ASN A 70 -4.15 -6.89 -12.13
C ASN A 70 -4.78 -7.40 -10.82
N LEU A 71 -6.10 -7.41 -10.80
CA LEU A 71 -6.82 -7.87 -9.62
C LEU A 71 -7.99 -8.76 -10.07
N ARG A 72 -8.77 -9.19 -9.09
CA ARG A 72 -9.91 -10.04 -9.35
C ARG A 72 -11.18 -9.40 -8.82
N ARG A 73 -12.27 -9.62 -9.55
CA ARG A 73 -13.56 -9.06 -9.17
C ARG A 73 -14.02 -9.67 -7.84
N SER A 74 -14.64 -8.83 -7.03
CA SER A 74 -15.13 -9.26 -5.74
C SER A 74 -14.10 -10.16 -5.05
N THR A 75 -13.07 -9.52 -4.50
CA THR A 75 -12.02 -10.25 -3.82
C THR A 75 -11.46 -9.42 -2.66
N LYS A 76 -11.42 -10.05 -1.50
CA LYS A 76 -10.91 -9.39 -0.31
C LYS A 76 -9.38 -9.32 -0.38
N TYR A 77 -8.87 -8.11 -0.25
CA TYR A 77 -7.43 -7.90 -0.30
C TYR A 77 -6.97 -7.00 0.85
N LYS A 78 -5.79 -7.30 1.36
CA LYS A 78 -5.23 -6.53 2.46
C LYS A 78 -4.02 -5.74 1.95
N PHE A 79 -3.95 -4.48 2.37
CA PHE A 79 -2.85 -3.62 1.97
C PHE A 79 -2.29 -2.85 3.17
N LYS A 80 -0.99 -2.61 3.12
CA LYS A 80 -0.32 -1.90 4.19
C LYS A 80 0.76 -0.99 3.61
N VAL A 81 0.76 0.25 4.04
CA VAL A 81 1.73 1.22 3.57
C VAL A 81 3.01 1.10 4.40
N ILE A 82 4.13 1.04 3.70
CA ILE A 82 5.42 0.93 4.35
C ILE A 82 6.31 2.10 3.92
N ALA A 83 6.61 2.96 4.88
CA ALA A 83 7.44 4.13 4.61
C ALA A 83 8.90 3.76 4.87
N TYR A 84 9.70 3.88 3.82
CA TYR A 84 11.12 3.56 3.92
C TYR A 84 11.98 4.72 3.40
N ASN A 85 13.23 4.70 3.80
CA ASN A 85 14.17 5.74 3.40
C ASN A 85 15.36 5.10 2.69
N SER A 86 15.98 5.89 1.80
CA SER A 86 17.13 5.41 1.07
C SER A 86 18.11 4.71 2.01
N GLU A 87 18.04 5.10 3.28
CA GLU A 87 18.90 4.52 4.29
C GLU A 87 18.39 3.15 4.70
N GLY A 88 17.09 3.08 4.97
CA GLY A 88 16.46 1.84 5.37
C GLY A 88 14.95 1.98 5.45
N LYS A 89 14.29 0.87 5.73
CA LYS A 89 12.84 0.87 5.84
C LYS A 89 12.43 0.82 7.32
N SER A 90 11.22 1.27 7.58
CA SER A 90 10.70 1.27 8.94
C SER A 90 9.63 0.20 9.10
N ASN A 91 8.87 0.32 10.19
CA ASN A 91 7.81 -0.63 10.46
C ASN A 91 6.61 -0.32 9.56
N PRO A 92 5.86 -1.40 9.24
CA PRO A 92 4.68 -1.27 8.39
C PRO A 92 3.51 -0.64 9.16
N SER A 93 2.56 -0.11 8.41
CA SER A 93 1.40 0.52 9.02
C SER A 93 0.26 -0.50 9.16
N GLU A 94 -0.83 -0.04 9.74
CA GLU A 94 -1.98 -0.90 9.95
C GLU A 94 -2.45 -1.48 8.62
N VAL A 95 -2.64 -2.80 8.63
CA VAL A 95 -3.10 -3.49 7.43
C VAL A 95 -4.59 -3.25 7.23
N VAL A 96 -4.91 -2.64 6.10
CA VAL A 96 -6.30 -2.34 5.77
C VAL A 96 -6.82 -3.37 4.77
N GLU A 97 -8.13 -3.36 4.58
CA GLU A 97 -8.75 -4.29 3.64
C GLU A 97 -9.75 -3.54 2.76
N PHE A 98 -9.96 -4.10 1.57
CA PHE A 98 -10.88 -3.50 0.62
C PHE A 98 -11.46 -4.55 -0.33
N THR A 99 -12.41 -4.12 -1.13
CA THR A 99 -13.05 -5.01 -2.09
C THR A 99 -13.26 -4.30 -3.43
N THR A 100 -13.24 -5.10 -4.49
CA THR A 100 -13.41 -4.56 -5.82
C THR A 100 -14.89 -4.63 -6.24
N CYS A 101 -15.17 -4.08 -7.40
CA CYS A 101 -16.53 -4.08 -7.92
C CYS A 101 -16.75 -5.36 -8.73
N PRO A 102 -18.04 -5.62 -9.05
CA PRO A 102 -18.39 -6.81 -9.81
C PRO A 102 -18.03 -6.65 -11.28
N ASP A 103 -18.14 -7.74 -12.01
CA ASP A 103 -17.82 -7.74 -13.43
C ASP A 103 -18.82 -8.63 -14.17
N SER A 104 -19.53 -8.01 -15.11
CA SER A 104 -20.52 -8.73 -15.88
C SER A 104 -19.85 -9.38 -17.10
N GLY A 105 -19.06 -10.40 -16.83
CA GLY A 105 -18.35 -11.11 -17.88
C GLY A 105 -16.99 -10.48 -18.15
N PRO A 106 -16.00 -11.36 -18.48
CA PRO A 106 -14.65 -10.90 -18.75
C PRO A 106 -14.57 -10.25 -20.13
N SER A 107 -13.41 -9.67 -20.42
CA SER A 107 -13.19 -9.02 -21.69
C SER A 107 -13.45 -9.99 -22.84
N SER A 108 -13.90 -9.45 -23.95
CA SER A 108 -14.18 -10.26 -25.13
C SER A 108 -13.72 -9.53 -26.39
N GLY A 109 -14.26 -8.34 -26.59
CA GLY A 109 -13.91 -7.53 -27.75
C GLY A 109 -15.15 -7.19 -28.57
N GLY A 1 21.42 -8.43 15.78
CA GLY A 1 22.26 -7.26 15.96
C GLY A 1 21.43 -6.06 16.42
N SER A 2 21.79 -5.55 17.60
CA SER A 2 21.10 -4.41 18.16
C SER A 2 22.04 -3.20 18.20
N SER A 3 21.66 -2.16 17.46
CA SER A 3 22.46 -0.96 17.41
C SER A 3 21.55 0.26 17.23
N GLY A 4 20.81 0.26 16.14
CA GLY A 4 19.89 1.35 15.84
C GLY A 4 19.07 1.05 14.59
N SER A 5 19.30 1.85 13.55
CA SER A 5 18.59 1.69 12.30
C SER A 5 17.10 1.97 12.51
N SER A 6 16.70 3.18 12.17
CA SER A 6 15.31 3.58 12.31
C SER A 6 15.01 4.76 11.38
N GLY A 7 14.13 4.50 10.42
CA GLY A 7 13.75 5.52 9.46
C GLY A 7 12.67 6.44 10.04
N PRO A 8 11.65 6.75 9.19
CA PRO A 8 10.56 7.61 9.61
C PRO A 8 9.60 6.87 10.55
N SER A 9 8.66 7.61 11.08
CA SER A 9 7.68 7.04 11.99
C SER A 9 6.67 6.21 11.21
N MET A 10 5.66 5.73 11.92
CA MET A 10 4.63 4.91 11.31
C MET A 10 3.63 5.78 10.55
N PRO A 11 3.53 5.49 9.21
CA PRO A 11 2.63 6.23 8.35
C PRO A 11 1.18 5.82 8.59
N ALA A 12 0.26 6.64 8.09
CA ALA A 12 -1.15 6.36 8.25
C ALA A 12 -1.57 5.32 7.21
N SER A 13 -2.38 4.37 7.67
CA SER A 13 -2.85 3.31 6.80
C SER A 13 -3.37 3.90 5.49
N PRO A 14 -3.18 3.12 4.38
CA PRO A 14 -3.62 3.56 3.07
C PRO A 14 -5.13 3.44 2.93
N VAL A 15 -5.73 4.49 2.36
CA VAL A 15 -7.17 4.50 2.16
C VAL A 15 -7.49 3.92 0.78
N LEU A 16 -8.75 4.08 0.40
CA LEU A 16 -9.21 3.58 -0.89
C LEU A 16 -10.12 4.61 -1.54
N THR A 17 -9.50 5.52 -2.27
CA THR A 17 -10.25 6.56 -2.95
C THR A 17 -11.31 5.95 -3.88
N LYS A 18 -10.83 5.19 -4.84
CA LYS A 18 -11.71 4.54 -5.79
C LYS A 18 -11.35 3.05 -5.90
N ALA A 19 -12.36 2.21 -5.81
CA ALA A 19 -12.16 0.78 -5.90
C ALA A 19 -12.74 0.26 -7.21
N GLY A 20 -11.88 -0.30 -8.04
CA GLY A 20 -12.31 -0.82 -9.32
C GLY A 20 -12.52 -2.34 -9.25
N ILE A 21 -12.61 -2.95 -10.42
CA ILE A 21 -12.81 -4.40 -10.50
C ILE A 21 -11.44 -5.09 -10.55
N THR A 22 -10.58 -4.57 -11.42
CA THR A 22 -9.26 -5.14 -11.58
C THR A 22 -8.19 -4.09 -11.26
N TRP A 23 -8.55 -3.18 -10.34
CA TRP A 23 -7.64 -2.13 -9.95
C TRP A 23 -8.14 -1.54 -8.63
N LEU A 24 -7.23 -0.90 -7.91
CA LEU A 24 -7.57 -0.29 -6.64
C LEU A 24 -6.73 0.97 -6.44
N SER A 25 -7.41 2.08 -6.22
CA SER A 25 -6.74 3.34 -6.02
C SER A 25 -6.69 3.68 -4.52
N LEU A 26 -5.53 3.44 -3.94
CA LEU A 26 -5.33 3.70 -2.52
C LEU A 26 -4.72 5.10 -2.34
N GLN A 27 -4.76 5.57 -1.11
CA GLN A 27 -4.21 6.88 -0.80
C GLN A 27 -3.62 6.87 0.62
N TRP A 28 -2.36 7.27 0.70
CA TRP A 28 -1.67 7.33 1.98
C TRP A 28 -0.97 8.68 2.08
N SER A 29 -0.55 9.00 3.29
CA SER A 29 0.14 10.27 3.54
C SER A 29 1.39 10.03 4.39
N LYS A 30 2.28 11.00 4.36
CA LYS A 30 3.52 10.90 5.11
C LYS A 30 3.19 10.53 6.57
N PRO A 31 4.25 10.08 7.29
CA PRO A 31 4.10 9.70 8.69
C PRO A 31 3.97 10.93 9.58
N SER A 32 4.00 10.69 10.88
CA SER A 32 3.88 11.76 11.85
C SER A 32 5.27 12.17 12.34
N GLY A 33 5.69 13.36 11.94
CA GLY A 33 6.99 13.87 12.34
C GLY A 33 8.11 13.23 11.51
N THR A 34 8.38 13.84 10.36
CA THR A 34 9.42 13.33 9.48
C THR A 34 10.79 13.50 10.12
N PRO A 35 11.75 12.67 9.64
CA PRO A 35 13.11 12.71 10.16
C PRO A 35 13.86 13.94 9.63
N SER A 36 13.62 14.23 8.36
CA SER A 36 14.26 15.37 7.72
C SER A 36 13.22 16.44 7.38
N ASP A 37 12.42 16.13 6.37
CA ASP A 37 11.38 17.06 5.94
C ASP A 37 10.57 16.40 4.82
N GLU A 38 11.27 16.06 3.74
CA GLU A 38 10.63 15.44 2.60
C GLU A 38 11.63 14.53 1.87
N GLY A 39 11.10 13.77 0.91
CA GLY A 39 11.92 12.86 0.14
C GLY A 39 11.77 11.42 0.62
N ILE A 40 10.67 11.19 1.34
CA ILE A 40 10.39 9.87 1.86
C ILE A 40 9.55 9.08 0.84
N SER A 41 9.82 7.78 0.79
CA SER A 41 9.10 6.92 -0.14
C SER A 41 8.31 5.86 0.65
N TYR A 42 7.30 5.32 -0.03
CA TYR A 42 6.46 4.30 0.59
C TYR A 42 6.20 3.15 -0.38
N ILE A 43 6.17 1.95 0.18
CA ILE A 43 5.92 0.76 -0.62
C ILE A 43 4.53 0.22 -0.31
N LEU A 44 3.76 0.01 -1.37
CA LEU A 44 2.41 -0.49 -1.22
C LEU A 44 2.44 -2.02 -1.23
N GLU A 45 2.19 -2.59 -0.05
CA GLU A 45 2.18 -4.03 0.10
C GLU A 45 0.76 -4.57 0.09
N MET A 46 0.61 -5.79 -0.40
CA MET A 46 -0.69 -6.42 -0.48
C MET A 46 -0.56 -7.95 -0.50
N GLU A 47 -1.45 -8.60 0.23
CA GLU A 47 -1.44 -10.06 0.31
C GLU A 47 -2.83 -10.60 -0.04
N GLU A 48 -2.83 -11.80 -0.59
CA GLU A 48 -4.07 -12.45 -0.98
C GLU A 48 -5.08 -12.39 0.19
N GLU A 49 -4.63 -12.90 1.33
CA GLU A 49 -5.48 -12.91 2.52
C GLU A 49 -4.62 -12.78 3.78
N THR A 50 -5.31 -12.75 4.91
CA THR A 50 -4.62 -12.63 6.19
C THR A 50 -3.35 -13.49 6.21
N SER A 51 -2.27 -12.90 6.66
CA SER A 51 -0.99 -13.60 6.73
C SER A 51 0.07 -12.69 7.32
N GLY A 52 0.49 -11.71 6.52
CA GLY A 52 1.50 -10.77 6.95
C GLY A 52 2.91 -11.32 6.70
N TYR A 53 3.08 -11.91 5.53
CA TYR A 53 4.36 -12.48 5.14
C TYR A 53 4.48 -12.60 3.63
N GLY A 54 3.42 -13.10 3.02
CA GLY A 54 3.39 -13.29 1.58
C GLY A 54 3.19 -11.95 0.86
N PHE A 55 3.09 -10.89 1.67
CA PHE A 55 2.89 -9.55 1.13
C PHE A 55 3.97 -9.23 0.09
N LYS A 56 3.51 -8.89 -1.11
CA LYS A 56 4.41 -8.55 -2.19
C LYS A 56 4.30 -7.05 -2.48
N PRO A 57 5.46 -6.47 -2.91
CA PRO A 57 5.50 -5.05 -3.23
C PRO A 57 4.82 -4.76 -4.57
N LYS A 58 3.97 -3.74 -4.55
CA LYS A 58 3.25 -3.37 -5.75
C LYS A 58 3.79 -2.03 -6.27
N TYR A 59 3.81 -1.05 -5.37
CA TYR A 59 4.29 0.28 -5.71
C TYR A 59 5.59 0.59 -4.98
N ASP A 60 6.38 1.47 -5.58
CA ASP A 60 7.65 1.87 -4.98
C ASP A 60 8.09 3.20 -5.58
N GLY A 61 7.53 4.27 -5.03
CA GLY A 61 7.85 5.61 -5.49
C GLY A 61 7.76 6.62 -4.35
N GLU A 62 7.86 7.89 -4.72
CA GLU A 62 7.79 8.96 -3.73
C GLU A 62 6.36 9.49 -3.64
N ASP A 63 5.53 9.05 -4.57
CA ASP A 63 4.14 9.47 -4.60
C ASP A 63 3.39 8.82 -3.43
N LEU A 64 2.27 9.45 -3.08
CA LEU A 64 1.46 8.95 -1.98
C LEU A 64 0.13 8.44 -2.54
N ALA A 65 0.14 8.10 -3.82
CA ALA A 65 -1.05 7.61 -4.48
C ALA A 65 -0.65 6.69 -5.64
N TYR A 66 -1.34 5.57 -5.73
CA TYR A 66 -1.06 4.61 -6.79
C TYR A 66 -2.33 3.84 -7.18
N THR A 67 -2.29 3.29 -8.38
CA THR A 67 -3.43 2.54 -8.89
C THR A 67 -3.02 1.10 -9.20
N VAL A 68 -3.35 0.21 -8.28
CA VAL A 68 -3.02 -1.20 -8.43
C VAL A 68 -3.75 -1.75 -9.66
N LYS A 69 -3.13 -2.72 -10.30
CA LYS A 69 -3.70 -3.34 -11.47
C LYS A 69 -3.53 -4.86 -11.39
N ASN A 70 -4.22 -5.55 -12.28
CA ASN A 70 -4.15 -7.02 -12.31
C ASN A 70 -4.68 -7.57 -11.00
N LEU A 71 -5.99 -7.47 -10.84
CA LEU A 71 -6.64 -7.97 -9.64
C LEU A 71 -7.80 -8.89 -10.02
N ARG A 72 -8.63 -9.18 -9.03
CA ARG A 72 -9.78 -10.06 -9.26
C ARG A 72 -11.08 -9.33 -8.89
N ARG A 73 -12.14 -9.69 -9.59
CA ARG A 73 -13.44 -9.10 -9.35
C ARG A 73 -14.08 -9.69 -8.11
N SER A 74 -14.94 -8.90 -7.48
CA SER A 74 -15.63 -9.35 -6.28
C SER A 74 -14.67 -10.11 -5.38
N THR A 75 -13.63 -9.41 -4.94
CA THR A 75 -12.63 -10.01 -4.07
C THR A 75 -12.16 -8.99 -3.02
N LYS A 76 -11.41 -9.50 -2.05
CA LYS A 76 -10.90 -8.66 -0.99
C LYS A 76 -9.38 -8.81 -0.91
N TYR A 77 -8.74 -7.74 -0.45
CA TYR A 77 -7.28 -7.75 -0.33
C TYR A 77 -6.83 -6.78 0.76
N LYS A 78 -5.79 -7.18 1.47
CA LYS A 78 -5.25 -6.36 2.54
C LYS A 78 -4.08 -5.53 2.01
N PHE A 79 -3.92 -4.35 2.57
CA PHE A 79 -2.84 -3.46 2.16
C PHE A 79 -2.24 -2.73 3.36
N LYS A 80 -0.94 -2.51 3.29
CA LYS A 80 -0.24 -1.82 4.36
C LYS A 80 0.85 -0.93 3.77
N VAL A 81 0.81 0.34 4.13
CA VAL A 81 1.78 1.30 3.63
C VAL A 81 3.04 1.24 4.50
N ILE A 82 4.16 1.05 3.84
CA ILE A 82 5.44 0.97 4.54
C ILE A 82 6.34 2.11 4.08
N ALA A 83 6.69 2.97 5.03
CA ALA A 83 7.55 4.11 4.73
C ALA A 83 9.01 3.74 5.06
N TYR A 84 9.83 3.78 4.03
CA TYR A 84 11.24 3.46 4.20
C TYR A 84 12.13 4.57 3.64
N ASN A 85 13.38 4.55 4.07
CA ASN A 85 14.34 5.56 3.62
C ASN A 85 15.54 4.86 2.97
N SER A 86 16.17 5.56 2.05
CA SER A 86 17.33 5.02 1.35
C SER A 86 18.32 4.46 2.37
N GLU A 87 18.23 4.95 3.58
CA GLU A 87 19.11 4.51 4.65
C GLU A 87 18.64 3.16 5.21
N GLY A 88 17.34 3.09 5.47
CA GLY A 88 16.75 1.88 6.01
C GLY A 88 15.23 1.90 5.86
N LYS A 89 14.58 0.99 6.60
CA LYS A 89 13.13 0.90 6.56
C LYS A 89 12.56 1.23 7.95
N SER A 90 11.28 0.99 8.09
CA SER A 90 10.61 1.26 9.36
C SER A 90 9.48 0.24 9.58
N ASN A 91 8.65 0.55 10.56
CA ASN A 91 7.54 -0.33 10.89
C ASN A 91 6.37 -0.05 9.94
N PRO A 92 5.62 -1.13 9.61
CA PRO A 92 4.48 -1.01 8.71
C PRO A 92 3.30 -0.36 9.41
N SER A 93 2.34 0.10 8.62
CA SER A 93 1.16 0.74 9.14
C SER A 93 0.02 -0.27 9.26
N GLU A 94 -0.99 0.11 10.03
CA GLU A 94 -2.14 -0.76 10.22
C GLU A 94 -2.63 -1.30 8.88
N VAL A 95 -2.73 -2.62 8.81
CA VAL A 95 -3.19 -3.28 7.61
C VAL A 95 -4.67 -2.99 7.40
N VAL A 96 -4.98 -2.45 6.22
CA VAL A 96 -6.35 -2.13 5.89
C VAL A 96 -6.91 -3.19 4.95
N GLU A 97 -8.24 -3.20 4.84
CA GLU A 97 -8.90 -4.16 3.98
C GLU A 97 -9.82 -3.44 2.99
N PHE A 98 -9.89 -3.99 1.78
CA PHE A 98 -10.72 -3.41 0.75
C PHE A 98 -11.30 -4.49 -0.17
N THR A 99 -12.30 -4.10 -0.95
CA THR A 99 -12.94 -5.03 -1.86
C THR A 99 -13.04 -4.41 -3.26
N THR A 100 -13.12 -5.29 -4.25
CA THR A 100 -13.24 -4.84 -5.64
C THR A 100 -14.70 -4.84 -6.07
N CYS A 101 -14.91 -4.41 -7.31
CA CYS A 101 -16.25 -4.35 -7.87
C CYS A 101 -16.45 -5.56 -8.78
N PRO A 102 -17.73 -5.82 -9.13
CA PRO A 102 -18.07 -6.94 -9.98
C PRO A 102 -17.69 -6.65 -11.44
N ASP A 103 -17.07 -7.63 -12.07
CA ASP A 103 -16.66 -7.50 -13.46
C ASP A 103 -17.88 -7.62 -14.36
N SER A 104 -18.57 -8.74 -14.23
CA SER A 104 -19.75 -9.00 -15.03
C SER A 104 -20.99 -8.44 -14.31
N GLY A 105 -21.18 -8.90 -13.08
CA GLY A 105 -22.31 -8.47 -12.28
C GLY A 105 -23.61 -9.12 -12.78
N PRO A 106 -24.70 -8.86 -12.00
CA PRO A 106 -26.00 -9.42 -12.35
C PRO A 106 -26.62 -8.68 -13.54
N SER A 107 -26.00 -8.87 -14.70
CA SER A 107 -26.48 -8.23 -15.91
C SER A 107 -26.70 -6.74 -15.66
N SER A 108 -25.62 -5.99 -15.74
CA SER A 108 -25.68 -4.55 -15.52
C SER A 108 -26.53 -3.89 -16.61
N GLY A 109 -27.24 -2.84 -16.22
CA GLY A 109 -28.09 -2.13 -17.15
C GLY A 109 -29.56 -2.22 -16.73
N GLY A 1 21.95 -6.69 12.48
CA GLY A 1 21.63 -6.01 13.72
C GLY A 1 22.50 -4.78 13.91
N SER A 2 22.23 -3.77 13.10
CA SER A 2 22.98 -2.52 13.16
C SER A 2 22.33 -1.48 12.25
N SER A 3 22.11 -0.30 12.83
CA SER A 3 21.51 0.79 12.09
C SER A 3 21.47 2.06 12.96
N GLY A 4 20.88 1.90 14.13
CA GLY A 4 20.77 3.01 15.06
C GLY A 4 19.39 3.69 14.96
N SER A 5 19.28 4.54 13.95
CA SER A 5 18.04 5.26 13.72
C SER A 5 18.01 5.82 12.30
N SER A 6 17.17 5.22 11.47
CA SER A 6 17.05 5.65 10.09
C SER A 6 15.72 5.17 9.51
N GLY A 7 14.87 6.12 9.16
CA GLY A 7 13.58 5.81 8.59
C GLY A 7 12.48 6.67 9.22
N PRO A 8 11.39 6.88 8.43
CA PRO A 8 10.27 7.67 8.89
C PRO A 8 9.43 6.91 9.91
N SER A 9 8.65 7.66 10.68
CA SER A 9 7.80 7.05 11.69
C SER A 9 6.69 6.25 11.03
N MET A 10 5.77 5.77 11.85
CA MET A 10 4.65 4.98 11.36
C MET A 10 3.68 5.85 10.57
N PRO A 11 3.54 5.53 9.26
CA PRO A 11 2.64 6.27 8.39
C PRO A 11 1.18 5.91 8.67
N ALA A 12 0.29 6.60 7.97
CA ALA A 12 -1.13 6.36 8.14
C ALA A 12 -1.60 5.33 7.11
N SER A 13 -2.48 4.45 7.55
CA SER A 13 -3.01 3.42 6.68
C SER A 13 -3.42 4.02 5.34
N PRO A 14 -3.26 3.19 4.27
CA PRO A 14 -3.61 3.63 2.93
C PRO A 14 -5.12 3.66 2.73
N VAL A 15 -5.61 4.80 2.27
CA VAL A 15 -7.03 4.97 2.04
C VAL A 15 -7.40 4.36 0.68
N LEU A 16 -8.66 4.52 0.32
CA LEU A 16 -9.15 3.99 -0.94
C LEU A 16 -10.11 5.00 -1.57
N THR A 17 -9.57 5.82 -2.46
CA THR A 17 -10.37 6.82 -3.14
C THR A 17 -11.39 6.16 -4.07
N LYS A 18 -10.88 5.35 -4.98
CA LYS A 18 -11.73 4.66 -5.93
C LYS A 18 -11.39 3.16 -5.91
N ALA A 19 -12.41 2.36 -6.14
CA ALA A 19 -12.23 0.91 -6.15
C ALA A 19 -12.58 0.36 -7.53
N GLY A 20 -11.57 -0.22 -8.17
CA GLY A 20 -11.77 -0.78 -9.50
C GLY A 20 -11.94 -2.29 -9.43
N ILE A 21 -12.39 -2.86 -10.55
CA ILE A 21 -12.61 -4.28 -10.63
C ILE A 21 -11.26 -5.01 -10.63
N THR A 22 -10.32 -4.44 -11.37
CA THR A 22 -8.99 -5.01 -11.47
C THR A 22 -7.93 -3.98 -11.09
N TRP A 23 -8.37 -2.98 -10.33
CA TRP A 23 -7.47 -1.92 -9.89
C TRP A 23 -8.04 -1.32 -8.61
N LEU A 24 -7.15 -0.74 -7.82
CA LEU A 24 -7.55 -0.14 -6.56
C LEU A 24 -6.70 1.11 -6.32
N SER A 25 -7.37 2.25 -6.32
CA SER A 25 -6.70 3.52 -6.12
C SER A 25 -6.63 3.84 -4.62
N LEU A 26 -5.47 3.63 -4.04
CA LEU A 26 -5.27 3.89 -2.63
C LEU A 26 -4.58 5.24 -2.45
N GLN A 27 -4.64 5.75 -1.23
CA GLN A 27 -4.03 7.02 -0.91
C GLN A 27 -3.54 7.03 0.54
N TRP A 28 -2.23 7.16 0.69
CA TRP A 28 -1.63 7.18 2.02
C TRP A 28 -0.98 8.56 2.20
N SER A 29 -0.68 8.85 3.46
CA SER A 29 -0.05 10.13 3.79
C SER A 29 1.24 9.89 4.58
N LYS A 30 2.05 10.94 4.65
CA LYS A 30 3.31 10.86 5.36
C LYS A 30 3.07 11.10 6.85
N PRO A 31 4.05 10.65 7.68
CA PRO A 31 3.96 10.82 9.12
C PRO A 31 4.24 12.27 9.52
N SER A 32 4.09 12.53 10.81
CA SER A 32 4.32 13.86 11.33
C SER A 32 5.82 14.16 11.33
N GLY A 33 6.48 13.80 12.43
CA GLY A 33 7.90 14.02 12.56
C GLY A 33 8.69 13.15 11.59
N THR A 34 8.85 13.66 10.38
CA THR A 34 9.57 12.93 9.35
C THR A 34 11.09 13.06 9.57
N PRO A 35 11.83 12.08 9.01
CA PRO A 35 13.29 12.07 9.14
C PRO A 35 13.92 13.12 8.23
N SER A 36 15.22 12.97 8.02
CA SER A 36 15.95 13.90 7.18
C SER A 36 15.75 13.54 5.70
N ASP A 37 16.27 14.40 4.83
CA ASP A 37 16.16 14.20 3.40
C ASP A 37 14.68 14.28 2.99
N GLU A 38 14.37 15.33 2.25
CA GLU A 38 13.00 15.55 1.79
C GLU A 38 12.60 14.44 0.81
N GLY A 39 11.29 14.32 0.62
CA GLY A 39 10.77 13.32 -0.29
C GLY A 39 10.88 11.92 0.33
N ILE A 40 9.72 11.36 0.66
CA ILE A 40 9.68 10.02 1.24
C ILE A 40 8.95 9.07 0.29
N SER A 41 9.40 7.84 0.28
CA SER A 41 8.81 6.82 -0.58
C SER A 41 8.12 5.76 0.28
N TYR A 42 7.00 5.27 -0.23
CA TYR A 42 6.24 4.24 0.46
C TYR A 42 6.01 3.03 -0.43
N ILE A 43 6.19 1.85 0.16
CA ILE A 43 6.00 0.61 -0.57
C ILE A 43 4.63 0.02 -0.20
N LEU A 44 3.75 0.00 -1.19
CA LEU A 44 2.42 -0.54 -0.98
C LEU A 44 2.45 -2.07 -1.12
N GLU A 45 2.12 -2.73 -0.03
CA GLU A 45 2.12 -4.19 -0.01
C GLU A 45 0.69 -4.71 -0.13
N MET A 46 0.60 -5.98 -0.50
CA MET A 46 -0.70 -6.62 -0.66
C MET A 46 -0.58 -8.14 -0.66
N GLU A 47 -1.30 -8.77 0.25
CA GLU A 47 -1.28 -10.22 0.36
C GLU A 47 -2.65 -10.80 0.04
N GLU A 48 -2.64 -11.77 -0.85
CA GLU A 48 -3.88 -12.43 -1.27
C GLU A 48 -4.65 -12.91 -0.04
N GLU A 49 -3.98 -13.72 0.76
CA GLU A 49 -4.59 -14.26 1.96
C GLU A 49 -3.52 -14.86 2.88
N THR A 50 -2.82 -15.85 2.36
CA THR A 50 -1.77 -16.51 3.11
C THR A 50 -1.11 -17.60 2.26
N SER A 51 0.18 -17.81 2.52
CA SER A 51 0.93 -18.81 1.80
C SER A 51 2.14 -19.25 2.62
N GLY A 52 2.93 -18.26 3.02
CA GLY A 52 4.12 -18.53 3.82
C GLY A 52 5.05 -17.32 3.84
N TYR A 53 5.56 -16.98 2.66
CA TYR A 53 6.46 -15.85 2.54
C TYR A 53 5.88 -14.61 3.22
N GLY A 54 4.61 -14.34 2.93
CA GLY A 54 3.94 -13.20 3.51
C GLY A 54 3.58 -12.17 2.44
N PHE A 55 3.49 -10.92 2.87
CA PHE A 55 3.16 -9.84 1.96
C PHE A 55 4.26 -9.66 0.91
N LYS A 56 3.87 -9.04 -0.21
CA LYS A 56 4.80 -8.80 -1.29
C LYS A 56 4.66 -7.36 -1.76
N PRO A 57 5.82 -6.78 -2.21
CA PRO A 57 5.84 -5.42 -2.69
C PRO A 57 5.20 -5.31 -4.08
N LYS A 58 4.50 -4.22 -4.29
CA LYS A 58 3.84 -3.99 -5.57
C LYS A 58 4.27 -2.62 -6.11
N TYR A 59 4.19 -1.62 -5.25
CA TYR A 59 4.56 -0.27 -5.62
C TYR A 59 5.85 0.17 -4.92
N ASP A 60 6.49 1.17 -5.51
CA ASP A 60 7.73 1.68 -4.96
C ASP A 60 8.07 3.02 -5.62
N GLY A 61 7.38 4.05 -5.19
CA GLY A 61 7.59 5.38 -5.73
C GLY A 61 7.49 6.45 -4.63
N GLU A 62 7.85 7.67 -5.01
CA GLU A 62 7.80 8.78 -4.07
C GLU A 62 6.49 9.54 -4.21
N ASP A 63 5.40 8.77 -4.26
CA ASP A 63 4.08 9.36 -4.40
C ASP A 63 3.21 8.92 -3.22
N LEU A 64 2.30 9.80 -2.83
CA LEU A 64 1.40 9.52 -1.73
C LEU A 64 0.08 8.98 -2.28
N ALA A 65 0.17 8.33 -3.42
CA ALA A 65 -1.00 7.76 -4.06
C ALA A 65 -0.56 6.84 -5.21
N TYR A 66 -1.27 5.73 -5.33
CA TYR A 66 -0.98 4.77 -6.39
C TYR A 66 -2.24 4.05 -6.84
N THR A 67 -2.20 3.59 -8.08
CA THR A 67 -3.34 2.88 -8.65
C THR A 67 -2.97 1.42 -8.90
N VAL A 68 -3.35 0.57 -7.95
CA VAL A 68 -3.07 -0.85 -8.06
C VAL A 68 -3.70 -1.40 -9.33
N LYS A 69 -3.04 -2.38 -9.92
CA LYS A 69 -3.53 -3.00 -11.14
C LYS A 69 -3.43 -4.52 -11.01
N ASN A 70 -3.87 -5.21 -12.06
CA ASN A 70 -3.83 -6.66 -12.08
C ASN A 70 -4.40 -7.19 -10.77
N LEU A 71 -5.73 -7.33 -10.75
CA LEU A 71 -6.40 -7.83 -9.56
C LEU A 71 -7.54 -8.77 -9.99
N ARG A 72 -8.43 -9.04 -9.05
CA ARG A 72 -9.56 -9.92 -9.32
C ARG A 72 -10.87 -9.20 -8.98
N ARG A 73 -11.92 -9.61 -9.68
CA ARG A 73 -13.23 -9.02 -9.46
C ARG A 73 -13.83 -9.52 -8.14
N SER A 74 -14.42 -8.59 -7.40
CA SER A 74 -15.03 -8.93 -6.13
C SER A 74 -14.15 -9.94 -5.37
N THR A 75 -13.11 -9.40 -4.75
CA THR A 75 -12.20 -10.23 -3.99
C THR A 75 -11.63 -9.45 -2.80
N LYS A 76 -11.46 -10.16 -1.69
CA LYS A 76 -10.93 -9.55 -0.49
C LYS A 76 -9.40 -9.50 -0.57
N TYR A 77 -8.87 -8.31 -0.33
CA TYR A 77 -7.44 -8.12 -0.38
C TYR A 77 -6.96 -7.23 0.78
N LYS A 78 -5.71 -7.44 1.17
CA LYS A 78 -5.13 -6.67 2.26
C LYS A 78 -4.06 -5.74 1.70
N PHE A 79 -3.87 -4.62 2.40
CA PHE A 79 -2.89 -3.64 1.98
C PHE A 79 -2.33 -2.88 3.19
N LYS A 80 -1.02 -2.69 3.17
CA LYS A 80 -0.35 -1.99 4.25
C LYS A 80 0.73 -1.06 3.67
N VAL A 81 0.63 0.21 4.05
CA VAL A 81 1.57 1.20 3.57
C VAL A 81 2.88 1.07 4.37
N ILE A 82 3.97 0.96 3.63
CA ILE A 82 5.29 0.84 4.25
C ILE A 82 6.18 2.00 3.79
N ALA A 83 6.45 2.90 4.72
CA ALA A 83 7.28 4.05 4.42
C ALA A 83 8.74 3.71 4.71
N TYR A 84 9.58 3.90 3.70
CA TYR A 84 10.99 3.62 3.84
C TYR A 84 11.84 4.74 3.22
N ASN A 85 13.12 4.73 3.58
CA ASN A 85 14.04 5.74 3.08
C ASN A 85 15.20 5.05 2.37
N SER A 86 15.82 5.78 1.46
CA SER A 86 16.94 5.26 0.70
C SER A 86 18.01 4.72 1.66
N GLU A 87 17.94 5.20 2.90
CA GLU A 87 18.89 4.78 3.91
C GLU A 87 18.42 3.47 4.57
N GLY A 88 17.15 3.46 4.94
CA GLY A 88 16.57 2.29 5.57
C GLY A 88 15.05 2.34 5.53
N LYS A 89 14.44 1.24 5.94
CA LYS A 89 12.99 1.14 5.96
C LYS A 89 12.50 1.12 7.41
N SER A 90 11.21 1.39 7.56
CA SER A 90 10.60 1.41 8.89
C SER A 90 9.57 0.28 9.01
N ASN A 91 8.76 0.37 10.05
CA ASN A 91 7.74 -0.63 10.28
C ASN A 91 6.52 -0.32 9.42
N PRO A 92 5.73 -1.38 9.14
CA PRO A 92 4.52 -1.24 8.32
C PRO A 92 3.41 -0.58 9.12
N SER A 93 2.41 -0.10 8.39
CA SER A 93 1.27 0.56 9.02
C SER A 93 0.14 -0.45 9.23
N GLU A 94 -0.93 0.02 9.86
CA GLU A 94 -2.08 -0.82 10.12
C GLU A 94 -2.59 -1.46 8.83
N VAL A 95 -2.69 -2.78 8.85
CA VAL A 95 -3.16 -3.51 7.68
C VAL A 95 -4.66 -3.26 7.51
N VAL A 96 -4.99 -2.65 6.37
CA VAL A 96 -6.37 -2.35 6.06
C VAL A 96 -6.92 -3.41 5.08
N GLU A 97 -8.23 -3.33 4.85
CA GLU A 97 -8.87 -4.26 3.95
C GLU A 97 -9.80 -3.51 2.98
N PHE A 98 -9.89 -4.03 1.78
CA PHE A 98 -10.72 -3.43 0.75
C PHE A 98 -11.37 -4.49 -0.13
N THR A 99 -12.21 -4.03 -1.05
CA THR A 99 -12.90 -4.93 -1.96
C THR A 99 -13.05 -4.27 -3.34
N THR A 100 -13.01 -5.11 -4.36
CA THR A 100 -13.15 -4.62 -5.72
C THR A 100 -14.62 -4.60 -6.14
N CYS A 101 -14.86 -4.08 -7.33
CA CYS A 101 -16.21 -3.99 -7.85
C CYS A 101 -16.73 -5.40 -8.11
N PRO A 102 -18.06 -5.50 -8.34
CA PRO A 102 -18.68 -6.79 -8.60
C PRO A 102 -18.37 -7.26 -10.02
N ASP A 103 -18.48 -6.34 -10.96
CA ASP A 103 -18.22 -6.66 -12.36
C ASP A 103 -19.34 -7.57 -12.89
N SER A 104 -19.42 -8.75 -12.31
CA SER A 104 -20.42 -9.72 -12.72
C SER A 104 -20.03 -10.36 -14.05
N GLY A 105 -19.98 -11.68 -14.04
CA GLY A 105 -19.62 -12.42 -15.25
C GLY A 105 -20.57 -12.09 -16.39
N PRO A 106 -20.32 -12.75 -17.56
CA PRO A 106 -21.14 -12.53 -18.73
C PRO A 106 -22.50 -13.22 -18.59
N SER A 107 -23.40 -12.55 -17.89
CA SER A 107 -24.73 -13.09 -17.68
C SER A 107 -25.77 -11.96 -17.76
N SER A 108 -25.56 -10.96 -16.94
CA SER A 108 -26.47 -9.81 -16.91
C SER A 108 -27.87 -10.27 -16.50
N GLY A 109 -28.05 -10.43 -15.19
CA GLY A 109 -29.32 -10.86 -14.65
C GLY A 109 -30.06 -9.71 -13.98
N GLY A 1 24.55 12.15 8.35
CA GLY A 1 24.34 10.94 9.12
C GLY A 1 25.55 10.01 9.04
N SER A 2 25.27 8.72 9.17
CA SER A 2 26.33 7.72 9.11
C SER A 2 25.72 6.33 8.97
N SER A 3 24.96 5.94 9.98
CA SER A 3 24.32 4.64 9.98
C SER A 3 22.81 4.80 10.22
N GLY A 4 22.06 4.49 9.17
CA GLY A 4 20.60 4.59 9.25
C GLY A 4 19.99 3.30 9.78
N SER A 5 19.01 3.47 10.65
CA SER A 5 18.33 2.33 11.24
C SER A 5 16.82 2.54 11.19
N SER A 6 16.39 3.72 11.63
CA SER A 6 14.98 4.05 11.63
C SER A 6 14.74 5.30 10.79
N GLY A 7 13.73 5.23 9.94
CA GLY A 7 13.38 6.35 9.09
C GLY A 7 12.10 7.03 9.57
N PRO A 8 11.09 7.07 8.66
CA PRO A 8 9.81 7.68 8.98
C PRO A 8 8.99 6.79 9.91
N SER A 9 8.46 7.41 10.96
CA SER A 9 7.65 6.70 11.93
C SER A 9 6.49 5.99 11.22
N MET A 10 5.65 5.35 12.03
CA MET A 10 4.50 4.64 11.50
C MET A 10 3.60 5.58 10.69
N PRO A 11 3.49 5.27 9.37
CA PRO A 11 2.66 6.07 8.48
C PRO A 11 1.18 5.79 8.71
N ALA A 12 0.35 6.57 8.02
CA ALA A 12 -1.08 6.41 8.14
C ALA A 12 -1.56 5.36 7.13
N SER A 13 -2.47 4.50 7.60
CA SER A 13 -3.00 3.45 6.76
C SER A 13 -3.45 4.03 5.41
N PRO A 14 -3.32 3.19 4.35
CA PRO A 14 -3.71 3.61 3.01
C PRO A 14 -5.22 3.63 2.86
N VAL A 15 -5.73 4.75 2.38
CA VAL A 15 -7.16 4.91 2.17
C VAL A 15 -7.54 4.36 0.79
N LEU A 16 -8.80 4.55 0.45
CA LEU A 16 -9.31 4.09 -0.84
C LEU A 16 -10.21 5.16 -1.44
N THR A 17 -9.65 5.87 -2.42
CA THR A 17 -10.40 6.92 -3.10
C THR A 17 -11.43 6.32 -4.04
N LYS A 18 -10.96 5.49 -4.96
CA LYS A 18 -11.84 4.86 -5.92
C LYS A 18 -11.50 3.37 -6.01
N ALA A 19 -12.53 2.55 -5.90
CA ALA A 19 -12.35 1.11 -5.96
C ALA A 19 -12.73 0.61 -7.35
N GLY A 20 -11.74 0.06 -8.03
CA GLY A 20 -11.95 -0.46 -9.37
C GLY A 20 -12.20 -1.97 -9.34
N ILE A 21 -12.55 -2.50 -10.51
CA ILE A 21 -12.82 -3.93 -10.64
C ILE A 21 -11.50 -4.69 -10.61
N THR A 22 -10.57 -4.23 -11.44
CA THR A 22 -9.26 -4.87 -11.53
C THR A 22 -8.17 -3.88 -11.13
N TRP A 23 -8.57 -2.90 -10.33
CA TRP A 23 -7.63 -1.89 -9.87
C TRP A 23 -8.18 -1.27 -8.58
N LEU A 24 -7.27 -0.75 -7.77
CA LEU A 24 -7.66 -0.15 -6.51
C LEU A 24 -6.83 1.12 -6.29
N SER A 25 -7.53 2.24 -6.25
CA SER A 25 -6.88 3.53 -6.05
C SER A 25 -6.78 3.83 -4.56
N LEU A 26 -5.60 3.59 -4.01
CA LEU A 26 -5.37 3.84 -2.60
C LEU A 26 -4.77 5.23 -2.43
N GLN A 27 -4.78 5.69 -1.18
CA GLN A 27 -4.24 7.01 -0.87
C GLN A 27 -3.67 7.02 0.55
N TRP A 28 -2.36 7.20 0.62
CA TRP A 28 -1.68 7.22 1.91
C TRP A 28 -0.99 8.59 2.04
N SER A 29 -0.66 8.93 3.27
CA SER A 29 0.00 10.19 3.55
C SER A 29 1.28 9.95 4.36
N LYS A 30 2.01 11.03 4.59
CA LYS A 30 3.25 10.96 5.34
C LYS A 30 2.93 10.97 6.83
N PRO A 31 3.92 10.47 7.63
CA PRO A 31 3.75 10.42 9.07
C PRO A 31 3.92 11.81 9.70
N SER A 32 4.01 11.83 11.02
CA SER A 32 4.18 13.09 11.73
C SER A 32 5.66 13.38 11.94
N GLY A 33 6.00 14.65 11.85
CA GLY A 33 7.38 15.08 12.03
C GLY A 33 8.35 14.08 11.40
N THR A 34 8.56 14.23 10.12
CA THR A 34 9.46 13.35 9.38
C THR A 34 10.91 13.64 9.76
N PRO A 35 11.76 12.60 9.61
CA PRO A 35 13.17 12.73 9.92
C PRO A 35 13.91 13.54 8.84
N SER A 36 13.42 14.74 8.61
CA SER A 36 14.00 15.60 7.60
C SER A 36 14.42 14.79 6.38
N ASP A 37 13.46 14.58 5.48
CA ASP A 37 13.72 13.82 4.28
C ASP A 37 12.81 14.34 3.16
N GLU A 38 13.38 15.24 2.35
CA GLU A 38 12.63 15.81 1.24
C GLU A 38 12.02 14.71 0.38
N GLY A 39 10.74 14.47 0.61
CA GLY A 39 10.03 13.45 -0.13
C GLY A 39 10.30 12.06 0.44
N ILE A 40 9.24 11.42 0.90
CA ILE A 40 9.34 10.09 1.48
C ILE A 40 8.74 9.07 0.51
N SER A 41 9.35 7.90 0.49
CA SER A 41 8.89 6.83 -0.38
C SER A 41 8.11 5.80 0.43
N TYR A 42 7.01 5.33 -0.16
CA TYR A 42 6.18 4.34 0.49
C TYR A 42 5.96 3.12 -0.41
N ILE A 43 6.15 1.95 0.18
CA ILE A 43 5.99 0.70 -0.55
C ILE A 43 4.63 0.10 -0.21
N LEU A 44 3.83 -0.10 -1.25
CA LEU A 44 2.50 -0.67 -1.08
C LEU A 44 2.59 -2.19 -1.12
N GLU A 45 2.37 -2.80 0.03
CA GLU A 45 2.42 -4.25 0.14
C GLU A 45 1.02 -4.84 0.08
N MET A 46 0.97 -6.14 -0.20
CA MET A 46 -0.30 -6.84 -0.29
C MET A 46 -0.11 -8.35 -0.19
N GLU A 47 -0.99 -8.97 0.58
CA GLU A 47 -0.92 -10.41 0.77
C GLU A 47 -2.32 -11.03 0.65
N GLU A 48 -2.38 -12.14 -0.06
CA GLU A 48 -3.64 -12.83 -0.26
C GLU A 48 -3.40 -14.23 -0.84
N GLU A 49 -3.04 -14.25 -2.12
CA GLU A 49 -2.78 -15.51 -2.80
C GLU A 49 -1.49 -15.41 -3.63
N THR A 50 -0.37 -15.57 -2.94
CA THR A 50 0.92 -15.49 -3.59
C THR A 50 2.00 -16.19 -2.75
N SER A 51 1.92 -17.51 -2.73
CA SER A 51 2.87 -18.30 -1.96
C SER A 51 2.89 -17.83 -0.50
N GLY A 52 3.57 -18.60 0.33
CA GLY A 52 3.67 -18.28 1.74
C GLY A 52 4.98 -17.54 2.04
N TYR A 53 5.24 -16.52 1.24
CA TYR A 53 6.45 -15.73 1.41
C TYR A 53 6.13 -14.38 2.04
N GLY A 54 5.02 -14.34 2.75
CA GLY A 54 4.59 -13.11 3.42
C GLY A 54 4.14 -12.07 2.39
N PHE A 55 4.09 -10.83 2.85
CA PHE A 55 3.67 -9.74 1.99
C PHE A 55 4.74 -9.41 0.95
N LYS A 56 4.29 -9.16 -0.27
CA LYS A 56 5.19 -8.84 -1.36
C LYS A 56 4.94 -7.39 -1.82
N PRO A 57 6.03 -6.76 -2.30
CA PRO A 57 5.95 -5.38 -2.77
C PRO A 57 5.26 -5.32 -4.13
N LYS A 58 4.43 -4.30 -4.29
CA LYS A 58 3.71 -4.10 -5.54
C LYS A 58 4.12 -2.77 -6.16
N TYR A 59 4.15 -1.74 -5.33
CA TYR A 59 4.53 -0.42 -5.79
C TYR A 59 5.82 0.05 -5.13
N ASP A 60 6.43 1.06 -5.72
CA ASP A 60 7.67 1.60 -5.20
C ASP A 60 7.95 2.96 -5.86
N GLY A 61 7.43 4.00 -5.23
CA GLY A 61 7.62 5.36 -5.74
C GLY A 61 7.62 6.38 -4.60
N GLU A 62 7.64 7.64 -4.99
CA GLU A 62 7.65 8.72 -4.01
C GLU A 62 6.35 9.53 -4.12
N ASP A 63 5.27 8.82 -4.39
CA ASP A 63 3.97 9.46 -4.52
C ASP A 63 3.08 9.04 -3.35
N LEU A 64 2.15 9.92 -3.01
CA LEU A 64 1.23 9.65 -1.92
C LEU A 64 -0.06 9.06 -2.48
N ALA A 65 0.08 8.33 -3.58
CA ALA A 65 -1.06 7.70 -4.23
C ALA A 65 -0.56 6.76 -5.32
N TYR A 66 -1.31 5.69 -5.52
CA TYR A 66 -0.97 4.71 -6.54
C TYR A 66 -2.21 3.98 -7.05
N THR A 67 -2.09 3.42 -8.24
CA THR A 67 -3.18 2.69 -8.85
C THR A 67 -2.82 1.21 -9.00
N VAL A 68 -3.31 0.42 -8.06
CA VAL A 68 -3.05 -1.01 -8.07
C VAL A 68 -3.74 -1.63 -9.28
N LYS A 69 -3.08 -2.64 -9.84
CA LYS A 69 -3.62 -3.33 -11.00
C LYS A 69 -3.48 -4.85 -10.80
N ASN A 70 -3.95 -5.59 -11.80
CA ASN A 70 -3.87 -7.03 -11.74
C ASN A 70 -4.66 -7.54 -10.54
N LEU A 71 -5.98 -7.41 -10.64
CA LEU A 71 -6.86 -7.85 -9.57
C LEU A 71 -8.03 -8.64 -10.17
N ARG A 72 -8.93 -9.03 -9.30
CA ARG A 72 -10.11 -9.79 -9.72
C ARG A 72 -11.39 -9.10 -9.24
N ARG A 73 -12.46 -9.37 -9.96
CA ARG A 73 -13.75 -8.79 -9.62
C ARG A 73 -14.29 -9.40 -8.33
N SER A 74 -15.07 -8.61 -7.61
CA SER A 74 -15.66 -9.07 -6.36
C SER A 74 -14.65 -9.92 -5.59
N THR A 75 -13.67 -9.24 -5.00
CA THR A 75 -12.64 -9.92 -4.23
C THR A 75 -12.14 -9.02 -3.09
N LYS A 76 -11.45 -9.66 -2.15
CA LYS A 76 -10.92 -8.93 -1.02
C LYS A 76 -9.39 -9.07 -1.00
N TYR A 77 -8.74 -8.02 -0.51
CA TYR A 77 -7.29 -8.01 -0.43
C TYR A 77 -6.81 -7.17 0.75
N LYS A 78 -5.65 -7.54 1.27
CA LYS A 78 -5.07 -6.82 2.39
C LYS A 78 -3.87 -6.00 1.91
N PHE A 79 -3.86 -4.73 2.31
CA PHE A 79 -2.79 -3.85 1.92
C PHE A 79 -2.27 -3.06 3.13
N LYS A 80 -0.95 -2.83 3.12
CA LYS A 80 -0.33 -2.10 4.20
C LYS A 80 0.72 -1.14 3.63
N VAL A 81 0.62 0.11 4.04
CA VAL A 81 1.55 1.13 3.57
C VAL A 81 2.86 1.02 4.36
N ILE A 82 3.95 0.93 3.62
CA ILE A 82 5.26 0.83 4.23
C ILE A 82 6.12 2.03 3.81
N ALA A 83 6.40 2.87 4.79
CA ALA A 83 7.20 4.06 4.55
C ALA A 83 8.68 3.73 4.76
N TYR A 84 9.46 3.96 3.72
CA TYR A 84 10.89 3.70 3.79
C TYR A 84 11.69 4.84 3.15
N ASN A 85 12.98 4.85 3.45
CA ASN A 85 13.87 5.87 2.92
C ASN A 85 15.01 5.21 2.16
N SER A 86 15.68 6.01 1.35
CA SER A 86 16.80 5.52 0.56
C SER A 86 17.85 4.90 1.49
N GLU A 87 17.76 5.25 2.75
CA GLU A 87 18.69 4.74 3.75
C GLU A 87 18.24 3.37 4.25
N GLY A 88 16.96 3.30 4.59
CA GLY A 88 16.39 2.05 5.08
C GLY A 88 14.87 2.10 5.07
N LYS A 89 14.27 1.12 5.74
CA LYS A 89 12.82 1.04 5.80
C LYS A 89 12.40 0.95 7.27
N SER A 90 11.14 1.30 7.52
CA SER A 90 10.60 1.26 8.87
C SER A 90 9.54 0.16 8.97
N ASN A 91 8.81 0.19 10.08
CA ASN A 91 7.77 -0.80 10.31
C ASN A 91 6.56 -0.47 9.44
N PRO A 92 5.79 -1.54 9.09
CA PRO A 92 4.61 -1.38 8.26
C PRO A 92 3.46 -0.77 9.06
N SER A 93 2.47 -0.27 8.33
CA SER A 93 1.31 0.34 8.96
C SER A 93 0.16 -0.67 9.03
N GLU A 94 -0.79 -0.37 9.89
CA GLU A 94 -1.95 -1.23 10.05
C GLU A 94 -2.44 -1.74 8.69
N VAL A 95 -2.61 -3.04 8.61
CA VAL A 95 -3.08 -3.66 7.37
C VAL A 95 -4.58 -3.40 7.23
N VAL A 96 -4.92 -2.71 6.15
CA VAL A 96 -6.32 -2.40 5.88
C VAL A 96 -6.86 -3.36 4.82
N GLU A 97 -8.17 -3.34 4.65
CA GLU A 97 -8.82 -4.20 3.68
C GLU A 97 -9.76 -3.39 2.80
N PHE A 98 -9.98 -3.90 1.59
CA PHE A 98 -10.85 -3.23 0.64
C PHE A 98 -11.55 -4.24 -0.27
N THR A 99 -12.45 -3.73 -1.10
CA THR A 99 -13.19 -4.57 -2.01
C THR A 99 -13.30 -3.90 -3.38
N THR A 100 -13.46 -4.72 -4.41
CA THR A 100 -13.58 -4.22 -5.76
C THR A 100 -15.05 -4.14 -6.16
N CYS A 101 -15.26 -3.84 -7.44
CA CYS A 101 -16.62 -3.74 -7.97
C CYS A 101 -16.94 -5.02 -8.74
N PRO A 102 -18.24 -5.18 -9.06
CA PRO A 102 -18.69 -6.36 -9.79
C PRO A 102 -18.31 -6.27 -11.26
N ASP A 103 -18.03 -7.43 -11.84
CA ASP A 103 -17.64 -7.49 -13.24
C ASP A 103 -18.38 -8.64 -13.92
N SER A 104 -18.93 -8.35 -15.08
CA SER A 104 -19.67 -9.35 -15.85
C SER A 104 -19.73 -8.94 -17.32
N GLY A 105 -19.01 -9.69 -18.14
CA GLY A 105 -18.97 -9.42 -19.57
C GLY A 105 -17.60 -8.90 -19.99
N PRO A 106 -17.33 -9.03 -21.32
CA PRO A 106 -16.06 -8.59 -21.87
C PRO A 106 -16.01 -7.07 -21.98
N SER A 107 -17.14 -6.49 -22.39
CA SER A 107 -17.23 -5.05 -22.54
C SER A 107 -17.99 -4.46 -21.35
N SER A 108 -17.33 -3.52 -20.68
CA SER A 108 -17.92 -2.86 -19.53
C SER A 108 -17.86 -1.34 -19.71
N GLY A 109 -18.85 -0.67 -19.13
CA GLY A 109 -18.92 0.77 -19.21
C GLY A 109 -18.72 1.26 -20.65
N GLY A 1 27.24 -5.29 19.36
CA GLY A 1 27.52 -4.79 18.03
C GLY A 1 26.93 -3.38 17.85
N SER A 2 26.47 -3.13 16.63
CA SER A 2 25.89 -1.83 16.31
C SER A 2 24.43 -2.02 15.87
N SER A 3 23.55 -1.32 16.56
CA SER A 3 22.12 -1.39 16.26
C SER A 3 21.56 0.01 16.09
N GLY A 4 21.05 0.28 14.90
CA GLY A 4 20.47 1.57 14.60
C GLY A 4 20.26 1.75 13.09
N SER A 5 18.99 1.68 12.70
CA SER A 5 18.64 1.82 11.29
C SER A 5 17.12 1.78 11.13
N SER A 6 16.57 2.94 10.79
CA SER A 6 15.12 3.06 10.60
C SER A 6 14.80 4.37 9.89
N GLY A 7 13.91 4.27 8.92
CA GLY A 7 13.50 5.44 8.15
C GLY A 7 12.61 6.36 9.00
N PRO A 8 11.52 6.85 8.35
CA PRO A 8 10.59 7.74 9.04
C PRO A 8 9.69 6.95 10.00
N SER A 9 8.80 7.68 10.66
CA SER A 9 7.90 7.07 11.60
C SER A 9 6.81 6.28 10.87
N MET A 10 5.88 5.76 11.63
CA MET A 10 4.78 4.97 11.07
C MET A 10 3.80 5.88 10.31
N PRO A 11 3.62 5.54 9.00
CA PRO A 11 2.72 6.31 8.16
C PRO A 11 1.25 5.98 8.49
N ALA A 12 0.36 6.63 7.75
CA ALA A 12 -1.07 6.43 7.95
C ALA A 12 -1.57 5.39 6.94
N SER A 13 -2.47 4.56 7.41
CA SER A 13 -3.05 3.51 6.57
C SER A 13 -3.47 4.11 5.22
N PRO A 14 -3.32 3.28 4.15
CA PRO A 14 -3.69 3.72 2.82
C PRO A 14 -5.21 3.74 2.65
N VAL A 15 -5.69 4.88 2.20
CA VAL A 15 -7.12 5.05 1.99
C VAL A 15 -7.51 4.45 0.63
N LEU A 16 -8.79 4.52 0.33
CA LEU A 16 -9.31 3.99 -0.92
C LEU A 16 -10.26 4.99 -1.55
N THR A 17 -9.70 5.92 -2.31
CA THR A 17 -10.50 6.94 -2.96
C THR A 17 -11.56 6.29 -3.85
N LYS A 18 -11.09 5.53 -4.83
CA LYS A 18 -11.99 4.85 -5.75
C LYS A 18 -11.64 3.37 -5.80
N ALA A 19 -12.68 2.54 -5.81
CA ALA A 19 -12.49 1.11 -5.86
C ALA A 19 -13.02 0.57 -7.20
N GLY A 20 -12.10 0.04 -7.99
CA GLY A 20 -12.47 -0.51 -9.29
C GLY A 20 -12.70 -2.02 -9.19
N ILE A 21 -12.89 -2.63 -10.36
CA ILE A 21 -13.13 -4.06 -10.42
C ILE A 21 -11.79 -4.79 -10.49
N THR A 22 -10.91 -4.26 -11.32
CA THR A 22 -9.58 -4.86 -11.48
C THR A 22 -8.51 -3.83 -11.15
N TRP A 23 -8.91 -2.79 -10.44
CA TRP A 23 -7.98 -1.75 -10.05
C TRP A 23 -8.46 -1.17 -8.71
N LEU A 24 -7.52 -0.57 -7.99
CA LEU A 24 -7.84 0.02 -6.70
C LEU A 24 -6.95 1.25 -6.49
N SER A 25 -7.61 2.40 -6.42
CA SER A 25 -6.90 3.66 -6.22
C SER A 25 -6.80 3.97 -4.72
N LEU A 26 -5.64 3.67 -4.17
CA LEU A 26 -5.39 3.91 -2.75
C LEU A 26 -4.71 5.26 -2.58
N GLN A 27 -4.75 5.76 -1.35
CA GLN A 27 -4.13 7.04 -1.04
C GLN A 27 -3.58 7.03 0.39
N TRP A 28 -2.26 7.10 0.49
CA TRP A 28 -1.62 7.10 1.78
C TRP A 28 -0.95 8.46 1.97
N SER A 29 -0.67 8.78 3.23
CA SER A 29 -0.04 10.04 3.56
C SER A 29 1.26 9.79 4.33
N LYS A 30 2.06 10.84 4.43
CA LYS A 30 3.33 10.75 5.13
C LYS A 30 3.08 10.45 6.61
N PRO A 31 4.15 9.97 7.29
CA PRO A 31 4.05 9.64 8.70
C PRO A 31 4.03 10.91 9.57
N SER A 32 3.98 10.70 10.87
CA SER A 32 3.96 11.82 11.80
C SER A 32 5.38 12.08 12.33
N GLY A 33 5.49 13.17 13.09
CA GLY A 33 6.77 13.54 13.66
C GLY A 33 7.91 13.27 12.68
N THR A 34 7.69 13.66 11.43
CA THR A 34 8.67 13.47 10.39
C THR A 34 9.90 14.33 10.66
N PRO A 35 11.03 13.96 10.00
CA PRO A 35 12.27 14.69 10.16
C PRO A 35 12.23 16.01 9.39
N SER A 36 11.99 15.91 8.09
CA SER A 36 11.92 17.08 7.25
C SER A 36 11.43 16.70 5.85
N ASP A 37 12.32 16.04 5.11
CA ASP A 37 11.99 15.62 3.76
C ASP A 37 13.19 14.91 3.15
N GLU A 38 13.71 13.93 3.86
CA GLU A 38 14.86 13.18 3.40
C GLU A 38 14.42 12.05 2.48
N GLY A 39 13.91 12.45 1.32
CA GLY A 39 13.44 11.48 0.33
C GLY A 39 12.72 10.30 1.01
N ILE A 40 11.41 10.43 1.10
CA ILE A 40 10.59 9.39 1.71
C ILE A 40 9.79 8.67 0.64
N SER A 41 9.82 7.35 0.71
CA SER A 41 9.10 6.54 -0.25
C SER A 41 8.17 5.55 0.49
N TYR A 42 7.09 5.20 -0.19
CA TYR A 42 6.12 4.27 0.38
C TYR A 42 5.89 3.08 -0.55
N ILE A 43 6.15 1.90 -0.01
CA ILE A 43 5.96 0.68 -0.78
C ILE A 43 4.62 0.05 -0.42
N LEU A 44 3.78 -0.09 -1.44
CA LEU A 44 2.46 -0.67 -1.25
C LEU A 44 2.59 -2.19 -1.21
N GLU A 45 2.36 -2.74 -0.02
CA GLU A 45 2.45 -4.19 0.16
C GLU A 45 1.06 -4.82 0.00
N MET A 46 1.06 -6.14 -0.17
CA MET A 46 -0.19 -6.86 -0.34
C MET A 46 0.02 -8.35 -0.02
N GLU A 47 -1.01 -8.93 0.58
CA GLU A 47 -0.97 -10.34 0.94
C GLU A 47 -2.27 -11.04 0.52
N GLU A 48 -2.10 -12.09 -0.27
CA GLU A 48 -3.24 -12.85 -0.75
C GLU A 48 -3.30 -14.22 -0.05
N GLU A 49 -4.49 -14.79 -0.05
CA GLU A 49 -4.70 -16.08 0.58
C GLU A 49 -3.99 -17.17 -0.23
N THR A 50 -3.96 -18.37 0.35
CA THR A 50 -3.31 -19.50 -0.29
C THR A 50 -2.02 -19.06 -0.98
N SER A 51 -0.97 -18.97 -0.19
CA SER A 51 0.34 -18.56 -0.71
C SER A 51 1.44 -18.99 0.24
N GLY A 52 1.30 -18.58 1.49
CA GLY A 52 2.28 -18.92 2.52
C GLY A 52 3.67 -18.38 2.15
N TYR A 53 3.80 -17.06 2.27
CA TYR A 53 5.06 -16.42 1.95
C TYR A 53 5.22 -15.11 2.75
N GLY A 54 4.18 -14.28 2.66
CA GLY A 54 4.19 -13.01 3.35
C GLY A 54 3.74 -11.87 2.42
N PHE A 55 3.95 -10.65 2.88
CA PHE A 55 3.56 -9.48 2.11
C PHE A 55 4.63 -9.15 1.06
N LYS A 56 4.21 -9.18 -0.20
CA LYS A 56 5.11 -8.89 -1.30
C LYS A 56 4.89 -7.44 -1.76
N PRO A 57 5.99 -6.83 -2.24
CA PRO A 57 5.94 -5.46 -2.72
C PRO A 57 5.26 -5.37 -4.09
N LYS A 58 4.46 -4.33 -4.26
CA LYS A 58 3.76 -4.13 -5.51
C LYS A 58 4.23 -2.82 -6.15
N TYR A 59 4.24 -1.77 -5.34
CA TYR A 59 4.67 -0.47 -5.82
C TYR A 59 5.91 0.02 -5.06
N ASP A 60 6.60 0.97 -5.67
CA ASP A 60 7.80 1.52 -5.06
C ASP A 60 8.12 2.87 -5.73
N GLY A 61 7.50 3.91 -5.19
CA GLY A 61 7.71 5.25 -5.72
C GLY A 61 7.58 6.30 -4.62
N GLU A 62 7.94 7.53 -4.96
CA GLU A 62 7.87 8.63 -4.01
C GLU A 62 6.57 9.41 -4.21
N ASP A 63 5.49 8.66 -4.38
CA ASP A 63 4.18 9.27 -4.58
C ASP A 63 3.26 8.89 -3.43
N LEU A 64 2.38 9.81 -3.09
CA LEU A 64 1.43 9.58 -2.01
C LEU A 64 0.10 9.10 -2.59
N ALA A 65 0.20 8.34 -3.67
CA ALA A 65 -0.98 7.82 -4.34
C ALA A 65 -0.55 6.86 -5.45
N TYR A 66 -1.22 5.72 -5.50
CA TYR A 66 -0.92 4.71 -6.51
C TYR A 66 -2.19 3.98 -6.93
N THR A 67 -2.13 3.42 -8.13
CA THR A 67 -3.27 2.69 -8.67
C THR A 67 -2.91 1.21 -8.84
N VAL A 68 -3.33 0.42 -7.88
CA VAL A 68 -3.06 -1.01 -7.91
C VAL A 68 -3.83 -1.65 -9.06
N LYS A 69 -3.10 -2.29 -9.95
CA LYS A 69 -3.70 -2.94 -11.11
C LYS A 69 -3.54 -4.46 -10.97
N ASN A 70 -4.15 -5.17 -11.90
CA ASN A 70 -4.08 -6.63 -11.90
C ASN A 70 -4.79 -7.16 -10.65
N LEU A 71 -6.12 -7.11 -10.71
CA LEU A 71 -6.93 -7.59 -9.60
C LEU A 71 -8.06 -8.46 -10.13
N ARG A 72 -8.86 -8.97 -9.21
CA ARG A 72 -9.98 -9.82 -9.57
C ARG A 72 -11.30 -9.19 -9.13
N ARG A 73 -12.37 -9.58 -9.80
CA ARG A 73 -13.69 -9.06 -9.48
C ARG A 73 -14.17 -9.62 -8.14
N SER A 74 -14.76 -8.74 -7.35
CA SER A 74 -15.27 -9.13 -6.04
C SER A 74 -14.27 -10.05 -5.35
N THR A 75 -13.20 -9.45 -4.86
CA THR A 75 -12.18 -10.20 -4.17
C THR A 75 -11.58 -9.37 -3.02
N LYS A 76 -11.38 -10.03 -1.89
CA LYS A 76 -10.82 -9.38 -0.73
C LYS A 76 -9.30 -9.32 -0.85
N TYR A 77 -8.73 -8.25 -0.32
CA TYR A 77 -7.29 -8.06 -0.36
C TYR A 77 -6.81 -7.21 0.80
N LYS A 78 -5.60 -7.52 1.25
CA LYS A 78 -5.01 -6.78 2.37
C LYS A 78 -3.85 -5.93 1.85
N PHE A 79 -3.83 -4.68 2.31
CA PHE A 79 -2.79 -3.76 1.91
C PHE A 79 -2.29 -2.95 3.10
N LYS A 80 -0.97 -2.76 3.14
CA LYS A 80 -0.35 -2.01 4.21
C LYS A 80 0.75 -1.12 3.64
N VAL A 81 0.63 0.17 3.93
CA VAL A 81 1.60 1.15 3.46
C VAL A 81 2.86 1.07 4.33
N ILE A 82 4.00 1.04 3.66
CA ILE A 82 5.27 0.97 4.36
C ILE A 82 6.18 2.09 3.86
N ALA A 83 6.48 3.01 4.78
CA ALA A 83 7.34 4.14 4.46
C ALA A 83 8.79 3.79 4.79
N TYR A 84 9.64 3.88 3.78
CA TYR A 84 11.05 3.58 3.97
C TYR A 84 11.93 4.74 3.48
N ASN A 85 13.17 4.72 3.94
CA ASN A 85 14.11 5.77 3.56
C ASN A 85 15.35 5.12 2.93
N SER A 86 15.99 5.87 2.05
CA SER A 86 17.18 5.40 1.38
C SER A 86 18.17 4.82 2.41
N GLU A 87 18.01 5.28 3.64
CA GLU A 87 18.86 4.82 4.72
C GLU A 87 18.42 3.44 5.21
N GLY A 88 17.11 3.28 5.33
CA GLY A 88 16.55 2.02 5.78
C GLY A 88 15.02 2.02 5.66
N LYS A 89 14.41 1.05 6.30
CA LYS A 89 12.96 0.92 6.27
C LYS A 89 12.39 1.26 7.65
N SER A 90 11.07 1.27 7.73
CA SER A 90 10.39 1.57 8.98
C SER A 90 9.32 0.53 9.26
N ASN A 91 8.45 0.86 10.20
CA ASN A 91 7.37 -0.04 10.57
C ASN A 91 6.18 0.17 9.63
N PRO A 92 5.41 -0.92 9.40
CA PRO A 92 4.25 -0.86 8.53
C PRO A 92 3.08 -0.15 9.22
N SER A 93 2.09 0.18 8.43
CA SER A 93 0.91 0.86 8.95
C SER A 93 -0.26 -0.11 9.06
N GLU A 94 -1.22 0.25 9.90
CA GLU A 94 -2.39 -0.58 10.11
C GLU A 94 -2.84 -1.20 8.78
N VAL A 95 -2.86 -2.53 8.75
CA VAL A 95 -3.28 -3.24 7.56
C VAL A 95 -4.77 -3.02 7.33
N VAL A 96 -5.08 -2.45 6.17
CA VAL A 96 -6.46 -2.18 5.82
C VAL A 96 -6.96 -3.24 4.83
N GLU A 97 -8.26 -3.23 4.59
CA GLU A 97 -8.85 -4.18 3.67
C GLU A 97 -9.80 -3.46 2.71
N PHE A 98 -9.83 -3.96 1.47
CA PHE A 98 -10.69 -3.38 0.46
C PHE A 98 -11.22 -4.45 -0.48
N THR A 99 -12.36 -4.15 -1.10
CA THR A 99 -12.99 -5.08 -2.02
C THR A 99 -13.28 -4.38 -3.35
N THR A 100 -13.18 -5.16 -4.42
CA THR A 100 -13.43 -4.63 -5.75
C THR A 100 -14.90 -4.82 -6.14
N CYS A 101 -15.25 -4.29 -7.29
CA CYS A 101 -16.61 -4.39 -7.78
C CYS A 101 -16.70 -5.60 -8.72
N PRO A 102 -17.96 -6.00 -9.04
CA PRO A 102 -18.18 -7.13 -9.92
C PRO A 102 -17.91 -6.76 -11.38
N ASP A 103 -17.35 -7.71 -12.11
CA ASP A 103 -17.03 -7.49 -13.51
C ASP A 103 -18.26 -7.84 -14.36
N SER A 104 -18.74 -9.05 -14.19
CA SER A 104 -19.90 -9.52 -14.95
C SER A 104 -20.71 -10.50 -14.09
N GLY A 105 -21.91 -10.78 -14.56
CA GLY A 105 -22.79 -11.70 -13.86
C GLY A 105 -24.21 -11.12 -13.73
N PRO A 106 -25.10 -11.55 -14.67
CA PRO A 106 -26.47 -11.08 -14.67
C PRO A 106 -27.27 -11.74 -13.55
N SER A 107 -28.22 -10.98 -13.01
CA SER A 107 -29.06 -11.48 -11.94
C SER A 107 -30.39 -11.97 -12.50
N SER A 108 -30.44 -13.27 -12.77
CA SER A 108 -31.65 -13.87 -13.30
C SER A 108 -31.98 -13.25 -14.66
N GLY A 109 -32.72 -12.16 -14.61
CA GLY A 109 -33.11 -11.46 -15.82
C GLY A 109 -32.80 -9.96 -15.73
N GLY A 1 30.15 2.80 3.40
CA GLY A 1 30.25 2.25 4.75
C GLY A 1 29.50 3.13 5.75
N SER A 2 28.25 2.76 6.01
CA SER A 2 27.42 3.50 6.94
C SER A 2 26.66 2.52 7.85
N SER A 3 26.49 2.93 9.09
CA SER A 3 25.79 2.12 10.06
C SER A 3 24.91 3.00 10.96
N GLY A 4 23.60 2.85 10.79
CA GLY A 4 22.66 3.63 11.56
C GLY A 4 21.30 3.70 10.85
N SER A 5 20.56 2.62 10.94
CA SER A 5 19.25 2.55 10.31
C SER A 5 18.25 3.40 11.09
N SER A 6 17.73 4.41 10.41
CA SER A 6 16.76 5.31 11.03
C SER A 6 15.97 6.05 9.95
N GLY A 7 14.78 5.56 9.70
CA GLY A 7 13.91 6.16 8.69
C GLY A 7 12.80 6.99 9.35
N PRO A 8 11.68 7.16 8.59
CA PRO A 8 10.55 7.92 9.09
C PRO A 8 9.77 7.12 10.13
N SER A 9 8.72 7.75 10.64
CA SER A 9 7.87 7.10 11.64
C SER A 9 6.76 6.32 10.95
N MET A 10 5.86 5.79 11.77
CA MET A 10 4.74 5.03 11.25
C MET A 10 3.79 5.91 10.46
N PRO A 11 3.60 5.54 9.17
CA PRO A 11 2.71 6.29 8.29
C PRO A 11 1.25 6.00 8.62
N ALA A 12 0.37 6.58 7.81
CA ALA A 12 -1.06 6.40 7.99
C ALA A 12 -1.58 5.36 7.00
N SER A 13 -2.41 4.47 7.51
CA SER A 13 -2.98 3.43 6.68
C SER A 13 -3.46 4.01 5.35
N PRO A 14 -3.30 3.18 4.27
CA PRO A 14 -3.70 3.61 2.94
C PRO A 14 -5.23 3.58 2.79
N VAL A 15 -5.77 4.71 2.36
CA VAL A 15 -7.20 4.82 2.17
C VAL A 15 -7.58 4.23 0.82
N LEU A 16 -8.89 4.21 0.55
CA LEU A 16 -9.38 3.69 -0.70
C LEU A 16 -10.27 4.73 -1.37
N THR A 17 -9.62 5.67 -2.05
CA THR A 17 -10.33 6.73 -2.73
C THR A 17 -11.38 6.14 -3.68
N LYS A 18 -10.91 5.27 -4.55
CA LYS A 18 -11.79 4.62 -5.52
C LYS A 18 -11.42 3.14 -5.64
N ALA A 19 -12.45 2.32 -5.75
CA ALA A 19 -12.25 0.89 -5.86
C ALA A 19 -12.69 0.43 -7.25
N GLY A 20 -11.73 -0.09 -8.00
CA GLY A 20 -12.00 -0.58 -9.34
C GLY A 20 -12.19 -2.09 -9.36
N ILE A 21 -12.48 -2.61 -10.55
CA ILE A 21 -12.69 -4.04 -10.71
C ILE A 21 -11.34 -4.75 -10.76
N THR A 22 -10.45 -4.21 -11.58
CA THR A 22 -9.12 -4.78 -11.73
C THR A 22 -8.05 -3.75 -11.35
N TRP A 23 -8.43 -2.87 -10.43
CA TRP A 23 -7.52 -1.84 -9.97
C TRP A 23 -8.07 -1.27 -8.65
N LEU A 24 -7.16 -0.70 -7.87
CA LEU A 24 -7.54 -0.12 -6.60
C LEU A 24 -6.70 1.13 -6.34
N SER A 25 -7.38 2.26 -6.31
CA SER A 25 -6.71 3.54 -6.08
C SER A 25 -6.72 3.87 -4.59
N LEU A 26 -5.56 3.67 -3.97
CA LEU A 26 -5.41 3.94 -2.55
C LEU A 26 -4.72 5.29 -2.36
N GLN A 27 -4.83 5.81 -1.15
CA GLN A 27 -4.23 7.09 -0.82
C GLN A 27 -3.63 7.05 0.59
N TRP A 28 -2.35 7.36 0.66
CA TRP A 28 -1.65 7.37 1.94
C TRP A 28 -0.90 8.69 2.06
N SER A 29 -0.56 9.04 3.30
CA SER A 29 0.17 10.27 3.57
C SER A 29 1.42 9.98 4.38
N LYS A 30 2.25 11.01 4.52
CA LYS A 30 3.48 10.87 5.28
C LYS A 30 3.15 10.53 6.74
N PRO A 31 4.17 9.98 7.44
CA PRO A 31 4.01 9.61 8.83
C PRO A 31 4.01 10.85 9.73
N SER A 32 2.85 11.46 9.84
CA SER A 32 2.69 12.65 10.66
C SER A 32 3.79 13.66 10.32
N GLY A 33 3.91 14.67 11.18
CA GLY A 33 4.91 15.70 10.98
C GLY A 33 6.19 15.12 10.35
N THR A 34 6.85 14.27 11.13
CA THR A 34 8.08 13.64 10.67
C THR A 34 9.09 14.71 10.25
N PRO A 35 10.37 14.26 10.13
CA PRO A 35 11.44 15.16 9.74
C PRO A 35 11.38 15.46 8.24
N SER A 36 11.30 14.40 7.45
CA SER A 36 11.23 14.54 6.01
C SER A 36 9.80 14.87 5.58
N ASP A 37 9.62 16.12 5.16
CA ASP A 37 8.31 16.58 4.72
C ASP A 37 7.90 15.81 3.47
N GLU A 38 8.67 16.01 2.40
CA GLU A 38 8.39 15.36 1.14
C GLU A 38 9.63 14.57 0.68
N GLY A 39 9.40 13.69 -0.29
CA GLY A 39 10.48 12.88 -0.83
C GLY A 39 10.43 11.46 -0.28
N ILE A 40 9.73 11.32 0.85
CA ILE A 40 9.59 10.02 1.48
C ILE A 40 8.88 9.06 0.52
N SER A 41 9.42 7.84 0.46
CA SER A 41 8.85 6.82 -0.41
C SER A 41 8.05 5.82 0.41
N TYR A 42 7.01 5.29 -0.22
CA TYR A 42 6.16 4.32 0.46
C TYR A 42 5.94 3.09 -0.43
N ILE A 43 6.17 1.92 0.16
CA ILE A 43 6.00 0.68 -0.56
C ILE A 43 4.64 0.08 -0.23
N LEU A 44 3.81 -0.05 -1.25
CA LEU A 44 2.47 -0.61 -1.08
C LEU A 44 2.56 -2.13 -1.09
N GLU A 45 2.35 -2.71 0.09
CA GLU A 45 2.40 -4.16 0.22
C GLU A 45 0.98 -4.74 0.14
N MET A 46 0.93 -6.04 -0.05
CA MET A 46 -0.34 -6.74 -0.15
C MET A 46 -0.16 -8.25 0.07
N GLU A 47 -1.08 -8.81 0.85
CA GLU A 47 -1.03 -10.23 1.14
C GLU A 47 -2.39 -10.88 0.87
N GLU A 48 -2.39 -11.86 -0.02
CA GLU A 48 -3.61 -12.55 -0.38
C GLU A 48 -3.32 -13.65 -1.39
N GLU A 49 -2.77 -13.25 -2.52
CA GLU A 49 -2.44 -14.20 -3.57
C GLU A 49 -1.52 -15.30 -3.02
N THR A 50 -0.32 -14.88 -2.63
CA THR A 50 0.65 -15.81 -2.09
C THR A 50 -0.02 -16.78 -1.12
N SER A 51 0.65 -17.90 -0.89
CA SER A 51 0.14 -18.91 0.02
C SER A 51 -0.50 -18.24 1.25
N GLY A 52 0.36 -17.63 2.06
CA GLY A 52 -0.10 -16.95 3.25
C GLY A 52 0.98 -16.97 4.33
N TYR A 53 2.18 -16.57 3.94
CA TYR A 53 3.29 -16.53 4.87
C TYR A 53 3.67 -15.09 5.24
N GLY A 54 3.84 -14.28 4.20
CA GLY A 54 4.19 -12.90 4.39
C GLY A 54 3.63 -12.02 3.26
N PHE A 55 3.93 -10.73 3.35
CA PHE A 55 3.46 -9.79 2.35
C PHE A 55 4.50 -9.59 1.25
N LYS A 56 4.04 -9.04 0.14
CA LYS A 56 4.93 -8.78 -0.99
C LYS A 56 4.71 -7.36 -1.50
N PRO A 57 5.81 -6.75 -1.99
CA PRO A 57 5.75 -5.39 -2.51
C PRO A 57 5.08 -5.37 -3.89
N LYS A 58 4.32 -4.31 -4.12
CA LYS A 58 3.62 -4.15 -5.38
C LYS A 58 4.09 -2.85 -6.06
N TYR A 59 4.13 -1.79 -5.26
CA TYR A 59 4.55 -0.50 -5.76
C TYR A 59 5.84 -0.03 -5.07
N ASP A 60 6.52 0.89 -5.73
CA ASP A 60 7.76 1.43 -5.19
C ASP A 60 8.05 2.77 -5.85
N GLY A 61 7.51 3.82 -5.24
CA GLY A 61 7.70 5.17 -5.74
C GLY A 61 7.64 6.19 -4.61
N GLU A 62 7.75 7.46 -4.99
CA GLU A 62 7.71 8.54 -4.02
C GLU A 62 6.44 9.36 -4.20
N ASP A 63 5.34 8.67 -4.38
CA ASP A 63 4.05 9.32 -4.57
C ASP A 63 3.12 8.94 -3.41
N LEU A 64 2.22 9.87 -3.08
CA LEU A 64 1.27 9.63 -2.01
C LEU A 64 -0.03 9.09 -2.59
N ALA A 65 0.11 8.36 -3.69
CA ALA A 65 -1.04 7.78 -4.36
C ALA A 65 -0.57 6.86 -5.48
N TYR A 66 -1.27 5.74 -5.61
CA TYR A 66 -0.93 4.77 -6.65
C TYR A 66 -2.18 4.06 -7.16
N THR A 67 -2.05 3.50 -8.35
CA THR A 67 -3.17 2.78 -8.96
C THR A 67 -2.80 1.32 -9.17
N VAL A 68 -3.22 0.49 -8.22
CA VAL A 68 -2.95 -0.94 -8.29
C VAL A 68 -3.61 -1.51 -9.54
N LYS A 69 -2.95 -2.52 -10.11
CA LYS A 69 -3.46 -3.17 -11.30
C LYS A 69 -3.34 -4.69 -11.14
N ASN A 70 -3.84 -5.40 -12.15
CA ASN A 70 -3.79 -6.85 -12.13
C ASN A 70 -4.48 -7.38 -10.87
N LEU A 71 -5.80 -7.25 -10.86
CA LEU A 71 -6.59 -7.70 -9.73
C LEU A 71 -7.72 -8.61 -10.22
N ARG A 72 -8.61 -8.94 -9.30
CA ARG A 72 -9.74 -9.79 -9.62
C ARG A 72 -11.05 -9.09 -9.27
N ARG A 73 -12.08 -9.40 -10.05
CA ARG A 73 -13.39 -8.80 -9.82
C ARG A 73 -14.01 -9.36 -8.54
N SER A 74 -14.78 -8.51 -7.87
CA SER A 74 -15.43 -8.90 -6.64
C SER A 74 -14.50 -9.76 -5.80
N THR A 75 -13.55 -9.09 -5.16
CA THR A 75 -12.58 -9.77 -4.31
C THR A 75 -12.12 -8.86 -3.17
N LYS A 76 -11.45 -9.47 -2.21
CA LYS A 76 -10.95 -8.72 -1.06
C LYS A 76 -9.44 -8.94 -0.94
N TYR A 77 -8.73 -7.83 -0.81
CA TYR A 77 -7.28 -7.89 -0.68
C TYR A 77 -6.80 -6.99 0.46
N LYS A 78 -5.75 -7.47 1.13
CA LYS A 78 -5.19 -6.72 2.25
C LYS A 78 -3.99 -5.90 1.76
N PHE A 79 -3.98 -4.63 2.14
CA PHE A 79 -2.91 -3.74 1.75
C PHE A 79 -2.36 -2.98 2.95
N LYS A 80 -1.06 -2.72 2.92
CA LYS A 80 -0.41 -1.99 4.00
C LYS A 80 0.65 -1.06 3.42
N VAL A 81 0.66 0.17 3.93
CA VAL A 81 1.61 1.16 3.47
C VAL A 81 2.90 1.05 4.29
N ILE A 82 4.00 0.94 3.57
CA ILE A 82 5.31 0.83 4.21
C ILE A 82 6.18 2.00 3.79
N ALA A 83 6.53 2.82 4.78
CA ALA A 83 7.36 3.98 4.53
C ALA A 83 8.83 3.61 4.73
N TYR A 84 9.63 3.94 3.73
CA TYR A 84 11.06 3.65 3.78
C TYR A 84 11.88 4.82 3.25
N ASN A 85 13.16 4.82 3.61
CA ASN A 85 14.06 5.87 3.18
C ASN A 85 15.25 5.25 2.45
N SER A 86 15.81 6.03 1.54
CA SER A 86 16.96 5.57 0.76
C SER A 86 17.99 4.91 1.69
N GLU A 87 17.94 5.31 2.95
CA GLU A 87 18.86 4.77 3.94
C GLU A 87 18.38 3.39 4.40
N GLY A 88 17.10 3.31 4.72
CA GLY A 88 16.52 2.07 5.17
C GLY A 88 14.99 2.17 5.24
N LYS A 89 14.37 1.04 5.53
CA LYS A 89 12.91 0.99 5.63
C LYS A 89 12.51 0.87 7.10
N SER A 90 11.27 1.21 7.37
CA SER A 90 10.75 1.14 8.73
C SER A 90 9.69 0.05 8.84
N ASN A 91 8.95 0.08 9.94
CA ASN A 91 7.92 -0.89 10.17
C ASN A 91 6.69 -0.55 9.31
N PRO A 92 5.89 -1.60 9.00
CA PRO A 92 4.70 -1.42 8.20
C PRO A 92 3.58 -0.77 9.00
N SER A 93 2.59 -0.26 8.29
CA SER A 93 1.46 0.39 8.93
C SER A 93 0.28 -0.58 9.02
N GLU A 94 -0.72 -0.18 9.79
CA GLU A 94 -1.90 -1.00 9.97
C GLU A 94 -2.39 -1.53 8.62
N VAL A 95 -2.64 -2.84 8.60
CA VAL A 95 -3.10 -3.48 7.38
C VAL A 95 -4.61 -3.22 7.22
N VAL A 96 -4.96 -2.64 6.08
CA VAL A 96 -6.35 -2.35 5.79
C VAL A 96 -6.89 -3.35 4.77
N GLU A 97 -8.21 -3.34 4.61
CA GLU A 97 -8.85 -4.24 3.67
C GLU A 97 -9.84 -3.47 2.79
N PHE A 98 -10.08 -4.02 1.61
CA PHE A 98 -10.98 -3.40 0.66
C PHE A 98 -11.61 -4.44 -0.26
N THR A 99 -12.61 -4.00 -1.01
CA THR A 99 -13.30 -4.88 -1.94
C THR A 99 -13.44 -4.21 -3.31
N THR A 100 -13.37 -5.03 -4.35
CA THR A 100 -13.49 -4.54 -5.70
C THR A 100 -14.95 -4.58 -6.16
N CYS A 101 -15.15 -4.18 -7.41
CA CYS A 101 -16.49 -4.16 -7.98
C CYS A 101 -16.68 -5.45 -8.78
N PRO A 102 -17.96 -5.69 -9.19
CA PRO A 102 -18.28 -6.88 -9.96
C PRO A 102 -17.80 -6.74 -11.41
N ASP A 103 -17.95 -7.83 -12.15
CA ASP A 103 -17.53 -7.85 -13.55
C ASP A 103 -18.33 -8.92 -14.29
N SER A 104 -18.59 -8.64 -15.56
CA SER A 104 -19.33 -9.56 -16.40
C SER A 104 -18.93 -9.39 -17.87
N GLY A 105 -19.09 -8.16 -18.35
CA GLY A 105 -18.75 -7.86 -19.72
C GLY A 105 -17.71 -6.74 -19.79
N PRO A 106 -16.42 -7.16 -19.91
CA PRO A 106 -15.33 -6.20 -19.99
C PRO A 106 -15.28 -5.53 -21.36
N SER A 107 -15.86 -4.35 -21.43
CA SER A 107 -15.88 -3.60 -22.68
C SER A 107 -15.56 -2.13 -22.42
N SER A 108 -14.81 -1.55 -23.34
CA SER A 108 -14.41 -0.15 -23.21
C SER A 108 -15.30 0.72 -24.10
N GLY A 109 -16.07 1.58 -23.46
CA GLY A 109 -16.96 2.48 -24.19
C GLY A 109 -16.78 3.92 -23.73
N GLY A 1 23.14 -3.87 21.92
CA GLY A 1 22.94 -2.44 21.98
C GLY A 1 21.56 -2.05 21.45
N SER A 2 20.90 -1.16 22.16
CA SER A 2 19.59 -0.70 21.78
C SER A 2 19.69 0.34 20.66
N SER A 3 19.74 -0.16 19.44
CA SER A 3 19.84 0.70 18.28
C SER A 3 19.58 -0.09 17.00
N GLY A 4 18.68 0.43 16.19
CA GLY A 4 18.33 -0.22 14.94
C GLY A 4 18.29 0.79 13.79
N SER A 5 17.18 0.77 13.05
CA SER A 5 17.02 1.67 11.93
C SER A 5 15.80 2.56 12.14
N SER A 6 16.06 3.77 12.58
CA SER A 6 14.99 4.72 12.84
C SER A 6 14.77 5.62 11.61
N GLY A 7 13.73 5.28 10.86
CA GLY A 7 13.41 6.04 9.66
C GLY A 7 12.14 6.88 9.86
N PRO A 8 11.24 6.82 8.84
CA PRO A 8 9.99 7.56 8.90
C PRO A 8 9.00 6.89 9.85
N SER A 9 8.50 7.68 10.78
CA SER A 9 7.55 7.18 11.76
C SER A 9 6.44 6.40 11.05
N MET A 10 5.61 5.75 11.86
CA MET A 10 4.51 4.97 11.31
C MET A 10 3.57 5.84 10.47
N PRO A 11 3.52 5.51 9.16
CA PRO A 11 2.67 6.25 8.24
C PRO A 11 1.19 5.90 8.44
N ALA A 12 0.34 6.75 7.90
CA ALA A 12 -1.10 6.54 8.00
C ALA A 12 -1.54 5.47 7.01
N SER A 13 -2.40 4.58 7.47
CA SER A 13 -2.89 3.51 6.63
C SER A 13 -3.38 4.07 5.30
N PRO A 14 -3.20 3.25 4.22
CA PRO A 14 -3.61 3.66 2.90
C PRO A 14 -5.13 3.57 2.75
N VAL A 15 -5.71 4.68 2.29
CA VAL A 15 -7.15 4.75 2.11
C VAL A 15 -7.50 4.18 0.72
N LEU A 16 -8.78 4.28 0.39
CA LEU A 16 -9.25 3.78 -0.89
C LEU A 16 -10.26 4.78 -1.48
N THR A 17 -9.72 5.72 -2.25
CA THR A 17 -10.54 6.74 -2.88
C THR A 17 -11.54 6.09 -3.84
N LYS A 18 -11.00 5.40 -4.84
CA LYS A 18 -11.82 4.73 -5.83
C LYS A 18 -11.43 3.25 -5.90
N ALA A 19 -12.43 2.40 -5.81
CA ALA A 19 -12.21 0.97 -5.87
C ALA A 19 -12.66 0.44 -7.22
N GLY A 20 -11.70 -0.04 -7.99
CA GLY A 20 -11.98 -0.57 -9.31
C GLY A 20 -12.17 -2.09 -9.26
N ILE A 21 -12.59 -2.64 -10.39
CA ILE A 21 -12.83 -4.08 -10.49
C ILE A 21 -11.47 -4.80 -10.58
N THR A 22 -10.64 -4.30 -11.48
CA THR A 22 -9.33 -4.89 -11.67
C THR A 22 -8.23 -3.89 -11.30
N TRP A 23 -8.57 -3.01 -10.38
CA TRP A 23 -7.64 -1.99 -9.93
C TRP A 23 -8.19 -1.38 -8.64
N LEU A 24 -7.27 -0.83 -7.84
CA LEU A 24 -7.66 -0.20 -6.59
C LEU A 24 -6.82 1.06 -6.38
N SER A 25 -7.51 2.18 -6.27
CA SER A 25 -6.84 3.45 -6.07
C SER A 25 -6.69 3.73 -4.57
N LEU A 26 -5.48 3.48 -4.08
CA LEU A 26 -5.20 3.70 -2.67
C LEU A 26 -4.62 5.10 -2.48
N GLN A 27 -4.68 5.57 -1.24
CA GLN A 27 -4.18 6.89 -0.92
C GLN A 27 -3.60 6.90 0.50
N TRP A 28 -2.30 7.13 0.58
CA TRP A 28 -1.63 7.17 1.86
C TRP A 28 -0.94 8.53 2.00
N SER A 29 -0.51 8.83 3.21
CA SER A 29 0.16 10.09 3.48
C SER A 29 1.48 9.84 4.21
N LYS A 30 2.19 10.92 4.50
CA LYS A 30 3.46 10.83 5.19
C LYS A 30 3.22 10.71 6.69
N PRO A 31 4.26 10.22 7.40
CA PRO A 31 4.17 10.05 8.85
C PRO A 31 4.27 11.40 9.56
N SER A 32 4.31 11.33 10.88
CA SER A 32 4.41 12.53 11.69
C SER A 32 5.86 12.78 12.10
N GLY A 33 6.23 14.04 12.13
CA GLY A 33 7.58 14.42 12.50
C GLY A 33 8.61 13.64 11.69
N THR A 34 8.67 13.96 10.40
CA THR A 34 9.60 13.30 9.51
C THR A 34 11.03 13.77 9.78
N PRO A 35 12.01 12.93 9.36
CA PRO A 35 13.41 13.25 9.56
C PRO A 35 13.87 14.31 8.56
N SER A 36 13.39 14.17 7.34
CA SER A 36 13.75 15.11 6.29
C SER A 36 12.49 15.80 5.75
N ASP A 37 12.71 16.91 5.06
CA ASP A 37 11.61 17.67 4.50
C ASP A 37 10.82 16.78 3.53
N GLU A 38 11.52 16.28 2.53
CA GLU A 38 10.90 15.42 1.54
C GLU A 38 11.92 14.42 1.00
N GLY A 39 11.42 13.48 0.20
CA GLY A 39 12.26 12.46 -0.39
C GLY A 39 11.98 11.09 0.22
N ILE A 40 10.80 10.98 0.83
CA ILE A 40 10.39 9.73 1.46
C ILE A 40 9.52 8.94 0.48
N SER A 41 9.76 7.63 0.46
CA SER A 41 9.00 6.75 -0.43
C SER A 41 8.23 5.71 0.40
N TYR A 42 7.12 5.27 -0.16
CA TYR A 42 6.29 4.29 0.52
C TYR A 42 6.07 3.06 -0.37
N ILE A 43 6.30 1.89 0.21
CA ILE A 43 6.12 0.65 -0.51
C ILE A 43 4.74 0.07 -0.21
N LEU A 44 3.93 -0.01 -1.26
CA LEU A 44 2.58 -0.55 -1.11
C LEU A 44 2.64 -2.07 -1.13
N GLU A 45 2.34 -2.66 0.02
CA GLU A 45 2.36 -4.11 0.14
C GLU A 45 0.94 -4.66 -0.02
N MET A 46 0.88 -5.98 -0.23
CA MET A 46 -0.40 -6.64 -0.41
C MET A 46 -0.27 -8.15 -0.20
N GLU A 47 -1.36 -8.75 0.25
CA GLU A 47 -1.37 -10.18 0.50
C GLU A 47 -2.35 -10.88 -0.45
N GLU A 48 -1.81 -11.72 -1.31
CA GLU A 48 -2.62 -12.45 -2.27
C GLU A 48 -1.80 -13.58 -2.90
N GLU A 49 -2.17 -14.80 -2.54
CA GLU A 49 -1.49 -15.98 -3.05
C GLU A 49 -2.44 -17.17 -3.10
N THR A 50 -1.93 -18.29 -3.61
CA THR A 50 -2.73 -19.49 -3.71
C THR A 50 -3.62 -19.65 -2.47
N SER A 51 -3.06 -19.28 -1.33
CA SER A 51 -3.79 -19.39 -0.08
C SER A 51 -3.75 -18.04 0.66
N GLY A 52 -2.55 -17.51 0.80
CA GLY A 52 -2.36 -16.24 1.48
C GLY A 52 -1.46 -16.41 2.70
N TYR A 53 -0.17 -16.14 2.49
CA TYR A 53 0.79 -16.25 3.57
C TYR A 53 2.01 -15.36 3.31
N GLY A 54 1.91 -14.13 3.78
CA GLY A 54 2.99 -13.17 3.60
C GLY A 54 2.58 -12.06 2.64
N PHE A 55 3.27 -10.94 2.76
CA PHE A 55 2.99 -9.78 1.91
C PHE A 55 4.14 -9.54 0.93
N LYS A 56 3.78 -8.98 -0.22
CA LYS A 56 4.76 -8.69 -1.25
C LYS A 56 4.58 -7.24 -1.73
N PRO A 57 5.72 -6.65 -2.19
CA PRO A 57 5.69 -5.28 -2.67
C PRO A 57 5.03 -5.19 -4.05
N LYS A 58 4.28 -4.11 -4.25
CA LYS A 58 3.60 -3.90 -5.51
C LYS A 58 4.09 -2.59 -6.13
N TYR A 59 4.15 -1.57 -5.31
CA TYR A 59 4.60 -0.25 -5.77
C TYR A 59 5.86 0.18 -5.03
N ASP A 60 6.53 1.17 -5.59
CA ASP A 60 7.75 1.69 -4.99
C ASP A 60 8.11 3.03 -5.66
N GLY A 61 7.48 4.09 -5.16
CA GLY A 61 7.73 5.41 -5.69
C GLY A 61 7.68 6.46 -4.59
N GLU A 62 7.98 7.70 -4.97
CA GLU A 62 7.97 8.80 -4.02
C GLU A 62 6.65 9.56 -4.12
N ASP A 63 5.58 8.80 -4.28
CA ASP A 63 4.24 9.39 -4.38
C ASP A 63 3.41 8.95 -3.18
N LEU A 64 2.35 9.70 -2.92
CA LEU A 64 1.46 9.39 -1.81
C LEU A 64 0.14 8.85 -2.36
N ALA A 65 0.22 8.31 -3.56
CA ALA A 65 -0.97 7.75 -4.21
C ALA A 65 -0.53 6.82 -5.34
N TYR A 66 -1.26 5.71 -5.46
CA TYR A 66 -0.96 4.73 -6.49
C TYR A 66 -2.22 3.98 -6.91
N THR A 67 -2.19 3.47 -8.14
CA THR A 67 -3.32 2.73 -8.68
C THR A 67 -2.92 1.27 -8.92
N VAL A 68 -3.39 0.41 -8.03
CA VAL A 68 -3.11 -1.02 -8.14
C VAL A 68 -3.84 -1.58 -9.35
N LYS A 69 -3.19 -2.55 -9.99
CA LYS A 69 -3.77 -3.20 -11.17
C LYS A 69 -3.60 -4.70 -11.06
N ASN A 70 -4.14 -5.41 -12.04
CA ASN A 70 -4.06 -6.86 -12.06
C ASN A 70 -4.72 -7.43 -10.82
N LEU A 71 -6.03 -7.24 -10.74
CA LEU A 71 -6.79 -7.73 -9.60
C LEU A 71 -7.95 -8.60 -10.10
N ARG A 72 -8.78 -9.01 -9.17
CA ARG A 72 -9.92 -9.86 -9.50
C ARG A 72 -11.22 -9.23 -8.97
N ARG A 73 -12.27 -9.40 -9.75
CA ARG A 73 -13.57 -8.84 -9.37
C ARG A 73 -14.13 -9.61 -8.16
N SER A 74 -14.92 -8.89 -7.37
CA SER A 74 -15.52 -9.48 -6.19
C SER A 74 -14.49 -10.33 -5.45
N THR A 75 -13.61 -9.66 -4.72
CA THR A 75 -12.57 -10.35 -3.96
C THR A 75 -12.20 -9.54 -2.72
N LYS A 76 -11.40 -10.17 -1.87
CA LYS A 76 -10.97 -9.52 -0.65
C LYS A 76 -9.44 -9.44 -0.64
N TYR A 77 -8.94 -8.21 -0.52
CA TYR A 77 -7.51 -7.98 -0.49
C TYR A 77 -7.13 -6.98 0.60
N LYS A 78 -5.89 -7.08 1.04
CA LYS A 78 -5.39 -6.20 2.08
C LYS A 78 -4.31 -5.29 1.51
N PHE A 79 -3.90 -4.31 2.30
CA PHE A 79 -2.86 -3.38 1.88
C PHE A 79 -2.29 -2.63 3.08
N LYS A 80 -0.97 -2.56 3.11
CA LYS A 80 -0.28 -1.87 4.19
C LYS A 80 0.81 -0.97 3.60
N VAL A 81 0.74 0.30 3.97
CA VAL A 81 1.71 1.27 3.50
C VAL A 81 2.99 1.16 4.32
N ILE A 82 4.11 1.03 3.62
CA ILE A 82 5.39 0.91 4.27
C ILE A 82 6.29 2.08 3.83
N ALA A 83 6.59 2.94 4.79
CA ALA A 83 7.43 4.09 4.52
C ALA A 83 8.89 3.74 4.84
N TYR A 84 9.74 3.94 3.84
CA TYR A 84 11.16 3.65 4.01
C TYR A 84 12.01 4.81 3.49
N ASN A 85 13.27 4.82 3.93
CA ASN A 85 14.19 5.86 3.52
C ASN A 85 15.43 5.21 2.88
N SER A 86 16.05 5.95 1.99
CA SER A 86 17.24 5.47 1.30
C SER A 86 18.17 4.79 2.30
N GLU A 87 18.06 5.21 3.55
CA GLU A 87 18.89 4.66 4.60
C GLU A 87 18.40 3.25 4.97
N GLY A 88 17.10 3.14 5.16
CA GLY A 88 16.50 1.87 5.52
C GLY A 88 14.98 1.93 5.40
N LYS A 89 14.32 1.02 6.10
CA LYS A 89 12.87 0.96 6.08
C LYS A 89 12.34 0.86 7.52
N SER A 90 11.16 1.41 7.72
CA SER A 90 10.54 1.40 9.03
C SER A 90 9.48 0.30 9.11
N ASN A 91 8.75 0.30 10.20
CA ASN A 91 7.70 -0.68 10.41
C ASN A 91 6.51 -0.36 9.50
N PRO A 92 5.74 -1.42 9.16
CA PRO A 92 4.58 -1.27 8.30
C PRO A 92 3.42 -0.63 9.05
N SER A 93 2.47 -0.10 8.29
CA SER A 93 1.31 0.53 8.88
C SER A 93 0.18 -0.49 9.06
N GLU A 94 -0.88 -0.04 9.72
CA GLU A 94 -2.03 -0.90 9.96
C GLU A 94 -2.54 -1.49 8.65
N VAL A 95 -2.68 -2.81 8.64
CA VAL A 95 -3.16 -3.49 7.45
C VAL A 95 -4.65 -3.18 7.26
N VAL A 96 -4.94 -2.56 6.12
CA VAL A 96 -6.31 -2.20 5.80
C VAL A 96 -6.89 -3.22 4.81
N GLU A 97 -8.21 -3.26 4.76
CA GLU A 97 -8.89 -4.19 3.87
C GLU A 97 -9.70 -3.41 2.83
N PHE A 98 -9.93 -4.08 1.69
CA PHE A 98 -10.69 -3.47 0.62
C PHE A 98 -11.32 -4.53 -0.28
N THR A 99 -12.24 -4.08 -1.12
CA THR A 99 -12.93 -4.99 -2.02
C THR A 99 -13.13 -4.31 -3.39
N THR A 100 -13.10 -5.15 -4.43
CA THR A 100 -13.27 -4.65 -5.78
C THR A 100 -14.77 -4.58 -6.13
N CYS A 101 -15.03 -4.10 -7.34
CA CYS A 101 -16.40 -3.98 -7.81
C CYS A 101 -16.74 -5.22 -8.63
N PRO A 102 -18.06 -5.39 -8.91
CA PRO A 102 -18.53 -6.53 -9.69
C PRO A 102 -18.20 -6.35 -11.17
N ASP A 103 -17.56 -7.37 -11.73
CA ASP A 103 -17.19 -7.34 -13.13
C ASP A 103 -18.37 -7.83 -13.98
N SER A 104 -19.07 -6.87 -14.58
CA SER A 104 -20.21 -7.19 -15.42
C SER A 104 -20.18 -6.35 -16.69
N GLY A 105 -19.73 -6.98 -17.77
CA GLY A 105 -19.63 -6.30 -19.05
C GLY A 105 -18.95 -4.94 -18.90
N PRO A 106 -19.16 -4.08 -19.94
CA PRO A 106 -18.57 -2.75 -19.94
C PRO A 106 -19.31 -1.82 -18.98
N SER A 107 -18.62 -0.77 -18.57
CA SER A 107 -19.20 0.20 -17.66
C SER A 107 -20.66 0.49 -18.07
N SER A 108 -21.55 0.27 -17.12
CA SER A 108 -22.97 0.50 -17.36
C SER A 108 -23.43 -0.31 -18.57
N GLY A 109 -24.13 -1.40 -18.28
CA GLY A 109 -24.64 -2.27 -19.32
C GLY A 109 -25.69 -3.24 -18.77
N GLY A 1 22.63 1.99 20.40
CA GLY A 1 21.94 0.73 20.67
C GLY A 1 20.50 0.97 21.11
N SER A 2 19.91 -0.06 21.70
CA SER A 2 18.53 0.04 22.16
C SER A 2 17.66 0.71 21.10
N SER A 3 17.20 -0.10 20.16
CA SER A 3 16.36 0.40 19.09
C SER A 3 16.98 1.67 18.48
N GLY A 4 17.75 1.47 17.43
CA GLY A 4 18.40 2.58 16.75
C GLY A 4 18.19 2.51 15.24
N SER A 5 18.84 3.44 14.54
CA SER A 5 18.73 3.49 13.10
C SER A 5 17.26 3.35 12.68
N SER A 6 16.59 4.48 12.61
CA SER A 6 15.19 4.51 12.23
C SER A 6 14.94 5.64 11.23
N GLY A 7 14.05 5.36 10.28
CA GLY A 7 13.72 6.34 9.26
C GLY A 7 12.40 7.04 9.58
N PRO A 8 11.43 6.91 8.63
CA PRO A 8 10.13 7.52 8.81
C PRO A 8 9.29 6.74 9.83
N SER A 9 8.67 7.48 10.74
CA SER A 9 7.84 6.88 11.76
C SER A 9 6.69 6.09 11.11
N MET A 10 5.82 5.56 11.96
CA MET A 10 4.69 4.79 11.49
C MET A 10 3.70 5.68 10.74
N PRO A 11 3.54 5.40 9.42
CA PRO A 11 2.62 6.15 8.59
C PRO A 11 1.17 5.77 8.88
N ALA A 12 0.26 6.61 8.40
CA ALA A 12 -1.16 6.37 8.60
C ALA A 12 -1.65 5.35 7.56
N SER A 13 -2.49 4.44 8.02
CA SER A 13 -3.03 3.42 7.14
C SER A 13 -3.48 4.04 5.82
N PRO A 14 -3.35 3.25 4.73
CA PRO A 14 -3.74 3.71 3.41
C PRO A 14 -5.26 3.73 3.25
N VAL A 15 -5.73 4.65 2.42
CA VAL A 15 -7.15 4.79 2.19
C VAL A 15 -7.47 4.35 0.75
N LEU A 16 -8.74 4.13 0.51
CA LEU A 16 -9.19 3.70 -0.81
C LEU A 16 -10.11 4.78 -1.41
N THR A 17 -9.50 5.69 -2.15
CA THR A 17 -10.25 6.77 -2.78
C THR A 17 -11.31 6.20 -3.72
N LYS A 18 -10.83 5.42 -4.69
CA LYS A 18 -11.73 4.82 -5.66
C LYS A 18 -11.42 3.32 -5.77
N ALA A 19 -12.47 2.52 -5.68
CA ALA A 19 -12.32 1.08 -5.77
C ALA A 19 -12.75 0.61 -7.15
N GLY A 20 -11.82 -0.02 -7.85
CA GLY A 20 -12.09 -0.51 -9.19
C GLY A 20 -12.30 -2.03 -9.17
N ILE A 21 -12.77 -2.53 -10.30
CA ILE A 21 -13.02 -3.96 -10.44
C ILE A 21 -11.69 -4.70 -10.54
N THR A 22 -10.88 -4.28 -11.51
CA THR A 22 -9.59 -4.89 -11.72
C THR A 22 -8.46 -3.92 -11.36
N TRP A 23 -8.81 -2.99 -10.48
CA TRP A 23 -7.84 -1.99 -10.03
C TRP A 23 -8.34 -1.42 -8.70
N LEU A 24 -7.39 -0.93 -7.92
CA LEU A 24 -7.71 -0.36 -6.63
C LEU A 24 -6.89 0.92 -6.42
N SER A 25 -7.60 2.03 -6.34
CA SER A 25 -6.94 3.32 -6.14
C SER A 25 -6.72 3.58 -4.65
N LEU A 26 -5.49 3.34 -4.23
CA LEU A 26 -5.12 3.54 -2.83
C LEU A 26 -4.68 4.99 -2.62
N GLN A 27 -4.44 5.33 -1.36
CA GLN A 27 -4.01 6.67 -1.02
C GLN A 27 -3.45 6.69 0.41
N TRP A 28 -2.23 7.20 0.52
CA TRP A 28 -1.59 7.29 1.82
C TRP A 28 -0.96 8.68 1.94
N SER A 29 -0.62 9.03 3.17
CA SER A 29 -0.03 10.33 3.43
C SER A 29 1.27 10.16 4.23
N LYS A 30 2.00 11.25 4.37
CA LYS A 30 3.25 11.24 5.11
C LYS A 30 2.98 11.51 6.58
N PRO A 31 3.93 11.08 7.44
CA PRO A 31 3.82 11.27 8.88
C PRO A 31 4.07 12.73 9.26
N SER A 32 3.73 13.05 10.50
CA SER A 32 3.92 14.40 11.01
C SER A 32 5.41 14.66 11.25
N GLY A 33 5.78 15.92 11.12
CA GLY A 33 7.17 16.32 11.33
C GLY A 33 8.12 15.26 10.78
N THR A 34 8.44 15.38 9.50
CA THR A 34 9.34 14.45 8.86
C THR A 34 10.79 14.85 9.11
N PRO A 35 11.71 13.84 8.99
CA PRO A 35 13.12 14.08 9.20
C PRO A 35 13.73 14.80 8.01
N SER A 36 15.05 14.88 8.02
CA SER A 36 15.78 15.54 6.95
C SER A 36 15.83 14.64 5.71
N ASP A 37 14.71 14.59 5.00
CA ASP A 37 14.62 13.77 3.80
C ASP A 37 13.56 14.37 2.87
N GLU A 38 14.05 15.09 1.87
CA GLU A 38 13.17 15.72 0.90
C GLU A 38 12.55 14.66 -0.02
N GLY A 39 11.32 14.28 0.30
CA GLY A 39 10.62 13.28 -0.49
C GLY A 39 10.73 11.89 0.16
N ILE A 40 9.60 11.43 0.66
CA ILE A 40 9.55 10.12 1.30
C ILE A 40 8.94 9.10 0.35
N SER A 41 9.39 7.86 0.48
CA SER A 41 8.91 6.79 -0.37
C SER A 41 8.17 5.75 0.47
N TYR A 42 7.10 5.22 -0.11
CA TYR A 42 6.30 4.22 0.58
C TYR A 42 6.04 3.01 -0.32
N ILE A 43 6.20 1.83 0.25
CA ILE A 43 5.98 0.60 -0.50
C ILE A 43 4.58 0.07 -0.21
N LEU A 44 3.78 0.00 -1.26
CA LEU A 44 2.41 -0.48 -1.14
C LEU A 44 2.41 -2.01 -1.25
N GLU A 45 2.33 -2.65 -0.09
CA GLU A 45 2.31 -4.11 -0.04
C GLU A 45 0.87 -4.61 -0.04
N MET A 46 0.72 -5.88 -0.40
CA MET A 46 -0.59 -6.51 -0.46
C MET A 46 -0.48 -8.03 -0.42
N GLU A 47 -1.31 -8.64 0.41
CA GLU A 47 -1.32 -10.08 0.55
C GLU A 47 -2.73 -10.58 0.90
N GLU A 48 -3.07 -11.72 0.34
CA GLU A 48 -4.37 -12.31 0.58
C GLU A 48 -4.31 -13.27 1.78
N GLU A 49 -5.03 -12.90 2.83
CA GLU A 49 -5.07 -13.71 4.04
C GLU A 49 -3.66 -14.17 4.40
N THR A 50 -3.61 -15.19 5.25
CA THR A 50 -2.34 -15.74 5.68
C THR A 50 -1.60 -16.38 4.50
N SER A 51 -0.28 -16.23 4.51
CA SER A 51 0.54 -16.78 3.45
C SER A 51 2.00 -16.86 3.91
N GLY A 52 2.59 -18.01 3.68
CA GLY A 52 3.98 -18.23 4.06
C GLY A 52 4.91 -17.24 3.36
N TYR A 53 4.67 -17.09 2.06
CA TYR A 53 5.48 -16.19 1.25
C TYR A 53 5.65 -14.84 1.96
N GLY A 54 4.52 -14.22 2.28
CA GLY A 54 4.53 -12.94 2.95
C GLY A 54 4.19 -11.81 1.98
N PHE A 55 3.83 -10.66 2.55
CA PHE A 55 3.48 -9.51 1.74
C PHE A 55 4.58 -9.19 0.73
N LYS A 56 4.16 -9.10 -0.53
CA LYS A 56 5.11 -8.81 -1.60
C LYS A 56 4.92 -7.35 -2.05
N PRO A 57 6.05 -6.74 -2.47
CA PRO A 57 6.03 -5.35 -2.93
C PRO A 57 5.41 -5.24 -4.32
N LYS A 58 4.54 -4.25 -4.47
CA LYS A 58 3.87 -4.03 -5.73
C LYS A 58 4.28 -2.67 -6.29
N TYR A 59 4.39 -1.71 -5.39
CA TYR A 59 4.78 -0.36 -5.79
C TYR A 59 6.07 0.07 -5.08
N ASP A 60 6.71 1.08 -5.64
CA ASP A 60 7.96 1.58 -5.08
C ASP A 60 8.29 2.93 -5.74
N GLY A 61 7.71 3.97 -5.19
CA GLY A 61 7.93 5.31 -5.71
C GLY A 61 7.84 6.35 -4.59
N GLU A 62 7.98 7.62 -5.00
CA GLU A 62 7.91 8.71 -4.04
C GLU A 62 6.61 9.49 -4.22
N ASP A 63 5.52 8.74 -4.36
CA ASP A 63 4.21 9.34 -4.53
C ASP A 63 3.31 8.93 -3.37
N LEU A 64 2.33 9.79 -3.10
CA LEU A 64 1.39 9.54 -2.01
C LEU A 64 0.08 9.00 -2.60
N ALA A 65 0.20 8.31 -3.72
CA ALA A 65 -0.97 7.75 -4.38
C ALA A 65 -0.50 6.80 -5.47
N TYR A 66 -1.27 5.72 -5.65
CA TYR A 66 -0.96 4.72 -6.65
C TYR A 66 -2.21 3.94 -7.06
N THR A 67 -2.18 3.44 -8.29
CA THR A 67 -3.31 2.68 -8.80
C THR A 67 -2.89 1.23 -9.06
N VAL A 68 -3.42 0.35 -8.23
CA VAL A 68 -3.11 -1.07 -8.36
C VAL A 68 -3.90 -1.66 -9.53
N LYS A 69 -3.24 -2.57 -10.24
CA LYS A 69 -3.87 -3.21 -11.38
C LYS A 69 -3.72 -4.73 -11.25
N ASN A 70 -4.32 -5.43 -12.19
CA ASN A 70 -4.28 -6.88 -12.19
C ASN A 70 -4.97 -7.41 -10.94
N LEU A 71 -6.29 -7.23 -10.91
CA LEU A 71 -7.07 -7.67 -9.78
C LEU A 71 -8.23 -8.54 -10.28
N ARG A 72 -9.09 -8.92 -9.35
CA ARG A 72 -10.24 -9.75 -9.69
C ARG A 72 -11.52 -9.13 -9.13
N ARG A 73 -12.58 -9.24 -9.92
CA ARG A 73 -13.87 -8.70 -9.52
C ARG A 73 -14.31 -9.31 -8.19
N SER A 74 -15.03 -8.50 -7.42
CA SER A 74 -15.52 -8.95 -6.13
C SER A 74 -14.46 -9.80 -5.43
N THR A 75 -13.47 -9.13 -4.86
CA THR A 75 -12.40 -9.82 -4.16
C THR A 75 -11.89 -8.96 -3.00
N LYS A 76 -11.47 -9.66 -1.95
CA LYS A 76 -10.95 -8.98 -0.77
C LYS A 76 -9.42 -9.07 -0.77
N TYR A 77 -8.80 -7.95 -0.40
CA TYR A 77 -7.36 -7.88 -0.35
C TYR A 77 -6.89 -6.98 0.79
N LYS A 78 -5.76 -7.36 1.37
CA LYS A 78 -5.20 -6.59 2.48
C LYS A 78 -3.99 -5.79 1.98
N PHE A 79 -3.91 -4.55 2.42
CA PHE A 79 -2.83 -3.67 2.03
C PHE A 79 -2.22 -2.96 3.24
N LYS A 80 -0.92 -2.76 3.18
CA LYS A 80 -0.22 -2.09 4.26
C LYS A 80 0.79 -1.10 3.68
N VAL A 81 0.75 0.11 4.21
CA VAL A 81 1.65 1.15 3.75
C VAL A 81 2.92 1.14 4.60
N ILE A 82 4.06 1.01 3.92
CA ILE A 82 5.34 0.98 4.61
C ILE A 82 6.18 2.16 4.13
N ALA A 83 6.56 2.99 5.09
CA ALA A 83 7.38 4.16 4.79
C ALA A 83 8.84 3.84 5.05
N TYR A 84 9.64 3.98 4.00
CA TYR A 84 11.07 3.69 4.10
C TYR A 84 11.89 4.85 3.53
N ASN A 85 13.16 4.86 3.89
CA ASN A 85 14.06 5.90 3.43
C ASN A 85 15.26 5.26 2.71
N SER A 86 15.79 6.00 1.74
CA SER A 86 16.92 5.50 0.97
C SER A 86 17.99 4.94 1.92
N GLU A 87 17.96 5.42 3.15
CA GLU A 87 18.91 4.98 4.16
C GLU A 87 18.45 3.63 4.76
N GLY A 88 17.18 3.58 5.12
CA GLY A 88 16.62 2.38 5.69
C GLY A 88 15.09 2.44 5.72
N LYS A 89 14.48 1.31 6.05
CA LYS A 89 13.04 1.24 6.11
C LYS A 89 12.59 1.24 7.57
N SER A 90 11.29 1.45 7.77
CA SER A 90 10.74 1.48 9.12
C SER A 90 9.73 0.35 9.29
N ASN A 91 8.91 0.47 10.32
CA ASN A 91 7.90 -0.53 10.61
C ASN A 91 6.67 -0.26 9.74
N PRO A 92 5.92 -1.36 9.45
CA PRO A 92 4.72 -1.26 8.64
C PRO A 92 3.57 -0.64 9.43
N SER A 93 2.57 -0.17 8.69
CA SER A 93 1.41 0.45 9.31
C SER A 93 0.25 -0.55 9.37
N GLU A 94 -0.82 -0.12 10.00
CA GLU A 94 -2.00 -0.96 10.13
C GLU A 94 -2.47 -1.45 8.76
N VAL A 95 -2.66 -2.75 8.65
CA VAL A 95 -3.10 -3.34 7.41
C VAL A 95 -4.60 -3.11 7.24
N VAL A 96 -4.97 -2.62 6.07
CA VAL A 96 -6.37 -2.34 5.77
C VAL A 96 -6.84 -3.28 4.66
N GLU A 97 -8.16 -3.36 4.52
CA GLU A 97 -8.75 -4.22 3.51
C GLU A 97 -9.71 -3.42 2.63
N PHE A 98 -9.94 -3.93 1.43
CA PHE A 98 -10.83 -3.28 0.49
C PHE A 98 -11.43 -4.28 -0.49
N THR A 99 -12.55 -3.89 -1.08
CA THR A 99 -13.23 -4.75 -2.03
C THR A 99 -13.36 -4.04 -3.38
N THR A 100 -13.44 -4.84 -4.43
CA THR A 100 -13.57 -4.32 -5.78
C THR A 100 -15.04 -4.07 -6.11
N CYS A 101 -15.26 -3.49 -7.28
CA CYS A 101 -16.61 -3.20 -7.74
C CYS A 101 -17.20 -4.48 -8.35
N PRO A 102 -18.54 -4.43 -8.59
CA PRO A 102 -19.24 -5.57 -9.17
C PRO A 102 -18.94 -5.68 -10.66
N ASP A 103 -18.79 -6.92 -11.11
CA ASP A 103 -18.50 -7.18 -12.50
C ASP A 103 -19.52 -8.19 -13.05
N SER A 104 -19.47 -9.39 -12.49
CA SER A 104 -20.38 -10.44 -12.91
C SER A 104 -19.98 -10.97 -14.28
N GLY A 105 -19.67 -12.26 -14.32
CA GLY A 105 -19.26 -12.89 -15.57
C GLY A 105 -20.41 -13.68 -16.18
N PRO A 106 -20.81 -13.27 -17.41
CA PRO A 106 -21.90 -13.93 -18.11
C PRO A 106 -21.45 -15.28 -18.67
N SER A 107 -22.43 -16.11 -19.00
CA SER A 107 -22.15 -17.42 -19.55
C SER A 107 -21.52 -17.29 -20.94
N SER A 108 -20.22 -17.56 -20.99
CA SER A 108 -19.49 -17.47 -22.24
C SER A 108 -18.11 -18.13 -22.09
N GLY A 109 -18.11 -19.44 -22.17
CA GLY A 109 -16.88 -20.19 -22.04
C GLY A 109 -17.17 -21.68 -21.75
N GLY A 1 27.52 -4.43 17.09
CA GLY A 1 26.47 -4.10 18.02
C GLY A 1 26.06 -2.62 17.90
N SER A 2 25.37 -2.32 16.82
CA SER A 2 24.91 -0.97 16.57
C SER A 2 23.71 -0.65 17.45
N SER A 3 23.72 0.55 18.01
CA SER A 3 22.64 0.99 18.87
C SER A 3 22.07 2.33 18.37
N GLY A 4 21.03 2.22 17.56
CA GLY A 4 20.40 3.40 17.01
C GLY A 4 20.22 3.27 15.50
N SER A 5 19.09 3.79 15.01
CA SER A 5 18.79 3.74 13.59
C SER A 5 17.85 4.87 13.21
N SER A 6 17.91 5.25 11.95
CA SER A 6 17.07 6.32 11.45
C SER A 6 15.95 5.75 10.57
N GLY A 7 14.92 6.56 10.36
CA GLY A 7 13.79 6.14 9.55
C GLY A 7 12.52 6.91 9.96
N PRO A 8 11.56 6.97 8.99
CA PRO A 8 10.30 7.66 9.24
C PRO A 8 9.39 6.82 10.14
N SER A 9 8.67 7.52 11.00
CA SER A 9 7.76 6.86 11.92
C SER A 9 6.73 6.04 11.13
N MET A 10 5.71 5.59 11.85
CA MET A 10 4.67 4.79 11.24
C MET A 10 3.70 5.66 10.44
N PRO A 11 3.57 5.36 9.13
CA PRO A 11 2.69 6.11 8.27
C PRO A 11 1.22 5.74 8.53
N ALA A 12 0.33 6.51 7.92
CA ALA A 12 -1.09 6.28 8.09
C ALA A 12 -1.56 5.24 7.06
N SER A 13 -2.38 4.32 7.53
CA SER A 13 -2.90 3.27 6.67
C SER A 13 -3.41 3.87 5.35
N PRO A 14 -3.21 3.10 4.26
CA PRO A 14 -3.64 3.55 2.93
C PRO A 14 -5.15 3.44 2.78
N VAL A 15 -5.77 4.55 2.40
CA VAL A 15 -7.21 4.58 2.22
C VAL A 15 -7.55 4.03 0.83
N LEU A 16 -8.82 4.15 0.48
CA LEU A 16 -9.29 3.68 -0.80
C LEU A 16 -10.20 4.74 -1.44
N THR A 17 -9.56 5.65 -2.17
CA THR A 17 -10.29 6.71 -2.84
C THR A 17 -11.29 6.14 -3.84
N LYS A 18 -10.77 5.39 -4.80
CA LYS A 18 -11.60 4.78 -5.81
C LYS A 18 -11.32 3.28 -5.86
N ALA A 19 -12.41 2.51 -5.94
CA ALA A 19 -12.30 1.07 -5.98
C ALA A 19 -12.82 0.56 -7.33
N GLY A 20 -11.92 -0.07 -8.07
CA GLY A 20 -12.28 -0.61 -9.38
C GLY A 20 -12.57 -2.11 -9.30
N ILE A 21 -12.63 -2.73 -10.47
CA ILE A 21 -12.90 -4.15 -10.54
C ILE A 21 -11.58 -4.92 -10.58
N THR A 22 -10.66 -4.41 -11.38
CA THR A 22 -9.35 -5.02 -11.52
C THR A 22 -8.25 -4.04 -11.15
N TRP A 23 -8.64 -3.02 -10.39
CA TRP A 23 -7.69 -2.00 -9.96
C TRP A 23 -8.21 -1.40 -8.65
N LEU A 24 -7.27 -0.87 -7.88
CA LEU A 24 -7.61 -0.27 -6.60
C LEU A 24 -6.79 1.01 -6.40
N SER A 25 -7.49 2.12 -6.27
CA SER A 25 -6.84 3.40 -6.07
C SER A 25 -6.73 3.71 -4.58
N LEU A 26 -5.53 3.47 -4.05
CA LEU A 26 -5.28 3.72 -2.64
C LEU A 26 -4.54 5.05 -2.48
N GLN A 27 -4.71 5.65 -1.31
CA GLN A 27 -4.06 6.92 -1.02
C GLN A 27 -3.50 6.91 0.40
N TRP A 28 -2.24 7.32 0.51
CA TRP A 28 -1.58 7.37 1.80
C TRP A 28 -0.90 8.74 1.93
N SER A 29 -0.54 9.07 3.16
CA SER A 29 0.11 10.34 3.43
C SER A 29 1.43 10.11 4.17
N LYS A 30 2.13 11.19 4.44
CA LYS A 30 3.40 11.12 5.15
C LYS A 30 3.15 11.00 6.65
N PRO A 31 4.23 10.64 7.39
CA PRO A 31 4.13 10.49 8.83
C PRO A 31 4.07 11.85 9.52
N SER A 32 3.09 12.64 9.11
CA SER A 32 2.91 13.96 9.68
C SER A 32 4.21 14.75 9.60
N GLY A 33 4.29 15.60 8.59
CA GLY A 33 5.48 16.42 8.39
C GLY A 33 6.75 15.63 8.73
N THR A 34 7.31 15.00 7.70
CA THR A 34 8.51 14.22 7.86
C THR A 34 9.61 15.06 8.51
N PRO A 35 10.62 14.35 9.08
CA PRO A 35 11.74 15.02 9.73
C PRO A 35 12.70 15.61 8.71
N SER A 36 13.85 16.03 9.19
CA SER A 36 14.86 16.62 8.33
C SER A 36 15.13 15.69 7.14
N ASP A 37 15.45 16.31 6.01
CA ASP A 37 15.73 15.57 4.79
C ASP A 37 14.45 14.89 4.30
N GLU A 38 13.98 15.34 3.15
CA GLU A 38 12.77 14.79 2.56
C GLU A 38 13.12 13.77 1.48
N GLY A 39 12.09 13.32 0.78
CA GLY A 39 12.27 12.35 -0.29
C GLY A 39 11.92 10.94 0.20
N ILE A 40 11.08 10.88 1.22
CA ILE A 40 10.66 9.62 1.78
C ILE A 40 9.78 8.88 0.76
N SER A 41 9.93 7.56 0.76
CA SER A 41 9.16 6.73 -0.16
C SER A 41 8.24 5.79 0.63
N TYR A 42 7.21 5.32 -0.05
CA TYR A 42 6.26 4.41 0.57
C TYR A 42 6.02 3.18 -0.30
N ILE A 43 6.09 2.02 0.34
CA ILE A 43 5.88 0.77 -0.38
C ILE A 43 4.46 0.27 -0.12
N LEU A 44 3.82 -0.16 -1.19
CA LEU A 44 2.46 -0.66 -1.10
C LEU A 44 2.47 -2.19 -1.19
N GLU A 45 2.21 -2.83 -0.07
CA GLU A 45 2.19 -4.28 -0.02
C GLU A 45 0.75 -4.79 -0.12
N MET A 46 0.64 -6.08 -0.41
CA MET A 46 -0.66 -6.71 -0.54
C MET A 46 -0.58 -8.22 -0.28
N GLU A 47 -1.54 -8.70 0.49
CA GLU A 47 -1.59 -10.11 0.83
C GLU A 47 -3.03 -10.61 0.81
N GLU A 48 -3.16 -11.93 0.78
CA GLU A 48 -4.48 -12.55 0.75
C GLU A 48 -4.60 -13.59 1.87
N GLU A 49 -5.63 -14.42 1.76
CA GLU A 49 -5.87 -15.46 2.75
C GLU A 49 -4.67 -16.41 2.81
N THR A 50 -4.84 -17.46 3.60
CA THR A 50 -3.78 -18.45 3.76
C THR A 50 -3.30 -18.94 2.40
N SER A 51 -1.99 -18.88 2.20
CA SER A 51 -1.39 -19.31 0.95
C SER A 51 0.04 -19.79 1.20
N GLY A 52 0.81 -18.96 1.86
CA GLY A 52 2.19 -19.28 2.16
C GLY A 52 3.16 -18.48 1.27
N TYR A 53 3.39 -17.24 1.69
CA TYR A 53 4.29 -16.37 0.95
C TYR A 53 4.59 -15.10 1.74
N GLY A 54 3.54 -14.39 2.09
CA GLY A 54 3.68 -13.15 2.84
C GLY A 54 3.44 -11.93 1.96
N PHE A 55 3.27 -10.79 2.61
CA PHE A 55 3.02 -9.54 1.90
C PHE A 55 4.15 -9.26 0.90
N LYS A 56 3.76 -9.01 -0.34
CA LYS A 56 4.72 -8.72 -1.39
C LYS A 56 4.56 -7.27 -1.84
N PRO A 57 5.70 -6.68 -2.28
CA PRO A 57 5.69 -5.30 -2.74
C PRO A 57 5.05 -5.18 -4.13
N LYS A 58 4.15 -4.22 -4.26
CA LYS A 58 3.47 -4.00 -5.52
C LYS A 58 3.92 -2.66 -6.12
N TYR A 59 4.18 -1.72 -5.23
CA TYR A 59 4.63 -0.40 -5.66
C TYR A 59 5.95 -0.03 -4.99
N ASP A 60 6.60 0.98 -5.56
CA ASP A 60 7.87 1.44 -5.02
C ASP A 60 8.21 2.80 -5.64
N GLY A 61 7.63 3.84 -5.06
CA GLY A 61 7.86 5.19 -5.54
C GLY A 61 7.75 6.21 -4.40
N GLU A 62 7.87 7.47 -4.76
CA GLU A 62 7.78 8.55 -3.78
C GLU A 62 6.50 9.36 -4.00
N ASP A 63 5.41 8.64 -4.25
CA ASP A 63 4.13 9.29 -4.47
C ASP A 63 3.20 8.96 -3.30
N LEU A 64 2.23 9.84 -3.09
CA LEU A 64 1.27 9.67 -2.02
C LEU A 64 -0.04 9.13 -2.61
N ALA A 65 0.09 8.40 -3.70
CA ALA A 65 -1.08 7.85 -4.36
C ALA A 65 -0.62 6.88 -5.46
N TYR A 66 -1.38 5.79 -5.61
CA TYR A 66 -1.07 4.80 -6.61
C TYR A 66 -2.32 4.06 -7.07
N THR A 67 -2.23 3.46 -8.24
CA THR A 67 -3.35 2.72 -8.80
C THR A 67 -2.94 1.28 -9.09
N VAL A 68 -3.43 0.39 -8.24
CA VAL A 68 -3.13 -1.03 -8.39
C VAL A 68 -3.85 -1.57 -9.63
N LYS A 69 -3.24 -2.59 -10.22
CA LYS A 69 -3.80 -3.21 -11.41
C LYS A 69 -3.58 -4.72 -11.35
N ASN A 70 -4.23 -5.42 -12.28
CA ASN A 70 -4.11 -6.87 -12.34
C ASN A 70 -4.72 -7.48 -11.08
N LEU A 71 -6.01 -7.22 -10.90
CA LEU A 71 -6.73 -7.74 -9.75
C LEU A 71 -7.89 -8.62 -10.23
N ARG A 72 -8.77 -8.95 -9.29
CA ARG A 72 -9.92 -9.78 -9.60
C ARG A 72 -11.21 -9.11 -9.13
N ARG A 73 -12.29 -9.40 -9.83
CA ARG A 73 -13.58 -8.84 -9.49
C ARG A 73 -14.13 -9.50 -8.22
N SER A 74 -14.73 -8.68 -7.38
CA SER A 74 -15.30 -9.17 -6.13
C SER A 74 -14.28 -10.03 -5.40
N THR A 75 -13.35 -9.36 -4.75
CA THR A 75 -12.30 -10.05 -4.00
C THR A 75 -11.86 -9.20 -2.81
N LYS A 76 -11.30 -9.88 -1.81
CA LYS A 76 -10.83 -9.21 -0.62
C LYS A 76 -9.30 -9.25 -0.59
N TYR A 77 -8.71 -8.05 -0.67
CA TYR A 77 -7.27 -7.94 -0.65
C TYR A 77 -6.80 -7.02 0.49
N LYS A 78 -5.63 -7.34 1.02
CA LYS A 78 -5.07 -6.56 2.11
C LYS A 78 -4.02 -5.59 1.55
N PHE A 79 -3.73 -4.57 2.33
CA PHE A 79 -2.75 -3.56 1.92
C PHE A 79 -2.21 -2.81 3.14
N LYS A 80 -0.91 -2.52 3.09
CA LYS A 80 -0.26 -1.81 4.16
C LYS A 80 0.84 -0.91 3.58
N VAL A 81 0.78 0.36 3.96
CA VAL A 81 1.75 1.33 3.49
C VAL A 81 3.00 1.24 4.37
N ILE A 82 4.15 1.14 3.70
CA ILE A 82 5.42 1.06 4.39
C ILE A 82 6.31 2.23 3.97
N ALA A 83 6.58 3.10 4.92
CA ALA A 83 7.42 4.26 4.66
C ALA A 83 8.88 3.90 4.93
N TYR A 84 9.68 3.97 3.88
CA TYR A 84 11.10 3.65 3.99
C TYR A 84 11.95 4.81 3.44
N ASN A 85 13.22 4.78 3.82
CA ASN A 85 14.15 5.80 3.38
C ASN A 85 15.34 5.14 2.67
N SER A 86 15.92 5.87 1.74
CA SER A 86 17.06 5.37 0.99
C SER A 86 18.02 4.64 1.92
N GLU A 87 18.01 5.06 3.18
CA GLU A 87 18.87 4.46 4.18
C GLU A 87 18.37 3.07 4.55
N GLY A 88 17.07 3.00 4.82
CA GLY A 88 16.45 1.73 5.19
C GLY A 88 14.92 1.84 5.16
N LYS A 89 14.29 0.97 5.92
CA LYS A 89 12.83 0.96 5.99
C LYS A 89 12.39 0.91 7.46
N SER A 90 11.16 1.36 7.68
CA SER A 90 10.62 1.37 9.02
C SER A 90 9.53 0.29 9.16
N ASN A 91 8.75 0.41 10.23
CA ASN A 91 7.68 -0.53 10.48
C ASN A 91 6.49 -0.20 9.57
N PRO A 92 5.71 -1.27 9.25
CA PRO A 92 4.54 -1.10 8.39
C PRO A 92 3.39 -0.44 9.15
N SER A 93 2.41 0.02 8.39
CA SER A 93 1.25 0.68 8.97
C SER A 93 0.15 -0.35 9.22
N GLU A 94 -0.93 0.14 9.84
CA GLU A 94 -2.06 -0.72 10.14
C GLU A 94 -2.63 -1.33 8.86
N VAL A 95 -2.54 -2.65 8.77
CA VAL A 95 -3.04 -3.35 7.59
C VAL A 95 -4.52 -3.02 7.40
N VAL A 96 -4.87 -2.67 6.17
CA VAL A 96 -6.24 -2.33 5.85
C VAL A 96 -6.82 -3.40 4.92
N GLU A 97 -8.13 -3.35 4.74
CA GLU A 97 -8.81 -4.30 3.89
C GLU A 97 -9.80 -3.57 2.96
N PHE A 98 -9.78 -3.97 1.70
CA PHE A 98 -10.67 -3.36 0.71
C PHE A 98 -11.24 -4.43 -0.23
N THR A 99 -12.19 -4.00 -1.04
CA THR A 99 -12.83 -4.90 -1.99
C THR A 99 -13.02 -4.20 -3.34
N THR A 100 -12.97 -5.00 -4.40
CA THR A 100 -13.13 -4.47 -5.75
C THR A 100 -14.62 -4.27 -6.06
N CYS A 101 -14.87 -3.79 -7.26
CA CYS A 101 -16.24 -3.56 -7.70
C CYS A 101 -16.66 -4.71 -8.61
N PRO A 102 -17.99 -4.77 -8.90
CA PRO A 102 -18.52 -5.81 -9.75
C PRO A 102 -18.18 -5.54 -11.22
N ASP A 103 -17.56 -6.53 -11.84
CA ASP A 103 -17.17 -6.43 -13.24
C ASP A 103 -18.39 -6.01 -14.06
N SER A 104 -19.46 -6.77 -13.91
CA SER A 104 -20.68 -6.50 -14.64
C SER A 104 -21.85 -6.38 -13.67
N GLY A 105 -22.86 -5.63 -14.09
CA GLY A 105 -24.04 -5.44 -13.27
C GLY A 105 -25.32 -5.61 -14.08
N PRO A 106 -25.69 -4.52 -14.81
CA PRO A 106 -26.89 -4.55 -15.64
C PRO A 106 -26.66 -5.36 -16.92
N SER A 107 -25.60 -4.99 -17.63
CA SER A 107 -25.26 -5.68 -18.87
C SER A 107 -26.40 -5.54 -19.88
N SER A 108 -26.31 -4.50 -20.69
CA SER A 108 -27.31 -4.24 -21.69
C SER A 108 -28.68 -4.04 -21.03
N GLY A 109 -29.02 -2.76 -20.85
CA GLY A 109 -30.28 -2.42 -20.23
C GLY A 109 -31.45 -3.07 -20.96
N GLY A 1 22.26 -1.48 6.85
CA GLY A 1 22.62 -1.82 8.22
C GLY A 1 23.26 -0.63 8.93
N SER A 2 22.81 -0.41 10.16
CA SER A 2 23.32 0.69 10.96
C SER A 2 23.06 0.42 12.44
N SER A 3 23.85 1.08 13.27
CA SER A 3 23.72 0.93 14.72
C SER A 3 23.12 2.20 15.32
N GLY A 4 21.79 2.20 15.39
CA GLY A 4 21.08 3.35 15.95
C GLY A 4 19.65 3.42 15.41
N SER A 5 19.41 4.45 14.62
CA SER A 5 18.09 4.66 14.03
C SER A 5 18.24 5.21 12.61
N SER A 6 17.26 4.89 11.78
CA SER A 6 17.26 5.36 10.40
C SER A 6 15.99 4.88 9.69
N GLY A 7 15.04 5.80 9.54
CA GLY A 7 13.80 5.48 8.88
C GLY A 7 12.65 6.31 9.47
N PRO A 8 11.59 6.50 8.63
CA PRO A 8 10.43 7.26 9.04
C PRO A 8 9.55 6.46 10.00
N SER A 9 8.86 7.19 10.88
CA SER A 9 7.99 6.55 11.85
C SER A 9 6.81 5.87 11.14
N MET A 10 5.94 5.29 11.94
CA MET A 10 4.77 4.61 11.41
C MET A 10 3.86 5.58 10.66
N PRO A 11 3.67 5.30 9.34
CA PRO A 11 2.83 6.13 8.50
C PRO A 11 1.35 5.91 8.81
N ALA A 12 0.50 6.48 7.97
CA ALA A 12 -0.93 6.35 8.12
C ALA A 12 -1.46 5.31 7.13
N SER A 13 -2.36 4.48 7.62
CA SER A 13 -2.95 3.44 6.80
C SER A 13 -3.40 4.04 5.45
N PRO A 14 -3.25 3.21 4.39
CA PRO A 14 -3.62 3.64 3.05
C PRO A 14 -5.14 3.64 2.88
N VAL A 15 -5.64 4.70 2.28
CA VAL A 15 -7.07 4.83 2.05
C VAL A 15 -7.42 4.23 0.70
N LEU A 16 -8.70 4.33 0.35
CA LEU A 16 -9.17 3.79 -0.92
C LEU A 16 -10.12 4.81 -1.57
N THR A 17 -9.52 5.74 -2.31
CA THR A 17 -10.30 6.76 -2.99
C THR A 17 -11.36 6.12 -3.89
N LYS A 18 -10.89 5.29 -4.79
CA LYS A 18 -11.79 4.61 -5.72
C LYS A 18 -11.41 3.12 -5.79
N ALA A 19 -12.44 2.29 -5.78
CA ALA A 19 -12.24 0.85 -5.85
C ALA A 19 -12.75 0.33 -7.19
N GLY A 20 -11.82 -0.19 -7.98
CA GLY A 20 -12.17 -0.72 -9.29
C GLY A 20 -12.40 -2.23 -9.22
N ILE A 21 -12.58 -2.83 -10.39
CA ILE A 21 -12.81 -4.26 -10.47
C ILE A 21 -11.47 -4.98 -10.54
N THR A 22 -10.59 -4.43 -11.37
CA THR A 22 -9.26 -5.01 -11.54
C THR A 22 -8.18 -4.00 -11.16
N TRP A 23 -8.56 -3.04 -10.33
CA TRP A 23 -7.65 -2.01 -9.89
C TRP A 23 -8.19 -1.41 -8.59
N LEU A 24 -7.28 -0.85 -7.80
CA LEU A 24 -7.66 -0.24 -6.55
C LEU A 24 -6.84 1.03 -6.33
N SER A 25 -7.54 2.15 -6.30
CA SER A 25 -6.88 3.44 -6.11
C SER A 25 -6.74 3.73 -4.61
N LEU A 26 -5.52 3.52 -4.12
CA LEU A 26 -5.24 3.75 -2.71
C LEU A 26 -4.67 5.17 -2.54
N GLN A 27 -4.71 5.64 -1.30
CA GLN A 27 -4.20 6.96 -0.99
C GLN A 27 -3.67 7.01 0.45
N TRP A 28 -2.36 7.14 0.56
CA TRP A 28 -1.72 7.20 1.86
C TRP A 28 -1.09 8.59 2.02
N SER A 29 -0.77 8.91 3.26
CA SER A 29 -0.17 10.20 3.56
C SER A 29 1.15 10.00 4.30
N LYS A 30 1.93 11.07 4.36
CA LYS A 30 3.22 11.03 5.04
C LYS A 30 3.00 10.76 6.53
N PRO A 31 4.11 10.37 7.21
CA PRO A 31 4.05 10.07 8.63
C PRO A 31 3.96 11.37 9.46
N SER A 32 3.53 11.21 10.70
CA SER A 32 3.40 12.34 11.60
C SER A 32 4.77 12.94 11.90
N GLY A 33 4.91 14.23 11.65
CA GLY A 33 6.16 14.92 11.90
C GLY A 33 7.35 14.10 11.39
N THR A 34 7.61 14.25 10.09
CA THR A 34 8.71 13.54 9.47
C THR A 34 10.04 13.92 10.13
N PRO A 35 11.04 13.01 9.98
CA PRO A 35 12.35 13.24 10.56
C PRO A 35 13.13 14.29 9.75
N SER A 36 12.52 15.45 9.60
CA SER A 36 13.14 16.54 8.86
C SER A 36 13.86 15.97 7.63
N ASP A 37 13.10 15.80 6.56
CA ASP A 37 13.65 15.28 5.32
C ASP A 37 12.51 14.89 4.38
N GLU A 38 12.27 15.73 3.39
CA GLU A 38 11.21 15.48 2.44
C GLU A 38 11.70 14.52 1.35
N GLY A 39 10.74 13.96 0.63
CA GLY A 39 11.06 13.02 -0.44
C GLY A 39 10.91 11.57 0.04
N ILE A 40 10.15 11.41 1.13
CA ILE A 40 9.92 10.10 1.69
C ILE A 40 9.21 9.22 0.66
N SER A 41 9.46 7.93 0.76
CA SER A 41 8.85 6.97 -0.15
C SER A 41 7.95 6.00 0.61
N TYR A 42 7.07 5.36 -0.13
CA TYR A 42 6.14 4.41 0.47
C TYR A 42 5.93 3.20 -0.45
N ILE A 43 6.12 2.02 0.13
CA ILE A 43 5.95 0.79 -0.62
C ILE A 43 4.58 0.20 -0.31
N LEU A 44 3.78 0.04 -1.36
CA LEU A 44 2.46 -0.53 -1.22
C LEU A 44 2.52 -2.05 -1.34
N GLU A 45 2.20 -2.71 -0.23
CA GLU A 45 2.22 -4.16 -0.20
C GLU A 45 0.80 -4.71 -0.16
N MET A 46 0.66 -5.95 -0.60
CA MET A 46 -0.63 -6.60 -0.63
C MET A 46 -0.48 -8.13 -0.49
N GLU A 47 -1.22 -8.68 0.46
CA GLU A 47 -1.19 -10.11 0.70
C GLU A 47 -2.59 -10.70 0.63
N GLU A 48 -2.67 -11.87 0.00
CA GLU A 48 -3.95 -12.54 -0.15
C GLU A 48 -3.77 -13.86 -0.89
N GLU A 49 -2.90 -13.83 -1.90
CA GLU A 49 -2.63 -15.02 -2.69
C GLU A 49 -2.07 -16.12 -1.81
N THR A 50 -1.72 -17.23 -2.45
CA THR A 50 -1.17 -18.37 -1.75
C THR A 50 0.36 -18.34 -1.77
N SER A 51 0.91 -17.22 -1.33
CA SER A 51 2.35 -17.05 -1.30
C SER A 51 2.93 -17.67 -0.02
N GLY A 52 4.16 -18.15 -0.14
CA GLY A 52 4.83 -18.77 0.99
C GLY A 52 5.97 -17.88 1.50
N TYR A 53 5.64 -16.62 1.75
CA TYR A 53 6.61 -15.66 2.23
C TYR A 53 5.94 -14.56 3.05
N GLY A 54 4.84 -14.06 2.52
CA GLY A 54 4.11 -13.00 3.21
C GLY A 54 3.68 -11.91 2.22
N PHE A 55 3.88 -10.67 2.65
CA PHE A 55 3.51 -9.53 1.82
C PHE A 55 4.61 -9.23 0.80
N LYS A 56 4.18 -9.02 -0.44
CA LYS A 56 5.11 -8.73 -1.51
C LYS A 56 4.91 -7.28 -1.98
N PRO A 57 6.02 -6.66 -2.42
CA PRO A 57 5.97 -5.28 -2.89
C PRO A 57 5.35 -5.21 -4.30
N LYS A 58 4.54 -4.18 -4.49
CA LYS A 58 3.89 -3.98 -5.77
C LYS A 58 4.28 -2.62 -6.35
N TYR A 59 4.30 -1.62 -5.48
CA TYR A 59 4.66 -0.27 -5.89
C TYR A 59 5.94 0.18 -5.19
N ASP A 60 6.63 1.11 -5.84
CA ASP A 60 7.87 1.63 -5.30
C ASP A 60 8.13 3.01 -5.89
N GLY A 61 7.52 4.01 -5.28
CA GLY A 61 7.69 5.39 -5.74
C GLY A 61 7.53 6.37 -4.58
N GLU A 62 7.82 7.63 -4.87
CA GLU A 62 7.73 8.67 -3.87
C GLU A 62 6.38 9.40 -3.99
N ASP A 63 5.36 8.63 -4.33
CA ASP A 63 4.02 9.18 -4.48
C ASP A 63 3.19 8.81 -3.26
N LEU A 64 2.14 9.60 -3.03
CA LEU A 64 1.26 9.37 -1.90
C LEU A 64 -0.05 8.75 -2.40
N ALA A 65 0.06 8.04 -3.53
CA ALA A 65 -1.09 7.40 -4.12
C ALA A 65 -0.65 6.58 -5.33
N TYR A 66 -1.27 5.42 -5.48
CA TYR A 66 -0.95 4.53 -6.58
C TYR A 66 -2.19 3.78 -7.07
N THR A 67 -2.16 3.41 -8.34
CA THR A 67 -3.27 2.70 -8.94
C THR A 67 -2.93 1.21 -9.11
N VAL A 68 -3.34 0.43 -8.11
CA VAL A 68 -3.08 -0.99 -8.14
C VAL A 68 -3.79 -1.62 -9.35
N LYS A 69 -3.11 -2.59 -9.94
CA LYS A 69 -3.65 -3.28 -11.11
C LYS A 69 -3.47 -4.78 -10.95
N ASN A 70 -4.15 -5.53 -11.81
CA ASN A 70 -4.06 -6.98 -11.77
C ASN A 70 -4.76 -7.49 -10.51
N LEU A 71 -6.08 -7.27 -10.47
CA LEU A 71 -6.88 -7.70 -9.34
C LEU A 71 -8.04 -8.56 -9.84
N ARG A 72 -8.89 -8.94 -8.90
CA ARG A 72 -10.04 -9.78 -9.23
C ARG A 72 -11.33 -9.04 -8.89
N ARG A 73 -12.36 -9.32 -9.68
CA ARG A 73 -13.66 -8.69 -9.46
C ARG A 73 -14.30 -9.23 -8.19
N SER A 74 -15.06 -8.36 -7.52
CA SER A 74 -15.73 -8.73 -6.29
C SER A 74 -14.82 -9.62 -5.45
N THR A 75 -13.75 -9.01 -4.96
CA THR A 75 -12.79 -9.73 -4.13
C THR A 75 -12.24 -8.82 -3.03
N LYS A 76 -11.61 -9.44 -2.05
CA LYS A 76 -11.05 -8.69 -0.93
C LYS A 76 -9.53 -8.88 -0.92
N TYR A 77 -8.83 -7.83 -0.52
CA TYR A 77 -7.38 -7.87 -0.45
C TYR A 77 -6.86 -7.01 0.69
N LYS A 78 -5.75 -7.46 1.27
CA LYS A 78 -5.14 -6.75 2.38
C LYS A 78 -3.98 -5.90 1.86
N PHE A 79 -3.85 -4.71 2.43
CA PHE A 79 -2.79 -3.80 2.04
C PHE A 79 -2.19 -3.09 3.25
N LYS A 80 -0.91 -2.77 3.14
CA LYS A 80 -0.21 -2.09 4.22
C LYS A 80 0.84 -1.16 3.62
N VAL A 81 0.82 0.09 4.09
CA VAL A 81 1.76 1.08 3.63
C VAL A 81 3.02 1.05 4.50
N ILE A 82 4.16 0.98 3.83
CA ILE A 82 5.43 0.95 4.53
C ILE A 82 6.28 2.15 4.12
N ALA A 83 6.60 2.98 5.09
CA ALA A 83 7.40 4.17 4.84
C ALA A 83 8.88 3.84 5.05
N TYR A 84 9.63 3.93 3.97
CA TYR A 84 11.06 3.65 4.04
C TYR A 84 11.88 4.84 3.55
N ASN A 85 13.15 4.82 3.90
CA ASN A 85 14.06 5.89 3.50
C ASN A 85 15.24 5.30 2.73
N SER A 86 15.79 6.10 1.83
CA SER A 86 16.92 5.66 1.03
C SER A 86 17.93 4.94 1.91
N GLU A 87 17.91 5.28 3.18
CA GLU A 87 18.82 4.66 4.15
C GLU A 87 18.36 3.24 4.46
N GLY A 88 17.08 3.11 4.74
CA GLY A 88 16.51 1.81 5.07
C GLY A 88 14.98 1.88 5.06
N LYS A 89 14.38 0.95 5.80
CA LYS A 89 12.93 0.89 5.89
C LYS A 89 12.51 0.81 7.36
N SER A 90 11.31 1.29 7.62
CA SER A 90 10.79 1.28 8.98
C SER A 90 9.74 0.16 9.13
N ASN A 91 8.94 0.28 10.18
CA ASN A 91 7.92 -0.71 10.45
C ASN A 91 6.69 -0.41 9.59
N PRO A 92 5.92 -1.49 9.29
CA PRO A 92 4.73 -1.35 8.47
C PRO A 92 3.59 -0.72 9.27
N SER A 93 2.63 -0.17 8.54
CA SER A 93 1.49 0.46 9.16
C SER A 93 0.32 -0.52 9.27
N GLU A 94 -0.78 -0.04 9.82
CA GLU A 94 -1.96 -0.87 9.98
C GLU A 94 -2.45 -1.36 8.62
N VAL A 95 -2.66 -2.68 8.54
CA VAL A 95 -3.12 -3.29 7.31
C VAL A 95 -4.62 -3.06 7.16
N VAL A 96 -4.98 -2.42 6.06
CA VAL A 96 -6.38 -2.13 5.79
C VAL A 96 -6.92 -3.15 4.78
N GLU A 97 -8.24 -3.23 4.71
CA GLU A 97 -8.90 -4.16 3.80
C GLU A 97 -9.89 -3.41 2.90
N PHE A 98 -9.99 -3.87 1.66
CA PHE A 98 -10.89 -3.26 0.71
C PHE A 98 -11.48 -4.30 -0.23
N THR A 99 -12.46 -3.86 -1.02
CA THR A 99 -13.12 -4.76 -1.96
C THR A 99 -13.26 -4.07 -3.32
N THR A 100 -13.18 -4.89 -4.36
CA THR A 100 -13.29 -4.37 -5.72
C THR A 100 -14.77 -4.12 -6.07
N CYS A 101 -14.98 -3.66 -7.29
CA CYS A 101 -16.32 -3.37 -7.75
C CYS A 101 -16.87 -4.62 -8.45
N PRO A 102 -18.20 -4.59 -8.72
CA PRO A 102 -18.85 -5.71 -9.38
C PRO A 102 -18.50 -5.75 -10.87
N ASP A 103 -18.55 -6.95 -11.43
CA ASP A 103 -18.24 -7.13 -12.84
C ASP A 103 -19.39 -7.89 -13.50
N SER A 104 -19.45 -7.77 -14.82
CA SER A 104 -20.50 -8.44 -15.59
C SER A 104 -21.86 -7.88 -15.21
N GLY A 105 -22.71 -7.73 -16.21
CA GLY A 105 -24.05 -7.21 -16.00
C GLY A 105 -24.04 -5.69 -15.99
N PRO A 106 -24.24 -5.10 -17.20
CA PRO A 106 -24.26 -3.65 -17.35
C PRO A 106 -25.58 -3.07 -16.82
N SER A 107 -25.45 -1.92 -16.16
CA SER A 107 -26.62 -1.25 -15.59
C SER A 107 -27.27 -2.15 -14.54
N SER A 108 -27.02 -1.81 -13.29
CA SER A 108 -27.57 -2.58 -12.18
C SER A 108 -27.92 -1.63 -11.02
N GLY A 109 -29.16 -1.69 -10.59
CA GLY A 109 -29.63 -0.86 -9.50
C GLY A 109 -31.06 -1.23 -9.10
N GLY A 1 17.85 -4.51 16.71
CA GLY A 1 17.31 -4.77 15.39
C GLY A 1 18.34 -4.43 14.30
N SER A 2 19.13 -5.43 13.94
CA SER A 2 20.15 -5.26 12.93
C SER A 2 21.29 -4.41 13.48
N SER A 3 21.02 -3.11 13.59
CA SER A 3 22.01 -2.18 14.09
C SER A 3 21.32 -1.09 14.92
N GLY A 4 20.45 -0.34 14.25
CA GLY A 4 19.73 0.74 14.91
C GLY A 4 19.82 2.03 14.09
N SER A 5 19.05 2.07 13.02
CA SER A 5 19.03 3.24 12.16
C SER A 5 17.72 4.00 12.34
N SER A 6 16.64 3.38 11.88
CA SER A 6 15.33 3.99 11.99
C SER A 6 15.17 5.08 10.94
N GLY A 7 13.97 5.16 10.38
CA GLY A 7 13.67 6.15 9.35
C GLY A 7 12.42 6.96 9.72
N PRO A 8 11.43 6.93 8.80
CA PRO A 8 10.18 7.66 9.01
C PRO A 8 9.30 6.94 10.03
N SER A 9 8.58 7.73 10.80
CA SER A 9 7.70 7.20 11.82
C SER A 9 6.56 6.41 11.16
N MET A 10 5.78 5.74 12.00
CA MET A 10 4.66 4.95 11.51
C MET A 10 3.68 5.83 10.73
N PRO A 11 3.56 5.51 9.41
CA PRO A 11 2.66 6.26 8.54
C PRO A 11 1.21 5.87 8.80
N ALA A 12 0.31 6.71 8.31
CA ALA A 12 -1.12 6.47 8.48
C ALA A 12 -1.58 5.46 7.43
N SER A 13 -2.39 4.52 7.88
CA SER A 13 -2.91 3.49 7.00
C SER A 13 -3.39 4.12 5.69
N PRO A 14 -3.24 3.34 4.59
CA PRO A 14 -3.65 3.81 3.28
C PRO A 14 -5.17 3.78 3.14
N VAL A 15 -5.69 4.76 2.40
CA VAL A 15 -7.12 4.85 2.18
C VAL A 15 -7.44 4.50 0.73
N LEU A 16 -8.71 4.25 0.48
CA LEU A 16 -9.16 3.90 -0.86
C LEU A 16 -10.07 5.01 -1.40
N THR A 17 -9.58 5.66 -2.45
CA THR A 17 -10.33 6.74 -3.07
C THR A 17 -11.40 6.18 -4.01
N LYS A 18 -10.96 5.25 -4.85
CA LYS A 18 -11.86 4.63 -5.81
C LYS A 18 -11.52 3.14 -5.93
N ALA A 19 -12.56 2.32 -5.79
CA ALA A 19 -12.39 0.89 -5.87
C ALA A 19 -12.84 0.40 -7.24
N GLY A 20 -11.90 -0.16 -7.99
CA GLY A 20 -12.18 -0.67 -9.32
C GLY A 20 -12.44 -2.18 -9.28
N ILE A 21 -12.76 -2.72 -10.45
CA ILE A 21 -13.04 -4.14 -10.57
C ILE A 21 -11.71 -4.90 -10.65
N THR A 22 -10.80 -4.36 -11.45
CA THR A 22 -9.50 -4.98 -11.62
C THR A 22 -8.39 -3.99 -11.26
N TRP A 23 -8.73 -3.06 -10.37
CA TRP A 23 -7.77 -2.05 -9.94
C TRP A 23 -8.28 -1.45 -8.62
N LEU A 24 -7.34 -0.97 -7.82
CA LEU A 24 -7.68 -0.38 -6.55
C LEU A 24 -6.83 0.88 -6.33
N SER A 25 -7.51 2.02 -6.34
CA SER A 25 -6.84 3.29 -6.16
C SER A 25 -6.70 3.60 -4.66
N LEU A 26 -5.51 3.38 -4.15
CA LEU A 26 -5.23 3.62 -2.74
C LEU A 26 -4.77 5.07 -2.57
N GLN A 27 -4.59 5.45 -1.31
CA GLN A 27 -4.16 6.80 -0.99
C GLN A 27 -3.52 6.84 0.41
N TRP A 28 -2.29 7.32 0.44
CA TRP A 28 -1.56 7.41 1.70
C TRP A 28 -0.92 8.80 1.76
N SER A 29 -0.55 9.18 2.98
CA SER A 29 0.07 10.48 3.19
C SER A 29 1.32 10.32 4.08
N LYS A 30 2.12 11.37 4.10
CA LYS A 30 3.33 11.36 4.90
C LYS A 30 2.97 11.34 6.38
N PRO A 31 3.96 10.91 7.22
CA PRO A 31 3.75 10.83 8.65
C PRO A 31 3.78 12.23 9.28
N SER A 32 3.13 12.34 10.42
CA SER A 32 3.08 13.61 11.14
C SER A 32 4.49 14.06 11.51
N GLY A 33 4.80 15.30 11.14
CA GLY A 33 6.11 15.86 11.44
C GLY A 33 7.22 14.92 10.96
N THR A 34 7.82 15.28 9.82
CA THR A 34 8.89 14.49 9.25
C THR A 34 10.21 14.84 9.91
N PRO A 35 11.17 13.87 9.85
CA PRO A 35 12.48 14.07 10.43
C PRO A 35 13.33 15.00 9.57
N SER A 36 12.79 16.19 9.33
CA SER A 36 13.49 17.18 8.53
C SER A 36 14.16 16.50 7.32
N ASP A 37 13.40 16.41 6.23
CA ASP A 37 13.90 15.80 5.02
C ASP A 37 12.72 15.38 4.14
N GLU A 38 12.48 16.18 3.12
CA GLU A 38 11.39 15.91 2.19
C GLU A 38 11.87 14.99 1.06
N GLY A 39 11.68 13.70 1.27
CA GLY A 39 12.09 12.72 0.28
C GLY A 39 11.84 11.30 0.77
N ILE A 40 10.73 11.14 1.49
CA ILE A 40 10.37 9.84 2.04
C ILE A 40 9.58 9.06 0.99
N SER A 41 9.75 7.75 1.02
CA SER A 41 9.06 6.88 0.09
C SER A 41 8.06 5.99 0.83
N TYR A 42 7.25 5.29 0.06
CA TYR A 42 6.26 4.40 0.63
C TYR A 42 6.04 3.17 -0.26
N ILE A 43 6.20 2.00 0.35
CA ILE A 43 6.03 0.76 -0.36
C ILE A 43 4.65 0.18 -0.06
N LEU A 44 3.89 -0.08 -1.11
CA LEU A 44 2.56 -0.64 -0.96
C LEU A 44 2.63 -2.16 -1.04
N GLU A 45 2.25 -2.80 0.06
CA GLU A 45 2.27 -4.24 0.13
C GLU A 45 0.85 -4.80 0.03
N MET A 46 0.78 -6.10 -0.25
CA MET A 46 -0.50 -6.76 -0.39
C MET A 46 -0.36 -8.28 -0.23
N GLU A 47 -1.28 -8.85 0.54
CA GLU A 47 -1.27 -10.28 0.77
C GLU A 47 -2.56 -10.92 0.26
N GLU A 48 -2.41 -12.10 -0.34
CA GLU A 48 -3.55 -12.82 -0.86
C GLU A 48 -4.03 -13.88 0.13
N GLU A 49 -5.25 -14.33 -0.07
CA GLU A 49 -5.84 -15.34 0.79
C GLU A 49 -5.83 -16.71 0.11
N THR A 50 -5.26 -16.72 -1.09
CA THR A 50 -5.18 -17.96 -1.87
C THR A 50 -3.72 -18.36 -2.08
N SER A 51 -3.38 -19.54 -1.59
CA SER A 51 -2.03 -20.05 -1.73
C SER A 51 -1.06 -19.20 -0.90
N GLY A 52 -0.10 -19.88 -0.31
CA GLY A 52 0.90 -19.19 0.52
C GLY A 52 1.62 -18.11 -0.28
N TYR A 53 1.37 -16.87 0.12
CA TYR A 53 2.00 -15.74 -0.55
C TYR A 53 1.99 -14.50 0.36
N GLY A 54 3.01 -14.41 1.20
CA GLY A 54 3.12 -13.29 2.12
C GLY A 54 2.99 -11.96 1.37
N PHE A 55 3.13 -10.87 2.12
CA PHE A 55 3.03 -9.54 1.55
C PHE A 55 4.19 -9.27 0.60
N LYS A 56 3.85 -8.79 -0.59
CA LYS A 56 4.86 -8.48 -1.58
C LYS A 56 4.71 -7.03 -2.03
N PRO A 57 5.87 -6.41 -2.39
CA PRO A 57 5.87 -5.02 -2.82
C PRO A 57 5.31 -4.89 -4.25
N LYS A 58 4.32 -4.03 -4.38
CA LYS A 58 3.70 -3.81 -5.68
C LYS A 58 4.13 -2.44 -6.21
N TYR A 59 4.31 -1.51 -5.30
CA TYR A 59 4.72 -0.16 -5.68
C TYR A 59 5.99 0.24 -4.93
N ASP A 60 6.75 1.13 -5.56
CA ASP A 60 7.99 1.60 -4.97
C ASP A 60 8.39 2.92 -5.64
N GLY A 61 7.82 4.00 -5.13
CA GLY A 61 8.10 5.31 -5.67
C GLY A 61 7.95 6.40 -4.60
N GLU A 62 8.03 7.64 -5.04
CA GLU A 62 7.90 8.77 -4.13
C GLU A 62 6.58 9.50 -4.37
N ASP A 63 5.51 8.73 -4.43
CA ASP A 63 4.19 9.29 -4.66
C ASP A 63 3.28 8.95 -3.47
N LEU A 64 2.27 9.79 -3.28
CA LEU A 64 1.33 9.59 -2.19
C LEU A 64 0.01 9.07 -2.75
N ALA A 65 0.12 8.35 -3.86
CA ALA A 65 -1.05 7.79 -4.51
C ALA A 65 -0.61 6.81 -5.59
N TYR A 66 -1.38 5.73 -5.73
CA TYR A 66 -1.07 4.71 -6.72
C TYR A 66 -2.34 4.01 -7.18
N THR A 67 -2.25 3.40 -8.36
CA THR A 67 -3.38 2.69 -8.92
C THR A 67 -3.02 1.21 -9.15
N VAL A 68 -3.47 0.38 -8.22
CA VAL A 68 -3.21 -1.05 -8.30
C VAL A 68 -3.89 -1.61 -9.55
N LYS A 69 -3.24 -2.60 -10.16
CA LYS A 69 -3.78 -3.23 -11.35
C LYS A 69 -3.57 -4.74 -11.26
N ASN A 70 -4.31 -5.46 -12.09
CA ASN A 70 -4.22 -6.91 -12.11
C ASN A 70 -4.88 -7.48 -10.87
N LEU A 71 -6.18 -7.22 -10.75
CA LEU A 71 -6.94 -7.70 -9.62
C LEU A 71 -8.07 -8.61 -10.11
N ARG A 72 -8.95 -8.97 -9.19
CA ARG A 72 -10.07 -9.83 -9.52
C ARG A 72 -11.38 -9.19 -9.08
N ARG A 73 -12.44 -9.52 -9.79
CA ARG A 73 -13.76 -8.98 -9.50
C ARG A 73 -14.29 -9.59 -8.20
N SER A 74 -15.08 -8.80 -7.49
CA SER A 74 -15.67 -9.25 -6.24
C SER A 74 -14.64 -10.07 -5.45
N THR A 75 -13.64 -9.36 -4.93
CA THR A 75 -12.60 -10.00 -4.16
C THR A 75 -12.08 -9.05 -3.07
N LYS A 76 -11.44 -9.64 -2.07
CA LYS A 76 -10.90 -8.86 -0.97
C LYS A 76 -9.37 -8.94 -1.00
N TYR A 77 -8.74 -7.90 -0.48
CA TYR A 77 -7.29 -7.84 -0.44
C TYR A 77 -6.80 -6.94 0.70
N LYS A 78 -5.73 -7.37 1.34
CA LYS A 78 -5.16 -6.62 2.44
C LYS A 78 -4.03 -5.73 1.91
N PHE A 79 -3.91 -4.56 2.50
CA PHE A 79 -2.88 -3.62 2.10
C PHE A 79 -2.27 -2.91 3.32
N LYS A 80 -0.98 -2.63 3.22
CA LYS A 80 -0.27 -1.97 4.30
C LYS A 80 0.81 -1.07 3.72
N VAL A 81 0.75 0.20 4.10
CA VAL A 81 1.72 1.17 3.62
C VAL A 81 3.02 1.04 4.44
N ILE A 82 4.13 1.02 3.72
CA ILE A 82 5.42 0.90 4.37
C ILE A 82 6.31 2.08 3.95
N ALA A 83 6.60 2.92 4.93
CA ALA A 83 7.42 4.10 4.69
C ALA A 83 8.89 3.74 4.93
N TYR A 84 9.70 3.95 3.89
CA TYR A 84 11.12 3.65 3.97
C TYR A 84 11.96 4.83 3.46
N ASN A 85 13.22 4.84 3.86
CA ASN A 85 14.12 5.90 3.45
C ASN A 85 15.34 5.27 2.77
N SER A 86 15.96 6.05 1.89
CA SER A 86 17.14 5.59 1.17
C SER A 86 18.12 4.94 2.15
N GLU A 87 18.02 5.36 3.40
CA GLU A 87 18.89 4.82 4.44
C GLU A 87 18.45 3.41 4.84
N GLY A 88 17.15 3.29 5.08
CA GLY A 88 16.58 2.01 5.47
C GLY A 88 15.05 2.05 5.43
N LYS A 89 14.45 0.96 5.87
CA LYS A 89 13.00 0.87 5.89
C LYS A 89 12.51 0.74 7.33
N SER A 90 11.28 1.19 7.55
CA SER A 90 10.70 1.14 8.88
C SER A 90 9.64 0.03 8.94
N ASN A 91 8.91 0.02 10.05
CA ASN A 91 7.86 -0.97 10.25
C ASN A 91 6.66 -0.61 9.39
N PRO A 92 5.85 -1.66 9.05
CA PRO A 92 4.66 -1.46 8.24
C PRO A 92 3.54 -0.82 9.06
N SER A 93 2.60 -0.23 8.35
CA SER A 93 1.46 0.42 8.99
C SER A 93 0.30 -0.56 9.12
N GLU A 94 -0.68 -0.17 9.92
CA GLU A 94 -1.85 -1.01 10.13
C GLU A 94 -2.36 -1.54 8.80
N VAL A 95 -2.55 -2.86 8.76
CA VAL A 95 -3.03 -3.51 7.56
C VAL A 95 -4.52 -3.17 7.37
N VAL A 96 -4.85 -2.76 6.16
CA VAL A 96 -6.22 -2.40 5.84
C VAL A 96 -6.75 -3.36 4.76
N GLU A 97 -8.06 -3.34 4.59
CA GLU A 97 -8.70 -4.20 3.60
C GLU A 97 -9.66 -3.37 2.72
N PHE A 98 -9.92 -3.91 1.54
CA PHE A 98 -10.81 -3.24 0.61
C PHE A 98 -11.46 -4.23 -0.35
N THR A 99 -12.58 -3.82 -0.92
CA THR A 99 -13.30 -4.67 -1.85
C THR A 99 -13.41 -3.98 -3.22
N THR A 100 -13.43 -4.81 -4.26
CA THR A 100 -13.55 -4.30 -5.61
C THR A 100 -15.01 -4.25 -6.05
N CYS A 101 -15.20 -3.88 -7.31
CA CYS A 101 -16.55 -3.79 -7.85
C CYS A 101 -16.86 -5.10 -8.59
N PRO A 102 -18.17 -5.27 -8.90
CA PRO A 102 -18.62 -6.47 -9.60
C PRO A 102 -18.22 -6.43 -11.07
N ASP A 103 -17.96 -7.61 -11.62
CA ASP A 103 -17.58 -7.71 -13.02
C ASP A 103 -18.67 -8.48 -13.78
N SER A 104 -18.86 -8.08 -15.03
CA SER A 104 -19.85 -8.72 -15.88
C SER A 104 -19.68 -8.26 -17.32
N GLY A 105 -18.67 -8.81 -17.97
CA GLY A 105 -18.38 -8.45 -19.35
C GLY A 105 -18.35 -9.70 -20.24
N PRO A 106 -17.15 -10.34 -20.27
CA PRO A 106 -16.97 -11.55 -21.07
C PRO A 106 -17.63 -12.76 -20.40
N SER A 107 -17.98 -13.73 -21.22
CA SER A 107 -18.61 -14.94 -20.73
C SER A 107 -18.08 -16.16 -21.48
N SER A 108 -17.06 -16.76 -20.90
CA SER A 108 -16.45 -17.94 -21.51
C SER A 108 -15.81 -17.57 -22.85
N GLY A 109 -14.48 -17.57 -22.85
CA GLY A 109 -13.74 -17.23 -24.05
C GLY A 109 -12.25 -17.56 -23.88
N GLY A 1 24.16 -9.48 12.16
CA GLY A 1 24.53 -8.12 11.85
C GLY A 1 23.76 -7.12 12.74
N SER A 2 22.48 -6.99 12.44
CA SER A 2 21.63 -6.09 13.20
C SER A 2 22.17 -4.66 13.10
N SER A 3 21.64 -3.92 12.15
CA SER A 3 22.06 -2.54 11.94
C SER A 3 20.99 -1.78 11.16
N GLY A 4 20.96 -0.47 11.37
CA GLY A 4 20.00 0.38 10.69
C GLY A 4 20.01 1.80 11.26
N SER A 5 19.10 2.61 10.77
CA SER A 5 19.00 3.99 11.21
C SER A 5 17.53 4.40 11.30
N SER A 6 17.23 5.24 12.28
CA SER A 6 15.87 5.72 12.49
C SER A 6 15.30 6.22 11.16
N GLY A 7 14.21 5.59 10.75
CA GLY A 7 13.55 5.95 9.51
C GLY A 7 12.29 6.78 9.77
N PRO A 8 11.36 6.76 8.78
CA PRO A 8 10.11 7.49 8.90
C PRO A 8 9.15 6.78 9.85
N SER A 9 8.53 7.57 10.71
CA SER A 9 7.58 7.03 11.67
C SER A 9 6.46 6.30 10.95
N MET A 10 5.65 5.59 11.74
CA MET A 10 4.54 4.84 11.18
C MET A 10 3.61 5.75 10.38
N PRO A 11 3.51 5.46 9.06
CA PRO A 11 2.65 6.25 8.18
C PRO A 11 1.18 5.89 8.39
N ALA A 12 0.32 6.70 7.80
CA ALA A 12 -1.12 6.49 7.91
C ALA A 12 -1.56 5.43 6.90
N SER A 13 -2.41 4.53 7.35
CA SER A 13 -2.90 3.47 6.50
C SER A 13 -3.43 4.06 5.19
N PRO A 14 -3.24 3.27 4.09
CA PRO A 14 -3.68 3.71 2.78
C PRO A 14 -5.21 3.60 2.65
N VAL A 15 -5.82 4.71 2.26
CA VAL A 15 -7.27 4.75 2.10
C VAL A 15 -7.63 4.14 0.74
N LEU A 16 -8.90 4.29 0.38
CA LEU A 16 -9.39 3.77 -0.88
C LEU A 16 -10.34 4.79 -1.51
N THR A 17 -9.76 5.68 -2.31
CA THR A 17 -10.54 6.70 -2.98
C THR A 17 -11.58 6.07 -3.90
N LYS A 18 -11.09 5.30 -4.85
CA LYS A 18 -11.98 4.63 -5.80
C LYS A 18 -11.57 3.16 -5.91
N ALA A 19 -12.57 2.29 -5.76
CA ALA A 19 -12.34 0.86 -5.83
C ALA A 19 -12.85 0.34 -7.18
N GLY A 20 -11.92 -0.17 -7.97
CA GLY A 20 -12.26 -0.70 -9.28
C GLY A 20 -12.47 -2.22 -9.21
N ILE A 21 -12.69 -2.81 -10.39
CA ILE A 21 -12.90 -4.23 -10.48
C ILE A 21 -11.56 -4.95 -10.59
N THR A 22 -10.69 -4.39 -11.42
CA THR A 22 -9.37 -4.95 -11.61
C THR A 22 -8.29 -3.93 -11.28
N TRP A 23 -8.67 -2.97 -10.44
CA TRP A 23 -7.75 -1.92 -10.04
C TRP A 23 -8.24 -1.36 -8.69
N LEU A 24 -7.29 -0.83 -7.93
CA LEU A 24 -7.61 -0.27 -6.63
C LEU A 24 -6.82 1.03 -6.44
N SER A 25 -7.55 2.11 -6.22
CA SER A 25 -6.93 3.41 -6.01
C SER A 25 -6.81 3.69 -4.51
N LEU A 26 -5.59 3.51 -4.01
CA LEU A 26 -5.31 3.75 -2.60
C LEU A 26 -4.71 5.14 -2.43
N GLN A 27 -4.78 5.64 -1.20
CA GLN A 27 -4.25 6.95 -0.90
C GLN A 27 -3.64 6.97 0.50
N TRP A 28 -2.33 7.16 0.54
CA TRP A 28 -1.61 7.18 1.81
C TRP A 28 -0.96 8.56 1.95
N SER A 29 -0.64 8.91 3.18
CA SER A 29 -0.02 10.19 3.46
C SER A 29 1.35 9.97 4.12
N LYS A 30 2.05 11.08 4.34
CA LYS A 30 3.37 11.03 4.96
C LYS A 30 3.28 11.60 6.37
N PRO A 31 4.40 11.43 7.12
CA PRO A 31 4.48 11.93 8.48
C PRO A 31 4.65 13.45 8.51
N SER A 32 4.10 14.06 9.54
CA SER A 32 4.19 15.50 9.69
C SER A 32 5.65 15.96 9.60
N GLY A 33 6.35 15.83 10.72
CA GLY A 33 7.75 16.21 10.77
C GLY A 33 8.66 15.04 10.36
N THR A 34 9.08 15.09 9.11
CA THR A 34 9.96 14.06 8.57
C THR A 34 11.40 14.29 9.03
N PRO A 35 12.19 13.18 9.02
CA PRO A 35 13.58 13.25 9.43
C PRO A 35 14.44 13.91 8.34
N SER A 36 15.53 14.51 8.79
CA SER A 36 16.43 15.19 7.87
C SER A 36 16.83 14.24 6.74
N ASP A 37 16.13 14.38 5.62
CA ASP A 37 16.39 13.54 4.47
C ASP A 37 15.53 14.00 3.29
N GLU A 38 14.23 14.02 3.54
CA GLU A 38 13.29 14.44 2.51
C GLU A 38 13.38 13.52 1.28
N GLY A 39 12.22 13.12 0.79
CA GLY A 39 12.16 12.25 -0.37
C GLY A 39 11.71 10.84 0.02
N ILE A 40 11.09 10.76 1.19
CA ILE A 40 10.60 9.48 1.69
C ILE A 40 9.71 8.83 0.63
N SER A 41 9.70 7.50 0.66
CA SER A 41 8.90 6.75 -0.29
C SER A 41 7.99 5.77 0.46
N TYR A 42 7.05 5.20 -0.29
CA TYR A 42 6.11 4.25 0.29
C TYR A 42 5.85 3.09 -0.68
N ILE A 43 6.15 1.89 -0.20
CA ILE A 43 5.94 0.70 -1.01
C ILE A 43 4.61 0.05 -0.63
N LEU A 44 3.67 0.11 -1.56
CA LEU A 44 2.36 -0.45 -1.34
C LEU A 44 2.47 -1.99 -1.29
N GLU A 45 2.28 -2.53 -0.09
CA GLU A 45 2.36 -3.96 0.11
C GLU A 45 0.96 -4.58 0.01
N MET A 46 0.95 -5.90 -0.16
CA MET A 46 -0.30 -6.62 -0.27
C MET A 46 -0.09 -8.12 -0.03
N GLU A 47 -0.96 -8.68 0.81
CA GLU A 47 -0.88 -10.10 1.12
C GLU A 47 -2.16 -10.82 0.69
N GLU A 48 -2.01 -11.71 -0.28
CA GLU A 48 -3.14 -12.47 -0.79
C GLU A 48 -2.72 -13.30 -1.99
N GLU A 49 -2.41 -14.56 -1.73
CA GLU A 49 -2.00 -15.47 -2.78
C GLU A 49 -1.66 -16.84 -2.20
N THR A 50 -1.47 -17.80 -3.09
CA THR A 50 -1.14 -19.16 -2.68
C THR A 50 -0.18 -19.13 -1.49
N SER A 51 -0.64 -19.70 -0.39
CA SER A 51 0.16 -19.75 0.83
C SER A 51 0.11 -18.40 1.54
N GLY A 52 0.45 -17.36 0.81
CA GLY A 52 0.46 -16.02 1.35
C GLY A 52 1.87 -15.56 1.67
N TYR A 53 2.52 -16.30 2.57
CA TYR A 53 3.88 -15.98 2.97
C TYR A 53 4.06 -14.46 3.11
N GLY A 54 3.75 -13.96 4.30
CA GLY A 54 3.87 -12.54 4.57
C GLY A 54 3.35 -11.71 3.40
N PHE A 55 3.68 -10.43 3.44
CA PHE A 55 3.26 -9.51 2.39
C PHE A 55 4.32 -9.41 1.29
N LYS A 56 3.90 -8.86 0.17
CA LYS A 56 4.80 -8.70 -0.97
C LYS A 56 4.67 -7.28 -1.52
N PRO A 57 5.80 -6.76 -2.05
CA PRO A 57 5.83 -5.43 -2.62
C PRO A 57 5.13 -5.40 -3.99
N LYS A 58 4.61 -4.23 -4.33
CA LYS A 58 3.92 -4.05 -5.60
C LYS A 58 4.37 -2.75 -6.24
N TYR A 59 4.14 -1.65 -5.52
CA TYR A 59 4.52 -0.33 -6.00
C TYR A 59 5.76 0.18 -5.28
N ASP A 60 6.51 1.02 -5.97
CA ASP A 60 7.72 1.59 -5.41
C ASP A 60 7.97 2.97 -6.03
N GLY A 61 7.32 3.98 -5.45
CA GLY A 61 7.46 5.34 -5.92
C GLY A 61 7.34 6.34 -4.78
N GLU A 62 7.61 7.59 -5.10
CA GLU A 62 7.54 8.65 -4.11
C GLU A 62 6.26 9.47 -4.31
N ASP A 63 5.15 8.76 -4.46
CA ASP A 63 3.86 9.40 -4.66
C ASP A 63 2.92 8.99 -3.52
N LEU A 64 2.07 9.92 -3.14
CA LEU A 64 1.11 9.68 -2.08
C LEU A 64 -0.21 9.19 -2.68
N ALA A 65 -0.08 8.42 -3.75
CA ALA A 65 -1.25 7.88 -4.43
C ALA A 65 -0.79 6.98 -5.58
N TYR A 66 -1.43 5.83 -5.67
CA TYR A 66 -1.11 4.88 -6.73
C TYR A 66 -2.35 4.12 -7.18
N THR A 67 -2.28 3.63 -8.42
CA THR A 67 -3.40 2.89 -8.99
C THR A 67 -3.01 1.42 -9.21
N VAL A 68 -3.34 0.61 -8.22
CA VAL A 68 -3.03 -0.81 -8.29
C VAL A 68 -3.73 -1.42 -9.50
N LYS A 69 -2.98 -2.20 -10.26
CA LYS A 69 -3.51 -2.85 -11.45
C LYS A 69 -3.35 -4.36 -11.30
N ASN A 70 -4.04 -5.08 -12.19
CA ASN A 70 -3.99 -6.53 -12.17
C ASN A 70 -4.61 -7.04 -10.88
N LEU A 71 -5.93 -7.17 -10.90
CA LEU A 71 -6.66 -7.65 -9.74
C LEU A 71 -7.83 -8.53 -10.21
N ARG A 72 -8.61 -8.98 -9.24
CA ARG A 72 -9.75 -9.82 -9.53
C ARG A 72 -11.05 -9.12 -9.13
N ARG A 73 -12.12 -9.47 -9.84
CA ARG A 73 -13.42 -8.88 -9.57
C ARG A 73 -14.04 -9.51 -8.32
N SER A 74 -14.88 -8.73 -7.66
CA SER A 74 -15.54 -9.20 -6.45
C SER A 74 -14.56 -10.00 -5.60
N THR A 75 -13.61 -9.30 -5.02
CA THR A 75 -12.60 -9.94 -4.18
C THR A 75 -12.12 -8.97 -3.11
N LYS A 76 -11.45 -9.53 -2.11
CA LYS A 76 -10.92 -8.72 -1.01
C LYS A 76 -9.41 -8.91 -0.94
N TYR A 77 -8.75 -7.86 -0.48
CA TYR A 77 -7.30 -7.89 -0.35
C TYR A 77 -6.83 -7.00 0.81
N LYS A 78 -5.67 -7.35 1.36
CA LYS A 78 -5.11 -6.61 2.47
C LYS A 78 -3.89 -5.82 1.98
N PHE A 79 -3.90 -4.54 2.28
CA PHE A 79 -2.80 -3.67 1.88
C PHE A 79 -2.23 -2.92 3.09
N LYS A 80 -1.01 -2.43 2.92
CA LYS A 80 -0.34 -1.69 3.97
C LYS A 80 0.73 -0.79 3.36
N VAL A 81 0.76 0.44 3.86
CA VAL A 81 1.72 1.42 3.37
C VAL A 81 2.97 1.38 4.25
N ILE A 82 4.07 0.94 3.66
CA ILE A 82 5.32 0.85 4.38
C ILE A 82 6.25 1.99 3.93
N ALA A 83 6.67 2.78 4.91
CA ALA A 83 7.55 3.90 4.64
C ALA A 83 8.99 3.51 4.99
N TYR A 84 9.81 3.47 3.96
CA TYR A 84 11.21 3.12 4.13
C TYR A 84 12.13 4.22 3.60
N ASN A 85 13.38 4.18 4.04
CA ASN A 85 14.36 5.16 3.62
C ASN A 85 15.55 4.45 2.99
N SER A 86 16.19 5.13 2.04
CA SER A 86 17.34 4.58 1.35
C SER A 86 18.31 3.97 2.38
N GLU A 87 18.23 4.47 3.60
CA GLU A 87 19.09 3.99 4.66
C GLU A 87 18.59 2.64 5.17
N GLY A 88 17.29 2.59 5.42
CA GLY A 88 16.67 1.37 5.93
C GLY A 88 15.15 1.43 5.79
N LYS A 89 14.49 0.50 6.46
CA LYS A 89 13.04 0.43 6.43
C LYS A 89 12.48 0.70 7.84
N SER A 90 11.16 0.70 7.93
CA SER A 90 10.51 0.94 9.19
C SER A 90 9.35 -0.04 9.38
N ASN A 91 8.53 0.24 10.38
CA ASN A 91 7.38 -0.60 10.68
C ASN A 91 6.27 -0.33 9.66
N PRO A 92 5.53 -1.41 9.32
CA PRO A 92 4.45 -1.30 8.37
C PRO A 92 3.23 -0.62 8.99
N SER A 93 2.38 -0.08 8.13
CA SER A 93 1.18 0.61 8.59
C SER A 93 0.08 -0.42 8.89
N GLU A 94 -0.97 0.07 9.53
CA GLU A 94 -2.09 -0.80 9.88
C GLU A 94 -2.65 -1.46 8.62
N VAL A 95 -2.57 -2.78 8.61
CA VAL A 95 -3.06 -3.55 7.48
C VAL A 95 -4.54 -3.25 7.27
N VAL A 96 -4.84 -2.67 6.12
CA VAL A 96 -6.21 -2.31 5.78
C VAL A 96 -6.79 -3.37 4.84
N GLU A 97 -8.10 -3.36 4.73
CA GLU A 97 -8.79 -4.31 3.86
C GLU A 97 -9.76 -3.57 2.94
N PHE A 98 -9.80 -4.01 1.69
CA PHE A 98 -10.68 -3.41 0.70
C PHE A 98 -11.21 -4.46 -0.28
N THR A 99 -12.29 -4.10 -0.95
CA THR A 99 -12.89 -5.01 -1.92
C THR A 99 -13.08 -4.29 -3.27
N THR A 100 -13.07 -5.09 -4.32
CA THR A 100 -13.23 -4.55 -5.66
C THR A 100 -14.72 -4.49 -6.03
N CYS A 101 -14.98 -4.08 -7.27
CA CYS A 101 -16.34 -3.98 -7.76
C CYS A 101 -16.63 -5.20 -8.63
N PRO A 102 -17.95 -5.39 -8.92
CA PRO A 102 -18.37 -6.51 -9.74
C PRO A 102 -18.04 -6.26 -11.22
N ASP A 103 -17.39 -7.25 -11.82
CA ASP A 103 -17.01 -7.15 -13.22
C ASP A 103 -18.26 -6.96 -14.07
N SER A 104 -18.05 -6.52 -15.30
CA SER A 104 -19.14 -6.29 -16.22
C SER A 104 -19.39 -7.54 -17.07
N GLY A 105 -20.28 -8.39 -16.58
CA GLY A 105 -20.61 -9.62 -17.27
C GLY A 105 -19.46 -10.62 -17.20
N PRO A 106 -19.78 -11.90 -17.53
CA PRO A 106 -18.78 -12.96 -17.50
C PRO A 106 -17.85 -12.86 -18.70
N SER A 107 -16.56 -12.85 -18.41
CA SER A 107 -15.55 -12.76 -19.45
C SER A 107 -14.50 -13.85 -19.26
N SER A 108 -14.32 -14.66 -20.30
CA SER A 108 -13.36 -15.73 -20.25
C SER A 108 -12.00 -15.25 -20.78
N GLY A 109 -11.06 -15.16 -19.85
CA GLY A 109 -9.72 -14.71 -20.21
C GLY A 109 -8.89 -14.42 -18.96
N GLY A 1 27.34 -4.80 15.53
CA GLY A 1 26.27 -4.71 14.54
C GLY A 1 25.07 -3.95 15.12
N SER A 2 24.39 -4.60 16.05
CA SER A 2 23.23 -4.00 16.68
C SER A 2 22.11 -3.84 15.65
N SER A 3 20.90 -4.18 16.08
CA SER A 3 19.74 -4.08 15.20
C SER A 3 18.94 -2.81 15.56
N GLY A 4 18.06 -2.43 14.64
CA GLY A 4 17.23 -1.25 14.84
C GLY A 4 16.22 -1.10 13.70
N SER A 5 16.69 -0.53 12.60
CA SER A 5 15.83 -0.31 11.45
C SER A 5 14.61 0.52 11.85
N SER A 6 14.74 1.82 11.68
CA SER A 6 13.66 2.73 12.01
C SER A 6 13.96 4.13 11.47
N GLY A 7 13.31 4.44 10.35
CA GLY A 7 13.50 5.73 9.72
C GLY A 7 12.36 6.68 10.06
N PRO A 8 11.46 6.89 9.07
CA PRO A 8 10.32 7.77 9.25
C PRO A 8 9.25 7.10 10.12
N SER A 9 8.69 7.90 11.03
CA SER A 9 7.67 7.40 11.93
C SER A 9 6.61 6.62 11.14
N MET A 10 5.74 5.96 11.87
CA MET A 10 4.68 5.17 11.25
C MET A 10 3.70 6.07 10.50
N PRO A 11 3.51 5.74 9.20
CA PRO A 11 2.61 6.51 8.35
C PRO A 11 1.15 6.18 8.68
N ALA A 12 0.26 6.69 7.84
CA ALA A 12 -1.16 6.47 8.04
C ALA A 12 -1.65 5.45 7.01
N SER A 13 -2.49 4.54 7.48
CA SER A 13 -3.03 3.50 6.63
C SER A 13 -3.44 4.10 5.28
N PRO A 14 -3.27 3.28 4.21
CA PRO A 14 -3.62 3.71 2.86
C PRO A 14 -5.14 3.72 2.67
N VAL A 15 -5.65 4.86 2.24
CA VAL A 15 -7.07 5.01 2.00
C VAL A 15 -7.43 4.45 0.63
N LEU A 16 -8.69 4.59 0.27
CA LEU A 16 -9.16 4.09 -1.01
C LEU A 16 -10.14 5.12 -1.61
N THR A 17 -9.63 5.91 -2.54
CA THR A 17 -10.43 6.92 -3.20
C THR A 17 -11.53 6.26 -4.04
N LYS A 18 -11.09 5.38 -4.93
CA LYS A 18 -12.02 4.68 -5.80
C LYS A 18 -11.67 3.19 -5.82
N ALA A 19 -12.70 2.37 -5.87
CA ALA A 19 -12.52 0.93 -5.89
C ALA A 19 -12.95 0.38 -7.26
N GLY A 20 -11.98 -0.13 -7.99
CA GLY A 20 -12.24 -0.69 -9.31
C GLY A 20 -12.44 -2.20 -9.23
N ILE A 21 -12.95 -2.76 -10.32
CA ILE A 21 -13.19 -4.19 -10.40
C ILE A 21 -11.85 -4.93 -10.42
N THR A 22 -10.95 -4.43 -11.25
CA THR A 22 -9.63 -5.03 -11.38
C THR A 22 -8.54 -4.00 -11.04
N TRP A 23 -8.97 -2.91 -10.41
CA TRP A 23 -8.05 -1.87 -10.03
C TRP A 23 -8.53 -1.27 -8.70
N LEU A 24 -7.58 -0.73 -7.96
CA LEU A 24 -7.89 -0.12 -6.67
C LEU A 24 -7.05 1.13 -6.48
N SER A 25 -7.74 2.27 -6.40
CA SER A 25 -7.07 3.54 -6.22
C SER A 25 -6.94 3.86 -4.72
N LEU A 26 -5.72 3.73 -4.23
CA LEU A 26 -5.45 3.99 -2.83
C LEU A 26 -4.84 5.39 -2.68
N GLN A 27 -4.75 5.84 -1.44
CA GLN A 27 -4.20 7.16 -1.17
C GLN A 27 -3.63 7.19 0.26
N TRP A 28 -2.32 7.42 0.33
CA TRP A 28 -1.66 7.48 1.62
C TRP A 28 -0.87 8.80 1.68
N SER A 29 -0.55 9.20 2.90
CA SER A 29 0.19 10.44 3.10
C SER A 29 1.41 10.17 4.00
N LYS A 30 2.19 11.21 4.19
CA LYS A 30 3.38 11.11 5.02
C LYS A 30 2.97 11.07 6.50
N PRO A 31 3.91 10.58 7.34
CA PRO A 31 3.66 10.48 8.76
C PRO A 31 3.73 11.85 9.43
N SER A 32 2.82 12.72 9.03
CA SER A 32 2.77 14.07 9.58
C SER A 32 4.17 14.70 9.55
N GLY A 33 4.26 15.89 10.11
CA GLY A 33 5.52 16.60 10.15
C GLY A 33 6.68 15.65 10.45
N THR A 34 7.33 15.20 9.38
CA THR A 34 8.45 14.29 9.53
C THR A 34 9.62 14.98 10.22
N PRO A 35 10.50 14.14 10.83
CA PRO A 35 11.67 14.66 11.53
C PRO A 35 12.74 15.13 10.55
N SER A 36 12.97 14.31 9.54
CA SER A 36 13.97 14.63 8.53
C SER A 36 13.41 15.68 7.56
N ASP A 37 12.24 15.37 7.01
CA ASP A 37 11.60 16.27 6.07
C ASP A 37 12.26 16.13 4.70
N GLU A 38 11.95 15.03 4.04
CA GLU A 38 12.49 14.76 2.72
C GLU A 38 11.49 13.99 1.87
N GLY A 39 11.97 13.51 0.73
CA GLY A 39 11.11 12.76 -0.18
C GLY A 39 10.99 11.30 0.26
N ILE A 40 10.23 11.09 1.32
CA ILE A 40 10.02 9.75 1.84
C ILE A 40 9.16 8.95 0.87
N SER A 41 9.54 7.69 0.68
CA SER A 41 8.81 6.82 -0.21
C SER A 41 7.98 5.81 0.59
N TYR A 42 7.08 5.14 -0.11
CA TYR A 42 6.23 4.16 0.52
C TYR A 42 5.97 2.97 -0.41
N ILE A 43 6.24 1.78 0.10
CA ILE A 43 6.04 0.57 -0.67
C ILE A 43 4.70 -0.06 -0.30
N LEU A 44 3.82 -0.14 -1.28
CA LEU A 44 2.50 -0.71 -1.07
C LEU A 44 2.59 -2.23 -1.14
N GLU A 45 2.37 -2.86 -0.01
CA GLU A 45 2.42 -4.32 0.08
C GLU A 45 1.01 -4.91 -0.03
N MET A 46 0.97 -6.21 -0.31
CA MET A 46 -0.29 -6.90 -0.45
C MET A 46 -0.12 -8.41 -0.24
N GLU A 47 -0.94 -8.95 0.64
CA GLU A 47 -0.89 -10.37 0.93
C GLU A 47 -2.21 -11.04 0.54
N GLU A 48 -2.11 -11.95 -0.42
CA GLU A 48 -3.27 -12.67 -0.90
C GLU A 48 -2.88 -13.69 -1.96
N GLU A 49 -3.08 -14.95 -1.64
CA GLU A 49 -2.75 -16.03 -2.56
C GLU A 49 -2.93 -17.39 -1.88
N THR A 50 -2.76 -18.44 -2.67
CA THR A 50 -2.90 -19.79 -2.16
C THR A 50 -2.18 -19.93 -0.82
N SER A 51 -0.88 -19.67 -0.85
CA SER A 51 -0.07 -19.76 0.34
C SER A 51 0.09 -18.38 0.99
N GLY A 52 0.67 -17.48 0.21
CA GLY A 52 0.89 -16.11 0.68
C GLY A 52 2.18 -16.01 1.49
N TYR A 53 2.13 -16.53 2.72
CA TYR A 53 3.28 -16.50 3.59
C TYR A 53 4.04 -15.18 3.47
N GLY A 54 3.65 -14.22 4.29
CA GLY A 54 4.28 -12.92 4.27
C GLY A 54 3.71 -12.04 3.16
N PHE A 55 3.87 -10.74 3.33
CA PHE A 55 3.37 -9.78 2.34
C PHE A 55 4.37 -9.62 1.19
N LYS A 56 3.88 -9.01 0.11
CA LYS A 56 4.71 -8.79 -1.06
C LYS A 56 4.54 -7.34 -1.53
N PRO A 57 5.64 -6.80 -2.11
CA PRO A 57 5.63 -5.43 -2.62
C PRO A 57 4.83 -5.34 -3.93
N LYS A 58 4.20 -4.19 -4.11
CA LYS A 58 3.41 -3.96 -5.31
C LYS A 58 3.88 -2.68 -5.99
N TYR A 59 3.96 -1.62 -5.19
CA TYR A 59 4.40 -0.33 -5.70
C TYR A 59 5.71 0.10 -5.04
N ASP A 60 6.41 1.00 -5.72
CA ASP A 60 7.68 1.50 -5.22
C ASP A 60 7.99 2.83 -5.88
N GLY A 61 7.42 3.89 -5.32
CA GLY A 61 7.62 5.23 -5.85
C GLY A 61 7.52 6.27 -4.73
N GLU A 62 7.88 7.50 -5.08
CA GLU A 62 7.84 8.59 -4.12
C GLU A 62 6.55 9.40 -4.29
N ASP A 63 5.48 8.68 -4.60
CA ASP A 63 4.18 9.31 -4.79
C ASP A 63 3.28 8.98 -3.61
N LEU A 64 2.34 9.87 -3.35
CA LEU A 64 1.41 9.69 -2.24
C LEU A 64 0.07 9.20 -2.80
N ALA A 65 0.16 8.47 -3.90
CA ALA A 65 -1.04 7.93 -4.53
C ALA A 65 -0.64 6.91 -5.60
N TYR A 66 -1.38 5.82 -5.63
CA TYR A 66 -1.11 4.76 -6.59
C TYR A 66 -2.40 4.04 -6.99
N THR A 67 -2.34 3.38 -8.14
CA THR A 67 -3.49 2.65 -8.65
C THR A 67 -3.17 1.17 -8.78
N VAL A 68 -3.51 0.43 -7.73
CA VAL A 68 -3.25 -1.00 -7.71
C VAL A 68 -4.04 -1.66 -8.84
N LYS A 69 -3.30 -2.10 -9.85
CA LYS A 69 -3.92 -2.76 -10.99
C LYS A 69 -3.78 -4.27 -10.84
N ASN A 70 -4.24 -4.99 -11.87
CA ASN A 70 -4.17 -6.43 -11.86
C ASN A 70 -4.84 -6.97 -10.60
N LEU A 71 -6.16 -6.99 -10.63
CA LEU A 71 -6.93 -7.47 -9.49
C LEU A 71 -8.08 -8.34 -9.99
N ARG A 72 -8.89 -8.80 -9.04
CA ARG A 72 -10.03 -9.64 -9.38
C ARG A 72 -11.33 -8.98 -8.92
N ARG A 73 -12.43 -9.44 -9.50
CA ARG A 73 -13.74 -8.91 -9.18
C ARG A 73 -14.30 -9.60 -7.94
N SER A 74 -15.11 -8.85 -7.20
CA SER A 74 -15.71 -9.39 -5.98
C SER A 74 -14.70 -10.24 -5.22
N THR A 75 -13.72 -9.55 -4.64
CA THR A 75 -12.68 -10.23 -3.88
C THR A 75 -12.15 -9.31 -2.77
N LYS A 76 -11.33 -9.90 -1.91
CA LYS A 76 -10.76 -9.15 -0.80
C LYS A 76 -9.23 -9.18 -0.92
N TYR A 77 -8.62 -8.09 -0.48
CA TYR A 77 -7.16 -7.98 -0.53
C TYR A 77 -6.65 -7.09 0.60
N LYS A 78 -5.51 -7.49 1.15
CA LYS A 78 -4.90 -6.73 2.23
C LYS A 78 -3.85 -5.77 1.67
N PHE A 79 -3.67 -4.66 2.36
CA PHE A 79 -2.70 -3.66 1.93
C PHE A 79 -2.16 -2.88 3.12
N LYS A 80 -0.86 -2.65 3.09
CA LYS A 80 -0.20 -1.92 4.15
C LYS A 80 0.84 -0.95 3.55
N VAL A 81 0.81 0.28 4.03
CA VAL A 81 1.73 1.29 3.55
C VAL A 81 2.99 1.28 4.43
N ILE A 82 4.10 0.90 3.80
CA ILE A 82 5.37 0.84 4.51
C ILE A 82 6.24 2.01 4.06
N ALA A 83 6.57 2.87 5.02
CA ALA A 83 7.40 4.03 4.75
C ALA A 83 8.86 3.68 5.02
N TYR A 84 9.66 3.74 3.96
CA TYR A 84 11.07 3.43 4.08
C TYR A 84 11.93 4.59 3.57
N ASN A 85 13.20 4.56 3.95
CA ASN A 85 14.13 5.60 3.54
C ASN A 85 15.31 4.96 2.81
N SER A 86 15.91 5.74 1.92
CA SER A 86 17.04 5.27 1.15
C SER A 86 18.09 4.66 2.09
N GLU A 87 18.02 5.07 3.35
CA GLU A 87 18.95 4.58 4.35
C GLU A 87 18.52 3.20 4.84
N GLY A 88 17.23 3.08 5.13
CA GLY A 88 16.67 1.84 5.60
C GLY A 88 15.15 1.85 5.54
N LYS A 89 14.54 0.87 6.21
CA LYS A 89 13.10 0.76 6.24
C LYS A 89 12.60 1.07 7.65
N SER A 90 11.27 1.04 7.80
CA SER A 90 10.66 1.30 9.08
C SER A 90 9.56 0.27 9.36
N ASN A 91 8.75 0.58 10.36
CA ASN A 91 7.66 -0.32 10.74
C ASN A 91 6.48 -0.08 9.80
N PRO A 92 5.76 -1.20 9.51
CA PRO A 92 4.61 -1.14 8.64
C PRO A 92 3.41 -0.50 9.34
N SER A 93 2.50 0.03 8.53
CA SER A 93 1.31 0.68 9.06
C SER A 93 0.20 -0.35 9.25
N GLU A 94 -0.91 0.11 9.81
CA GLU A 94 -2.05 -0.76 10.05
C GLU A 94 -2.49 -1.42 8.75
N VAL A 95 -2.60 -2.74 8.80
CA VAL A 95 -3.02 -3.51 7.65
C VAL A 95 -4.50 -3.27 7.38
N VAL A 96 -4.77 -2.68 6.23
CA VAL A 96 -6.15 -2.39 5.85
C VAL A 96 -6.61 -3.41 4.80
N GLU A 97 -7.88 -3.27 4.41
CA GLU A 97 -8.44 -4.17 3.42
C GLU A 97 -9.42 -3.42 2.51
N PHE A 98 -9.59 -3.95 1.31
CA PHE A 98 -10.48 -3.33 0.35
C PHE A 98 -11.10 -4.37 -0.58
N THR A 99 -12.25 -4.02 -1.13
CA THR A 99 -12.95 -4.93 -2.03
C THR A 99 -13.20 -4.25 -3.37
N THR A 100 -13.53 -5.07 -4.37
CA THR A 100 -13.80 -4.56 -5.70
C THR A 100 -15.28 -4.73 -6.05
N CYS A 101 -15.64 -4.20 -7.21
CA CYS A 101 -17.02 -4.28 -7.67
C CYS A 101 -17.21 -5.60 -8.41
N PRO A 102 -18.49 -5.94 -8.69
CA PRO A 102 -18.81 -7.16 -9.40
C PRO A 102 -18.48 -7.04 -10.89
N ASP A 103 -18.20 -8.19 -11.49
CA ASP A 103 -17.87 -8.22 -12.91
C ASP A 103 -18.52 -9.45 -13.55
N SER A 104 -18.64 -9.39 -14.87
CA SER A 104 -19.24 -10.49 -15.61
C SER A 104 -18.67 -10.54 -17.03
N GLY A 105 -18.81 -9.41 -17.72
CA GLY A 105 -18.32 -9.31 -19.08
C GLY A 105 -18.04 -7.87 -19.45
N PRO A 106 -16.72 -7.51 -19.43
CA PRO A 106 -16.31 -6.15 -19.77
C PRO A 106 -16.39 -5.91 -21.28
N SER A 107 -16.96 -4.76 -21.63
CA SER A 107 -17.10 -4.40 -23.03
C SER A 107 -15.71 -4.10 -23.63
N SER A 108 -15.68 -4.11 -24.96
CA SER A 108 -14.44 -3.84 -25.67
C SER A 108 -14.12 -2.34 -25.61
N GLY A 109 -13.40 -1.97 -24.55
CA GLY A 109 -13.01 -0.58 -24.36
C GLY A 109 -11.49 -0.42 -24.42
N GLY A 1 23.54 -3.89 0.19
CA GLY A 1 24.23 -4.24 1.42
C GLY A 1 23.27 -4.86 2.44
N SER A 2 23.55 -4.62 3.70
CA SER A 2 22.72 -5.15 4.77
C SER A 2 23.00 -4.40 6.07
N SER A 3 22.06 -3.53 6.43
CA SER A 3 22.19 -2.75 7.65
C SER A 3 20.82 -2.34 8.17
N GLY A 4 20.72 -2.20 9.47
CA GLY A 4 19.47 -1.81 10.11
C GLY A 4 19.54 -0.38 10.64
N SER A 5 18.46 0.36 10.41
CA SER A 5 18.40 1.75 10.85
C SER A 5 16.95 2.22 10.85
N SER A 6 16.59 2.94 11.91
CA SER A 6 15.24 3.46 12.05
C SER A 6 15.03 4.64 11.09
N GLY A 7 13.96 4.55 10.32
CA GLY A 7 13.65 5.59 9.37
C GLY A 7 12.47 6.45 9.86
N PRO A 8 11.53 6.72 8.92
CA PRO A 8 10.36 7.52 9.25
C PRO A 8 9.35 6.71 10.07
N SER A 9 8.82 7.36 11.10
CA SER A 9 7.85 6.71 11.97
C SER A 9 6.78 6.02 11.14
N MET A 10 5.98 5.20 11.80
CA MET A 10 4.91 4.48 11.14
C MET A 10 3.98 5.43 10.40
N PRO A 11 3.77 5.14 9.08
CA PRO A 11 2.90 5.96 8.27
C PRO A 11 1.43 5.69 8.59
N ALA A 12 0.56 6.39 7.87
CA ALA A 12 -0.87 6.24 8.06
C ALA A 12 -1.42 5.23 7.06
N SER A 13 -2.31 4.37 7.55
CA SER A 13 -2.90 3.36 6.71
C SER A 13 -3.34 3.97 5.37
N PRO A 14 -3.21 3.16 4.29
CA PRO A 14 -3.60 3.60 2.97
C PRO A 14 -5.11 3.64 2.80
N VAL A 15 -5.60 4.78 2.36
CA VAL A 15 -7.04 4.95 2.16
C VAL A 15 -7.41 4.43 0.76
N LEU A 16 -8.69 4.60 0.44
CA LEU A 16 -9.19 4.15 -0.85
C LEU A 16 -10.20 5.17 -1.38
N THR A 17 -9.74 5.96 -2.35
CA THR A 17 -10.59 6.98 -2.95
C THR A 17 -11.64 6.33 -3.85
N LYS A 18 -11.14 5.49 -4.75
CA LYS A 18 -12.03 4.81 -5.69
C LYS A 18 -11.59 3.34 -5.80
N ALA A 19 -12.58 2.46 -5.75
CA ALA A 19 -12.32 1.03 -5.85
C ALA A 19 -12.89 0.51 -7.17
N GLY A 20 -11.99 0.01 -8.01
CA GLY A 20 -12.38 -0.52 -9.29
C GLY A 20 -12.61 -2.04 -9.22
N ILE A 21 -12.89 -2.62 -10.36
CA ILE A 21 -13.13 -4.05 -10.44
C ILE A 21 -11.79 -4.78 -10.55
N THR A 22 -10.89 -4.22 -11.35
CA THR A 22 -9.58 -4.80 -11.54
C THR A 22 -8.49 -3.77 -11.23
N TRP A 23 -8.87 -2.77 -10.46
CA TRP A 23 -7.95 -1.71 -10.07
C TRP A 23 -8.42 -1.12 -8.75
N LEU A 24 -7.48 -0.56 -8.02
CA LEU A 24 -7.78 0.04 -6.73
C LEU A 24 -6.91 1.29 -6.54
N SER A 25 -7.58 2.41 -6.30
CA SER A 25 -6.88 3.67 -6.10
C SER A 25 -6.80 3.98 -4.60
N LEU A 26 -5.62 3.72 -4.04
CA LEU A 26 -5.41 3.98 -2.62
C LEU A 26 -4.74 5.34 -2.45
N GLN A 27 -4.88 5.89 -1.25
CA GLN A 27 -4.29 7.18 -0.96
C GLN A 27 -3.69 7.17 0.45
N TRP A 28 -2.39 7.45 0.51
CA TRP A 28 -1.68 7.47 1.77
C TRP A 28 -0.85 8.76 1.82
N SER A 29 -0.50 9.15 3.04
CA SER A 29 0.29 10.36 3.24
C SER A 29 1.44 10.08 4.21
N LYS A 30 2.45 10.93 4.16
CA LYS A 30 3.60 10.78 5.03
C LYS A 30 3.13 10.76 6.48
N PRO A 31 4.06 10.34 7.38
CA PRO A 31 3.77 10.26 8.80
C PRO A 31 3.73 11.66 9.43
N SER A 32 2.79 11.84 10.34
CA SER A 32 2.65 13.11 11.03
C SER A 32 3.77 13.29 12.05
N GLY A 33 3.95 12.26 12.86
CA GLY A 33 4.98 12.29 13.89
C GLY A 33 6.30 11.74 13.35
N THR A 34 6.87 12.47 12.40
CA THR A 34 8.13 12.08 11.81
C THR A 34 9.05 13.29 11.63
N PRO A 35 10.35 13.00 11.38
CA PRO A 35 11.33 14.05 11.19
C PRO A 35 11.18 14.70 9.81
N SER A 36 10.87 15.99 9.83
CA SER A 36 10.69 16.73 8.59
C SER A 36 11.74 16.30 7.56
N ASP A 37 11.27 15.61 6.54
CA ASP A 37 12.15 15.13 5.48
C ASP A 37 11.55 15.48 4.13
N GLU A 38 10.27 15.18 3.98
CA GLU A 38 9.57 15.46 2.74
C GLU A 38 10.22 14.71 1.57
N GLY A 39 9.38 13.99 0.84
CA GLY A 39 9.86 13.22 -0.29
C GLY A 39 9.88 11.72 0.02
N ILE A 40 9.82 11.42 1.31
CA ILE A 40 9.83 10.04 1.77
C ILE A 40 8.97 9.20 0.82
N SER A 41 9.40 7.95 0.66
CA SER A 41 8.69 7.03 -0.21
C SER A 41 7.85 6.05 0.62
N TYR A 42 7.10 5.21 -0.07
CA TYR A 42 6.26 4.23 0.59
C TYR A 42 6.09 2.98 -0.27
N ILE A 43 6.21 1.83 0.39
CA ILE A 43 6.08 0.57 -0.31
C ILE A 43 4.70 -0.03 -0.02
N LEU A 44 3.91 -0.15 -1.07
CA LEU A 44 2.57 -0.71 -0.95
C LEU A 44 2.63 -2.23 -1.06
N GLU A 45 2.42 -2.89 0.06
CA GLU A 45 2.45 -4.34 0.10
C GLU A 45 1.03 -4.91 0.02
N MET A 46 0.95 -6.17 -0.36
CA MET A 46 -0.34 -6.83 -0.48
C MET A 46 -0.19 -8.35 -0.29
N GLU A 47 -0.96 -8.87 0.66
CA GLU A 47 -0.91 -10.29 0.94
C GLU A 47 -2.30 -10.91 0.76
N GLU A 48 -2.39 -11.81 -0.21
CA GLU A 48 -3.65 -12.47 -0.50
C GLU A 48 -3.45 -13.56 -1.56
N GLU A 49 -3.39 -14.80 -1.08
CA GLU A 49 -3.20 -15.93 -1.96
C GLU A 49 -3.69 -17.22 -1.29
N THR A 50 -3.31 -17.37 -0.04
CA THR A 50 -3.71 -18.55 0.73
C THR A 50 -4.09 -18.15 2.16
N SER A 51 -3.12 -17.57 2.86
CA SER A 51 -3.35 -17.14 4.23
C SER A 51 -2.14 -16.36 4.74
N GLY A 52 -2.30 -15.78 5.92
CA GLY A 52 -1.23 -15.00 6.52
C GLY A 52 0.09 -15.77 6.50
N TYR A 53 1.08 -15.15 5.88
CA TYR A 53 2.39 -15.77 5.78
C TYR A 53 3.48 -14.71 5.57
N GLY A 54 3.37 -14.02 4.44
CA GLY A 54 4.34 -12.98 4.11
C GLY A 54 3.81 -12.07 3.00
N PHE A 55 3.94 -10.78 3.23
CA PHE A 55 3.47 -9.80 2.26
C PHE A 55 4.48 -9.62 1.13
N LYS A 56 4.02 -9.02 0.04
CA LYS A 56 4.87 -8.79 -1.11
C LYS A 56 4.71 -7.34 -1.58
N PRO A 57 5.84 -6.78 -2.08
CA PRO A 57 5.83 -5.41 -2.56
C PRO A 57 5.13 -5.29 -3.92
N LYS A 58 4.50 -4.15 -4.14
CA LYS A 58 3.79 -3.91 -5.39
C LYS A 58 4.24 -2.58 -5.98
N TYR A 59 4.26 -1.56 -5.13
CA TYR A 59 4.68 -0.24 -5.56
C TYR A 59 5.97 0.18 -4.86
N ASP A 60 6.68 1.11 -5.50
CA ASP A 60 7.93 1.62 -4.95
C ASP A 60 8.29 2.92 -5.65
N GLY A 61 7.63 3.99 -5.24
CA GLY A 61 7.89 5.29 -5.82
C GLY A 61 7.66 6.41 -4.79
N GLU A 62 7.90 7.63 -5.22
CA GLU A 62 7.73 8.79 -4.35
C GLU A 62 6.39 9.47 -4.64
N ASP A 63 5.33 8.66 -4.63
CA ASP A 63 3.99 9.16 -4.88
C ASP A 63 3.11 8.87 -3.67
N LEU A 64 2.08 9.68 -3.52
CA LEU A 64 1.15 9.52 -2.41
C LEU A 64 -0.16 8.92 -2.95
N ALA A 65 -0.05 8.20 -4.05
CA ALA A 65 -1.20 7.58 -4.66
C ALA A 65 -0.73 6.62 -5.76
N TYR A 66 -1.40 5.48 -5.83
CA TYR A 66 -1.08 4.48 -6.83
C TYR A 66 -2.32 3.70 -7.26
N THR A 67 -2.23 3.12 -8.45
CA THR A 67 -3.34 2.34 -8.99
C THR A 67 -2.97 0.87 -9.08
N VAL A 68 -3.36 0.13 -8.03
CA VAL A 68 -3.07 -1.28 -7.99
C VAL A 68 -3.83 -2.00 -9.10
N LYS A 69 -3.13 -2.24 -10.20
CA LYS A 69 -3.72 -2.91 -11.34
C LYS A 69 -3.60 -4.42 -11.16
N ASN A 70 -4.19 -5.15 -12.09
CA ASN A 70 -4.17 -6.60 -12.05
C ASN A 70 -4.84 -7.07 -10.76
N LEU A 71 -6.16 -7.18 -10.82
CA LEU A 71 -6.93 -7.62 -9.67
C LEU A 71 -8.10 -8.48 -10.15
N ARG A 72 -8.90 -8.92 -9.20
CA ARG A 72 -10.05 -9.76 -9.50
C ARG A 72 -11.34 -9.05 -9.09
N ARG A 73 -12.35 -9.21 -9.93
CA ARG A 73 -13.65 -8.59 -9.67
C ARG A 73 -14.21 -9.09 -8.34
N SER A 74 -14.74 -8.15 -7.57
CA SER A 74 -15.32 -8.47 -6.28
C SER A 74 -14.43 -9.48 -5.54
N THR A 75 -13.33 -8.95 -5.00
CA THR A 75 -12.38 -9.79 -4.29
C THR A 75 -11.71 -8.98 -3.17
N LYS A 76 -11.55 -9.63 -2.03
CA LYS A 76 -10.92 -8.98 -0.88
C LYS A 76 -9.41 -8.97 -1.08
N TYR A 77 -8.77 -7.95 -0.51
CA TYR A 77 -7.33 -7.82 -0.61
C TYR A 77 -6.77 -6.99 0.54
N LYS A 78 -5.70 -7.50 1.14
CA LYS A 78 -5.07 -6.82 2.25
C LYS A 78 -3.90 -5.97 1.73
N PHE A 79 -3.82 -4.76 2.26
CA PHE A 79 -2.76 -3.85 1.86
C PHE A 79 -2.21 -3.08 3.07
N LYS A 80 -0.91 -2.85 3.03
CA LYS A 80 -0.24 -2.13 4.11
C LYS A 80 0.82 -1.20 3.53
N VAL A 81 0.80 0.04 4.00
CA VAL A 81 1.75 1.03 3.53
C VAL A 81 3.00 0.99 4.41
N ILE A 82 4.15 0.96 3.74
CA ILE A 82 5.42 0.92 4.45
C ILE A 82 6.28 2.09 4.01
N ALA A 83 6.58 2.97 4.96
CA ALA A 83 7.41 4.13 4.68
C ALA A 83 8.87 3.79 4.93
N TYR A 84 9.68 3.98 3.89
CA TYR A 84 11.10 3.69 3.99
C TYR A 84 11.93 4.86 3.45
N ASN A 85 13.20 4.87 3.81
CA ASN A 85 14.10 5.92 3.37
C ASN A 85 15.30 5.29 2.66
N SER A 86 15.86 6.03 1.73
CA SER A 86 17.00 5.56 0.97
C SER A 86 18.00 4.87 1.91
N GLU A 87 17.97 5.29 3.16
CA GLU A 87 18.86 4.72 4.17
C GLU A 87 18.40 3.32 4.55
N GLY A 88 17.10 3.20 4.81
CA GLY A 88 16.53 1.92 5.19
C GLY A 88 15.00 1.98 5.15
N LYS A 89 14.38 1.08 5.91
CA LYS A 89 12.94 1.03 5.97
C LYS A 89 12.49 0.97 7.44
N SER A 90 11.26 1.38 7.67
CA SER A 90 10.71 1.39 9.01
C SER A 90 9.67 0.28 9.16
N ASN A 91 8.87 0.39 10.21
CA ASN A 91 7.84 -0.60 10.47
C ASN A 91 6.62 -0.31 9.59
N PRO A 92 5.84 -1.38 9.31
CA PRO A 92 4.66 -1.26 8.48
C PRO A 92 3.52 -0.59 9.25
N SER A 93 2.52 -0.14 8.50
CA SER A 93 1.37 0.51 9.10
C SER A 93 0.22 -0.50 9.26
N GLU A 94 -0.88 0.00 9.81
CA GLU A 94 -2.04 -0.84 10.04
C GLU A 94 -2.51 -1.46 8.71
N VAL A 95 -2.58 -2.78 8.71
CA VAL A 95 -3.02 -3.50 7.53
C VAL A 95 -4.52 -3.30 7.33
N VAL A 96 -4.86 -2.69 6.20
CA VAL A 96 -6.26 -2.44 5.88
C VAL A 96 -6.74 -3.46 4.86
N GLU A 97 -8.01 -3.35 4.50
CA GLU A 97 -8.61 -4.26 3.53
C GLU A 97 -9.65 -3.52 2.69
N PHE A 98 -9.68 -3.87 1.42
CA PHE A 98 -10.63 -3.26 0.49
C PHE A 98 -11.17 -4.29 -0.50
N THR A 99 -12.37 -4.02 -0.99
CA THR A 99 -13.00 -4.90 -1.95
C THR A 99 -13.23 -4.18 -3.28
N THR A 100 -13.16 -4.96 -4.36
CA THR A 100 -13.35 -4.41 -5.68
C THR A 100 -14.85 -4.31 -6.01
N CYS A 101 -15.13 -3.75 -7.18
CA CYS A 101 -16.51 -3.60 -7.62
C CYS A 101 -16.88 -4.82 -8.45
N PRO A 102 -18.21 -4.96 -8.71
CA PRO A 102 -18.72 -6.08 -9.48
C PRO A 102 -18.41 -5.90 -10.98
N ASP A 103 -17.88 -6.96 -11.56
CA ASP A 103 -17.53 -6.93 -12.97
C ASP A 103 -18.80 -6.68 -13.80
N SER A 104 -18.87 -5.49 -14.37
CA SER A 104 -20.01 -5.12 -15.18
C SER A 104 -19.59 -4.99 -16.65
N GLY A 105 -20.50 -5.40 -17.53
CA GLY A 105 -20.24 -5.34 -18.95
C GLY A 105 -21.40 -5.92 -19.75
N PRO A 106 -21.49 -5.50 -21.04
CA PRO A 106 -22.54 -5.98 -21.92
C PRO A 106 -22.28 -7.42 -22.37
N SER A 107 -22.30 -8.32 -21.39
CA SER A 107 -22.06 -9.72 -21.68
C SER A 107 -23.28 -10.33 -22.37
N SER A 108 -23.00 -11.23 -23.32
CA SER A 108 -24.06 -11.89 -24.06
C SER A 108 -23.48 -13.03 -24.90
N GLY A 109 -22.53 -12.67 -25.74
CA GLY A 109 -21.89 -13.66 -26.60
C GLY A 109 -22.48 -13.63 -28.01
N GLY A 1 29.77 1.46 13.04
CA GLY A 1 29.12 0.26 12.52
C GLY A 1 27.61 0.46 12.42
N SER A 2 26.89 -0.58 12.82
CA SER A 2 25.43 -0.53 12.78
C SER A 2 24.86 -0.93 14.15
N SER A 3 23.58 -0.68 14.31
CA SER A 3 22.91 -1.00 15.56
C SER A 3 21.38 -0.94 15.37
N GLY A 4 20.92 0.20 14.88
CA GLY A 4 19.50 0.39 14.64
C GLY A 4 19.24 1.68 13.87
N SER A 5 18.31 1.60 12.93
CA SER A 5 17.95 2.75 12.12
C SER A 5 16.50 3.15 12.38
N SER A 6 16.25 4.45 12.32
CA SER A 6 14.92 4.97 12.54
C SER A 6 14.59 6.03 11.49
N GLY A 7 13.87 5.60 10.46
CA GLY A 7 13.48 6.49 9.39
C GLY A 7 12.17 7.21 9.72
N PRO A 8 11.22 7.15 8.76
CA PRO A 8 9.93 7.80 8.95
C PRO A 8 9.05 7.01 9.92
N SER A 9 8.51 7.73 10.88
CA SER A 9 7.64 7.11 11.89
C SER A 9 6.54 6.30 11.21
N MET A 10 5.71 5.69 12.03
CA MET A 10 4.61 4.88 11.52
C MET A 10 3.62 5.74 10.73
N PRO A 11 3.51 5.42 9.42
CA PRO A 11 2.61 6.15 8.53
C PRO A 11 1.15 5.75 8.79
N ALA A 12 0.25 6.52 8.21
CA ALA A 12 -1.17 6.27 8.37
C ALA A 12 -1.61 5.23 7.34
N SER A 13 -2.52 4.36 7.77
CA SER A 13 -3.03 3.32 6.89
C SER A 13 -3.50 3.92 5.57
N PRO A 14 -3.30 3.14 4.48
CA PRO A 14 -3.71 3.59 3.16
C PRO A 14 -5.22 3.52 2.99
N VAL A 15 -5.80 4.61 2.52
CA VAL A 15 -7.23 4.68 2.32
C VAL A 15 -7.57 4.11 0.94
N LEU A 16 -8.84 4.22 0.57
CA LEU A 16 -9.30 3.72 -0.70
C LEU A 16 -10.28 4.72 -1.31
N THR A 17 -9.74 5.62 -2.12
CA THR A 17 -10.55 6.64 -2.77
C THR A 17 -11.50 5.99 -3.78
N LYS A 18 -10.91 5.29 -4.74
CA LYS A 18 -11.69 4.62 -5.76
C LYS A 18 -11.27 3.15 -5.85
N ALA A 19 -12.27 2.29 -5.98
CA ALA A 19 -12.01 0.86 -6.06
C ALA A 19 -12.35 0.38 -7.47
N GLY A 20 -11.33 -0.16 -8.14
CA GLY A 20 -11.50 -0.66 -9.49
C GLY A 20 -11.73 -2.17 -9.49
N ILE A 21 -12.11 -2.69 -10.64
CA ILE A 21 -12.37 -4.11 -10.80
C ILE A 21 -11.05 -4.86 -10.80
N THR A 22 -10.11 -4.33 -11.57
CA THR A 22 -8.79 -4.94 -11.67
C THR A 22 -7.70 -3.95 -11.25
N TRP A 23 -8.11 -2.99 -10.44
CA TRP A 23 -7.18 -1.98 -9.95
C TRP A 23 -7.76 -1.40 -8.66
N LEU A 24 -6.87 -0.80 -7.87
CA LEU A 24 -7.27 -0.20 -6.61
C LEU A 24 -6.51 1.11 -6.40
N SER A 25 -7.26 2.16 -6.12
CA SER A 25 -6.66 3.46 -5.90
C SER A 25 -6.67 3.80 -4.40
N LEU A 26 -5.51 3.60 -3.79
CA LEU A 26 -5.37 3.87 -2.36
C LEU A 26 -4.82 5.29 -2.17
N GLN A 27 -4.88 5.75 -0.93
CA GLN A 27 -4.38 7.07 -0.60
C GLN A 27 -3.83 7.10 0.83
N TRP A 28 -2.54 7.37 0.92
CA TRP A 28 -1.88 7.42 2.22
C TRP A 28 -1.23 8.80 2.35
N SER A 29 -0.83 9.11 3.58
CA SER A 29 -0.19 10.39 3.86
C SER A 29 1.09 10.17 4.67
N LYS A 30 1.91 11.21 4.71
CA LYS A 30 3.16 11.14 5.45
C LYS A 30 2.92 11.56 6.89
N PRO A 31 3.88 11.17 7.77
CA PRO A 31 3.79 11.50 9.18
C PRO A 31 4.12 12.97 9.43
N SER A 32 3.98 13.38 10.68
CA SER A 32 4.27 14.75 11.05
C SER A 32 5.76 14.94 11.29
N GLY A 33 6.26 16.11 10.89
CA GLY A 33 7.66 16.41 11.05
C GLY A 33 8.53 15.19 10.76
N THR A 34 8.74 14.95 9.47
CA THR A 34 9.54 13.82 9.05
C THR A 34 11.03 14.15 9.18
N PRO A 35 11.85 13.07 9.39
CA PRO A 35 13.28 13.24 9.54
C PRO A 35 13.95 13.51 8.18
N SER A 36 13.55 12.71 7.19
CA SER A 36 14.09 12.85 5.86
C SER A 36 14.14 14.34 5.47
N ASP A 37 14.87 14.61 4.39
CA ASP A 37 15.00 15.98 3.91
C ASP A 37 13.99 16.21 2.79
N GLU A 38 12.72 16.22 3.17
CA GLU A 38 11.65 16.43 2.21
C GLU A 38 11.67 15.34 1.13
N GLY A 39 10.54 14.69 0.96
CA GLY A 39 10.41 13.65 -0.03
C GLY A 39 10.56 12.26 0.61
N ILE A 40 9.44 11.57 0.74
CA ILE A 40 9.43 10.25 1.34
C ILE A 40 8.69 9.28 0.41
N SER A 41 9.20 8.06 0.36
CA SER A 41 8.60 7.03 -0.47
C SER A 41 7.93 5.98 0.39
N TYR A 42 6.89 5.36 -0.17
CA TYR A 42 6.16 4.33 0.55
C TYR A 42 5.85 3.14 -0.36
N ILE A 43 6.09 1.96 0.17
CA ILE A 43 5.85 0.74 -0.59
C ILE A 43 4.47 0.18 -0.22
N LEU A 44 3.61 0.08 -1.23
CA LEU A 44 2.27 -0.43 -1.02
C LEU A 44 2.28 -1.95 -1.22
N GLU A 45 2.13 -2.66 -0.11
CA GLU A 45 2.12 -4.11 -0.14
C GLU A 45 0.68 -4.63 -0.15
N MET A 46 0.55 -5.89 -0.55
CA MET A 46 -0.77 -6.51 -0.61
C MET A 46 -0.66 -8.03 -0.48
N GLU A 47 -1.51 -8.59 0.37
CA GLU A 47 -1.51 -10.02 0.59
C GLU A 47 -2.86 -10.61 0.19
N GLU A 48 -2.80 -11.71 -0.54
CA GLU A 48 -4.01 -12.39 -0.98
C GLU A 48 -4.64 -13.17 0.16
N GLU A 49 -5.62 -13.99 -0.20
CA GLU A 49 -6.32 -14.81 0.79
C GLU A 49 -6.12 -16.30 0.49
N THR A 50 -6.54 -16.68 -0.71
CA THR A 50 -6.41 -18.07 -1.13
C THR A 50 -5.09 -18.66 -0.64
N SER A 51 -4.01 -18.14 -1.20
CA SER A 51 -2.68 -18.61 -0.83
C SER A 51 -2.04 -17.62 0.14
N GLY A 52 -1.73 -16.43 -0.38
CA GLY A 52 -1.11 -15.40 0.42
C GLY A 52 0.41 -15.35 0.19
N TYR A 53 1.07 -16.40 0.64
CA TYR A 53 2.52 -16.50 0.49
C TYR A 53 3.21 -15.23 1.01
N GLY A 54 2.53 -14.57 1.94
CA GLY A 54 3.06 -13.35 2.53
C GLY A 54 2.77 -12.14 1.63
N PHE A 55 3.15 -10.98 2.14
CA PHE A 55 2.94 -9.74 1.40
C PHE A 55 4.06 -9.51 0.38
N LYS A 56 3.69 -8.94 -0.74
CA LYS A 56 4.65 -8.65 -1.80
C LYS A 56 4.52 -7.19 -2.22
N PRO A 57 5.68 -6.61 -2.66
CA PRO A 57 5.69 -5.22 -3.09
C PRO A 57 5.06 -5.07 -4.48
N LYS A 58 4.23 -4.05 -4.61
CA LYS A 58 3.56 -3.78 -5.87
C LYS A 58 3.95 -2.40 -6.37
N TYR A 59 4.00 -1.46 -5.45
CA TYR A 59 4.36 -0.09 -5.79
C TYR A 59 5.70 0.29 -5.16
N ASP A 60 6.28 1.37 -5.67
CA ASP A 60 7.56 1.85 -5.17
C ASP A 60 7.91 3.18 -5.84
N GLY A 61 7.36 4.24 -5.28
CA GLY A 61 7.59 5.57 -5.82
C GLY A 61 7.55 6.63 -4.71
N GLU A 62 7.73 7.88 -5.13
CA GLU A 62 7.72 8.98 -4.19
C GLU A 62 6.37 9.72 -4.24
N ASP A 63 5.32 8.93 -4.38
CA ASP A 63 3.98 9.49 -4.44
C ASP A 63 3.15 8.95 -3.27
N LEU A 64 2.19 9.75 -2.86
CA LEU A 64 1.31 9.38 -1.75
C LEU A 64 0.06 8.70 -2.30
N ALA A 65 0.22 8.08 -3.46
CA ALA A 65 -0.88 7.39 -4.10
C ALA A 65 -0.34 6.47 -5.19
N TYR A 66 -1.13 5.45 -5.50
CA TYR A 66 -0.73 4.49 -6.52
C TYR A 66 -1.95 3.78 -7.11
N THR A 67 -1.77 3.23 -8.30
CA THR A 67 -2.84 2.52 -8.98
C THR A 67 -2.49 1.04 -9.14
N VAL A 68 -2.96 0.24 -8.19
CA VAL A 68 -2.71 -1.18 -8.22
C VAL A 68 -3.30 -1.78 -9.49
N LYS A 69 -2.62 -2.80 -10.00
CA LYS A 69 -3.07 -3.47 -11.21
C LYS A 69 -2.95 -4.98 -11.03
N ASN A 70 -3.53 -5.71 -11.98
CA ASN A 70 -3.50 -7.16 -11.93
C ASN A 70 -4.23 -7.64 -10.68
N LEU A 71 -5.55 -7.52 -10.72
CA LEU A 71 -6.37 -7.95 -9.61
C LEU A 71 -7.55 -8.78 -10.13
N ARG A 72 -8.50 -9.02 -9.23
CA ARG A 72 -9.68 -9.78 -9.59
C ARG A 72 -10.94 -9.05 -9.15
N ARG A 73 -12.00 -9.24 -9.92
CA ARG A 73 -13.28 -8.61 -9.62
C ARG A 73 -13.90 -9.24 -8.37
N SER A 74 -14.65 -8.42 -7.65
CA SER A 74 -15.31 -8.89 -6.43
C SER A 74 -14.35 -9.77 -5.63
N THR A 75 -13.36 -9.13 -5.05
CA THR A 75 -12.37 -9.85 -4.25
C THR A 75 -11.81 -8.94 -3.15
N LYS A 76 -11.53 -9.55 -2.01
CA LYS A 76 -11.00 -8.82 -0.88
C LYS A 76 -9.48 -8.95 -0.86
N TYR A 77 -8.83 -7.92 -0.33
CA TYR A 77 -7.38 -7.89 -0.25
C TYR A 77 -6.91 -7.01 0.89
N LYS A 78 -5.80 -7.42 1.50
CA LYS A 78 -5.23 -6.67 2.61
C LYS A 78 -4.06 -5.83 2.10
N PHE A 79 -4.07 -4.56 2.48
CA PHE A 79 -3.02 -3.64 2.07
C PHE A 79 -2.34 -3.00 3.29
N LYS A 80 -1.11 -2.59 3.09
CA LYS A 80 -0.35 -1.95 4.16
C LYS A 80 0.69 -1.01 3.56
N VAL A 81 0.69 0.21 4.06
CA VAL A 81 1.63 1.21 3.57
C VAL A 81 2.94 1.11 4.35
N ILE A 82 4.02 0.93 3.61
CA ILE A 82 5.34 0.80 4.22
C ILE A 82 6.21 1.98 3.80
N ALA A 83 6.52 2.82 4.77
CA ALA A 83 7.33 4.00 4.52
C ALA A 83 8.81 3.63 4.71
N TYR A 84 9.61 4.00 3.72
CA TYR A 84 11.04 3.73 3.77
C TYR A 84 11.85 4.90 3.23
N ASN A 85 13.12 4.92 3.59
CA ASN A 85 14.01 5.99 3.15
C ASN A 85 15.21 5.37 2.43
N SER A 86 15.77 6.15 1.52
CA SER A 86 16.92 5.69 0.76
C SER A 86 17.94 5.04 1.69
N GLU A 87 17.90 5.46 2.95
CA GLU A 87 18.81 4.93 3.94
C GLU A 87 18.35 3.54 4.39
N GLY A 88 17.06 3.44 4.67
CA GLY A 88 16.48 2.17 5.11
C GLY A 88 14.96 2.28 5.22
N LYS A 89 14.35 1.14 5.52
CA LYS A 89 12.89 1.08 5.65
C LYS A 89 12.53 0.98 7.13
N SER A 90 11.27 1.26 7.42
CA SER A 90 10.78 1.19 8.78
C SER A 90 9.72 0.09 8.91
N ASN A 91 8.99 0.15 10.01
CA ASN A 91 7.95 -0.83 10.26
C ASN A 91 6.72 -0.49 9.43
N PRO A 92 5.93 -1.55 9.10
CA PRO A 92 4.72 -1.39 8.30
C PRO A 92 3.61 -0.76 9.13
N SER A 93 2.60 -0.25 8.44
CA SER A 93 1.47 0.38 9.10
C SER A 93 0.35 -0.65 9.28
N GLU A 94 -0.76 -0.17 9.82
CA GLU A 94 -1.92 -1.03 10.05
C GLU A 94 -2.44 -1.60 8.73
N VAL A 95 -2.62 -2.91 8.73
CA VAL A 95 -3.11 -3.58 7.54
C VAL A 95 -4.60 -3.29 7.37
N VAL A 96 -4.92 -2.66 6.25
CA VAL A 96 -6.30 -2.31 5.96
C VAL A 96 -6.87 -3.32 4.96
N GLU A 97 -8.19 -3.25 4.78
CA GLU A 97 -8.86 -4.14 3.86
C GLU A 97 -9.80 -3.36 2.95
N PHE A 98 -10.02 -3.92 1.76
CA PHE A 98 -10.88 -3.27 0.79
C PHE A 98 -11.54 -4.31 -0.13
N THR A 99 -12.40 -3.82 -1.01
CA THR A 99 -13.10 -4.69 -1.94
C THR A 99 -13.16 -4.04 -3.33
N THR A 100 -13.16 -4.89 -4.35
CA THR A 100 -13.22 -4.42 -5.72
C THR A 100 -14.66 -4.45 -6.23
N CYS A 101 -14.88 -3.72 -7.32
CA CYS A 101 -16.21 -3.67 -7.92
C CYS A 101 -16.68 -5.10 -8.17
N PRO A 102 -18.02 -5.22 -8.42
CA PRO A 102 -18.61 -6.52 -8.67
C PRO A 102 -18.27 -7.02 -10.07
N ASP A 103 -18.39 -6.11 -11.04
CA ASP A 103 -18.10 -6.44 -12.42
C ASP A 103 -19.23 -7.30 -12.99
N SER A 104 -19.46 -8.44 -12.34
CA SER A 104 -20.50 -9.34 -12.76
C SER A 104 -21.74 -9.18 -11.88
N GLY A 105 -22.86 -9.66 -12.39
CA GLY A 105 -24.12 -9.55 -11.66
C GLY A 105 -25.27 -10.14 -12.49
N PRO A 106 -26.50 -9.98 -11.94
CA PRO A 106 -27.69 -10.48 -12.60
C PRO A 106 -28.07 -9.58 -13.78
N SER A 107 -28.00 -8.29 -13.55
CA SER A 107 -28.33 -7.32 -14.58
C SER A 107 -27.37 -7.46 -15.76
N SER A 108 -27.95 -7.65 -16.93
CA SER A 108 -27.16 -7.81 -18.14
C SER A 108 -26.27 -9.05 -18.03
N GLY A 109 -26.44 -9.96 -18.99
CA GLY A 109 -25.68 -11.18 -19.01
C GLY A 109 -25.31 -11.58 -20.44
N GLY A 1 18.51 -5.08 11.30
CA GLY A 1 17.51 -6.01 10.80
C GLY A 1 16.11 -5.58 11.22
N SER A 2 15.87 -5.61 12.53
CA SER A 2 14.58 -5.22 13.07
C SER A 2 14.73 -4.81 14.53
N SER A 3 14.94 -3.51 14.73
CA SER A 3 15.10 -2.99 16.08
C SER A 3 13.82 -2.31 16.53
N GLY A 4 13.40 -1.31 15.76
CA GLY A 4 12.19 -0.58 16.07
C GLY A 4 12.00 0.59 15.11
N SER A 5 11.44 1.67 15.64
CA SER A 5 11.18 2.86 14.85
C SER A 5 12.50 3.64 14.66
N SER A 6 13.13 3.40 13.52
CA SER A 6 14.38 4.07 13.20
C SER A 6 14.16 5.08 12.09
N GLY A 7 13.72 4.58 10.95
CA GLY A 7 13.47 5.44 9.80
C GLY A 7 12.32 6.41 10.08
N PRO A 8 11.43 6.57 9.07
CA PRO A 8 10.29 7.46 9.20
C PRO A 8 9.22 6.85 10.11
N SER A 9 8.65 7.70 10.95
CA SER A 9 7.61 7.26 11.86
C SER A 9 6.56 6.44 11.11
N MET A 10 5.62 5.90 11.88
CA MET A 10 4.57 5.09 11.30
C MET A 10 3.61 5.95 10.48
N PRO A 11 3.48 5.57 9.18
CA PRO A 11 2.60 6.30 8.27
C PRO A 11 1.13 5.98 8.56
N ALA A 12 0.25 6.70 7.88
CA ALA A 12 -1.18 6.49 8.05
C ALA A 12 -1.67 5.44 7.05
N SER A 13 -2.53 4.57 7.53
CA SER A 13 -3.08 3.52 6.70
C SER A 13 -3.50 4.08 5.34
N PRO A 14 -3.32 3.25 4.28
CA PRO A 14 -3.68 3.66 2.93
C PRO A 14 -5.20 3.65 2.74
N VAL A 15 -5.72 4.78 2.30
CA VAL A 15 -7.15 4.91 2.07
C VAL A 15 -7.49 4.32 0.71
N LEU A 16 -8.77 4.41 0.37
CA LEU A 16 -9.24 3.89 -0.91
C LEU A 16 -10.17 4.92 -1.56
N THR A 17 -9.55 5.81 -2.34
CA THR A 17 -10.30 6.84 -3.02
C THR A 17 -11.34 6.22 -3.95
N LYS A 18 -10.86 5.43 -4.89
CA LYS A 18 -11.73 4.77 -5.84
C LYS A 18 -11.36 3.29 -5.93
N ALA A 19 -12.39 2.46 -5.88
CA ALA A 19 -12.18 1.01 -5.95
C ALA A 19 -12.61 0.52 -7.33
N GLY A 20 -11.64 -0.05 -8.05
CA GLY A 20 -11.90 -0.56 -9.38
C GLY A 20 -12.18 -2.07 -9.33
N ILE A 21 -12.50 -2.62 -10.50
CA ILE A 21 -12.79 -4.04 -10.60
C ILE A 21 -11.48 -4.82 -10.61
N THR A 22 -10.52 -4.31 -11.35
CA THR A 22 -9.21 -4.94 -11.45
C THR A 22 -8.11 -3.96 -11.08
N TRP A 23 -8.50 -2.93 -10.33
CA TRP A 23 -7.55 -1.91 -9.90
C TRP A 23 -8.08 -1.29 -8.61
N LEU A 24 -7.15 -0.74 -7.84
CA LEU A 24 -7.51 -0.11 -6.57
C LEU A 24 -6.64 1.13 -6.37
N SER A 25 -7.31 2.27 -6.31
CA SER A 25 -6.62 3.54 -6.12
C SER A 25 -6.55 3.88 -4.62
N LEU A 26 -5.39 3.61 -4.04
CA LEU A 26 -5.19 3.89 -2.62
C LEU A 26 -4.55 5.26 -2.46
N GLN A 27 -4.65 5.78 -1.24
CA GLN A 27 -4.08 7.09 -0.95
C GLN A 27 -3.52 7.11 0.47
N TRP A 28 -2.21 7.21 0.56
CA TRP A 28 -1.54 7.25 1.85
C TRP A 28 -0.89 8.62 2.01
N SER A 29 -0.59 8.96 3.26
CA SER A 29 0.02 10.24 3.57
C SER A 29 1.38 10.02 4.24
N LYS A 30 2.11 11.11 4.41
CA LYS A 30 3.41 11.06 5.03
C LYS A 30 3.25 10.74 6.52
N PRO A 31 4.36 10.27 7.14
CA PRO A 31 4.36 9.93 8.55
C PRO A 31 4.36 11.19 9.43
N SER A 32 4.01 11.00 10.68
CA SER A 32 3.96 12.10 11.63
C SER A 32 5.36 12.69 11.81
N GLY A 33 5.44 14.00 11.62
CA GLY A 33 6.71 14.70 11.76
C GLY A 33 7.85 13.90 11.12
N THR A 34 8.08 14.18 9.84
CA THR A 34 9.13 13.50 9.11
C THR A 34 10.50 13.86 9.67
N PRO A 35 11.50 12.97 9.40
CA PRO A 35 12.85 13.19 9.88
C PRO A 35 13.55 14.27 9.05
N SER A 36 13.41 14.14 7.74
CA SER A 36 14.02 15.08 6.82
C SER A 36 13.29 15.05 5.47
N ASP A 37 13.39 16.17 4.76
CA ASP A 37 12.75 16.29 3.47
C ASP A 37 13.68 15.72 2.39
N GLU A 38 14.18 14.53 2.66
CA GLU A 38 15.08 13.87 1.72
C GLU A 38 14.30 12.89 0.84
N GLY A 39 13.10 13.32 0.47
CA GLY A 39 12.25 12.50 -0.38
C GLY A 39 11.94 11.16 0.28
N ILE A 40 10.69 11.03 0.71
CA ILE A 40 10.25 9.81 1.37
C ILE A 40 9.42 8.97 0.39
N SER A 41 9.63 7.67 0.44
CA SER A 41 8.92 6.76 -0.44
C SER A 41 8.08 5.79 0.39
N TYR A 42 7.05 5.25 -0.25
CA TYR A 42 6.16 4.31 0.41
C TYR A 42 5.91 3.09 -0.47
N ILE A 43 6.10 1.92 0.11
CA ILE A 43 5.88 0.67 -0.60
C ILE A 43 4.49 0.12 -0.27
N LEU A 44 3.70 -0.05 -1.32
CA LEU A 44 2.35 -0.57 -1.16
C LEU A 44 2.38 -2.10 -1.23
N GLU A 45 2.17 -2.71 -0.08
CA GLU A 45 2.16 -4.17 0.01
C GLU A 45 0.73 -4.70 -0.12
N MET A 46 0.64 -5.98 -0.46
CA MET A 46 -0.65 -6.62 -0.62
C MET A 46 -0.51 -8.15 -0.56
N GLU A 47 -1.22 -8.74 0.39
CA GLU A 47 -1.19 -10.18 0.56
C GLU A 47 -2.61 -10.74 0.56
N GLU A 48 -2.87 -11.61 -0.41
CA GLU A 48 -4.17 -12.23 -0.53
C GLU A 48 -4.20 -13.56 0.20
N GLU A 49 -5.35 -14.24 0.11
CA GLU A 49 -5.51 -15.53 0.76
C GLU A 49 -5.64 -15.33 2.28
N THR A 50 -5.72 -16.45 2.97
CA THR A 50 -5.84 -16.43 4.42
C THR A 50 -4.61 -15.76 5.05
N SER A 51 -4.87 -15.00 6.11
CA SER A 51 -3.81 -14.30 6.80
C SER A 51 -2.90 -13.59 5.79
N GLY A 52 -1.82 -13.04 6.32
CA GLY A 52 -0.87 -12.33 5.48
C GLY A 52 0.43 -13.14 5.31
N TYR A 53 1.48 -12.64 5.94
CA TYR A 53 2.77 -13.30 5.87
C TYR A 53 3.15 -13.62 4.43
N GLY A 54 3.99 -12.77 3.86
CA GLY A 54 4.44 -12.95 2.49
C GLY A 54 4.12 -11.72 1.65
N PHE A 55 3.60 -10.71 2.32
CA PHE A 55 3.24 -9.46 1.64
C PHE A 55 4.31 -9.08 0.62
N LYS A 56 3.96 -9.23 -0.65
CA LYS A 56 4.86 -8.90 -1.73
C LYS A 56 4.65 -7.44 -2.14
N PRO A 57 5.77 -6.81 -2.59
CA PRO A 57 5.72 -5.41 -3.02
C PRO A 57 5.06 -5.29 -4.40
N LYS A 58 4.39 -4.17 -4.60
CA LYS A 58 3.71 -3.91 -5.86
C LYS A 58 4.15 -2.55 -6.40
N TYR A 59 4.16 -1.57 -5.51
CA TYR A 59 4.55 -0.22 -5.88
C TYR A 59 5.83 0.20 -5.16
N ASP A 60 6.54 1.14 -5.76
CA ASP A 60 7.78 1.64 -5.19
C ASP A 60 8.12 2.99 -5.81
N GLY A 61 7.46 4.03 -5.31
CA GLY A 61 7.69 5.38 -5.81
C GLY A 61 7.59 6.40 -4.69
N GLU A 62 7.95 7.63 -5.02
CA GLU A 62 7.90 8.71 -4.04
C GLU A 62 6.62 9.51 -4.20
N ASP A 63 5.51 8.78 -4.34
CA ASP A 63 4.21 9.42 -4.50
C ASP A 63 3.31 8.99 -3.34
N LEU A 64 2.37 9.87 -3.01
CA LEU A 64 1.44 9.60 -1.93
C LEU A 64 0.12 9.07 -2.52
N ALA A 65 0.24 8.38 -3.64
CA ALA A 65 -0.92 7.82 -4.30
C ALA A 65 -0.45 6.86 -5.40
N TYR A 66 -1.23 5.80 -5.59
CA TYR A 66 -0.92 4.81 -6.60
C TYR A 66 -2.19 4.07 -7.06
N THR A 67 -2.09 3.49 -8.24
CA THR A 67 -3.21 2.76 -8.80
C THR A 67 -2.85 1.29 -9.01
N VAL A 68 -3.37 0.46 -8.11
CA VAL A 68 -3.11 -0.97 -8.17
C VAL A 68 -3.75 -1.55 -9.43
N LYS A 69 -3.12 -2.59 -9.96
CA LYS A 69 -3.62 -3.24 -11.16
C LYS A 69 -3.38 -4.75 -11.05
N ASN A 70 -4.04 -5.48 -11.94
CA ASN A 70 -3.91 -6.93 -11.95
C ASN A 70 -4.58 -7.51 -10.70
N LEU A 71 -5.89 -7.25 -10.60
CA LEU A 71 -6.65 -7.75 -9.47
C LEU A 71 -7.79 -8.63 -9.97
N ARG A 72 -8.61 -9.07 -9.03
CA ARG A 72 -9.73 -9.94 -9.36
C ARG A 72 -11.05 -9.29 -8.89
N ARG A 73 -12.11 -9.58 -9.63
CA ARG A 73 -13.42 -9.04 -9.30
C ARG A 73 -13.93 -9.66 -8.00
N SER A 74 -14.50 -8.81 -7.16
CA SER A 74 -15.03 -9.25 -5.88
C SER A 74 -14.05 -10.22 -5.22
N THR A 75 -13.03 -9.63 -4.60
CA THR A 75 -12.02 -10.43 -3.92
C THR A 75 -11.43 -9.64 -2.73
N LYS A 76 -11.35 -10.32 -1.61
CA LYS A 76 -10.82 -9.71 -0.41
C LYS A 76 -9.29 -9.59 -0.53
N TYR A 77 -8.81 -8.37 -0.31
CA TYR A 77 -7.39 -8.11 -0.40
C TYR A 77 -6.93 -7.22 0.76
N LYS A 78 -5.67 -7.42 1.14
CA LYS A 78 -5.10 -6.65 2.23
C LYS A 78 -4.02 -5.72 1.69
N PHE A 79 -3.85 -4.59 2.38
CA PHE A 79 -2.85 -3.62 1.97
C PHE A 79 -2.31 -2.86 3.17
N LYS A 80 -1.00 -2.65 3.17
CA LYS A 80 -0.35 -1.94 4.26
C LYS A 80 0.74 -1.01 3.67
N VAL A 81 0.67 0.25 4.07
CA VAL A 81 1.63 1.23 3.60
C VAL A 81 2.89 1.14 4.45
N ILE A 82 4.02 1.12 3.75
CA ILE A 82 5.31 1.04 4.43
C ILE A 82 6.19 2.21 3.99
N ALA A 83 6.49 3.08 4.95
CA ALA A 83 7.31 4.24 4.68
C ALA A 83 8.78 3.90 4.97
N TYR A 84 9.58 3.93 3.91
CA TYR A 84 11.00 3.62 4.05
C TYR A 84 11.85 4.78 3.52
N ASN A 85 13.11 4.78 3.94
CA ASN A 85 14.03 5.82 3.53
C ASN A 85 15.25 5.17 2.87
N SER A 86 15.86 5.92 1.96
CA SER A 86 17.03 5.43 1.26
C SER A 86 18.01 4.79 2.24
N GLU A 87 17.92 5.24 3.49
CA GLU A 87 18.79 4.72 4.53
C GLU A 87 18.29 3.36 5.00
N GLY A 88 17.00 3.29 5.26
CA GLY A 88 16.38 2.05 5.71
C GLY A 88 14.86 2.17 5.73
N LYS A 89 14.21 1.05 6.03
CA LYS A 89 12.76 1.01 6.08
C LYS A 89 12.31 1.00 7.55
N SER A 90 11.07 1.42 7.75
CA SER A 90 10.52 1.46 9.09
C SER A 90 9.43 0.39 9.23
N ASN A 91 8.68 0.48 10.33
CA ASN A 91 7.62 -0.46 10.59
C ASN A 91 6.44 -0.18 9.66
N PRO A 92 5.69 -1.26 9.32
CA PRO A 92 4.54 -1.14 8.45
C PRO A 92 3.36 -0.50 9.18
N SER A 93 2.44 0.04 8.39
CA SER A 93 1.26 0.69 8.95
C SER A 93 0.13 -0.33 9.09
N GLU A 94 -0.83 0.01 9.95
CA GLU A 94 -1.97 -0.86 10.19
C GLU A 94 -2.45 -1.47 8.88
N VAL A 95 -2.73 -2.77 8.93
CA VAL A 95 -3.21 -3.48 7.76
C VAL A 95 -4.70 -3.20 7.55
N VAL A 96 -5.02 -2.70 6.37
CA VAL A 96 -6.40 -2.40 6.05
C VAL A 96 -6.93 -3.42 5.05
N GLU A 97 -8.24 -3.38 4.84
CA GLU A 97 -8.88 -4.30 3.92
C GLU A 97 -9.85 -3.54 3.00
N PHE A 98 -9.94 -4.02 1.77
CA PHE A 98 -10.82 -3.41 0.79
C PHE A 98 -11.44 -4.47 -0.13
N THR A 99 -12.34 -4.01 -0.98
CA THR A 99 -13.01 -4.90 -1.92
C THR A 99 -13.15 -4.21 -3.29
N THR A 100 -13.48 -5.02 -4.28
CA THR A 100 -13.65 -4.52 -5.63
C THR A 100 -15.09 -4.68 -6.09
N CYS A 101 -15.42 -4.02 -7.19
CA CYS A 101 -16.76 -4.08 -7.73
C CYS A 101 -17.10 -5.55 -8.00
N PRO A 102 -18.42 -5.80 -8.25
CA PRO A 102 -18.88 -7.15 -8.51
C PRO A 102 -18.50 -7.59 -9.93
N ASP A 103 -18.66 -6.67 -10.87
CA ASP A 103 -18.34 -6.95 -12.25
C ASP A 103 -19.23 -8.09 -12.77
N SER A 104 -19.41 -8.11 -14.08
CA SER A 104 -20.24 -9.13 -14.70
C SER A 104 -21.67 -9.04 -14.16
N GLY A 105 -22.45 -8.18 -14.80
CA GLY A 105 -23.83 -7.99 -14.40
C GLY A 105 -24.54 -7.00 -15.32
N PRO A 106 -25.69 -7.45 -15.88
CA PRO A 106 -26.46 -6.61 -16.79
C PRO A 106 -27.23 -5.53 -16.00
N SER A 107 -27.84 -4.64 -16.75
CA SER A 107 -28.61 -3.55 -16.15
C SER A 107 -27.80 -2.91 -15.03
N SER A 108 -26.93 -2.00 -15.42
CA SER A 108 -26.08 -1.30 -14.45
C SER A 108 -25.10 -2.28 -13.82
N GLY A 109 -23.85 -1.85 -13.76
CA GLY A 109 -22.80 -2.68 -13.18
C GLY A 109 -23.22 -3.23 -11.82
N GLY A 1 22.45 13.15 10.23
CA GLY A 1 23.54 13.22 11.20
C GLY A 1 23.71 11.89 11.93
N SER A 2 24.86 11.73 12.55
CA SER A 2 25.15 10.51 13.29
C SER A 2 24.15 10.34 14.43
N SER A 3 23.75 9.09 14.64
CA SER A 3 22.80 8.77 15.69
C SER A 3 21.46 9.45 15.39
N GLY A 4 20.40 8.83 15.91
CA GLY A 4 19.07 9.36 15.72
C GLY A 4 18.16 8.32 15.05
N SER A 5 16.86 8.57 15.13
CA SER A 5 15.89 7.67 14.54
C SER A 5 16.08 7.60 13.02
N SER A 6 16.95 6.68 12.61
CA SER A 6 17.23 6.50 11.20
C SER A 6 16.04 5.85 10.50
N GLY A 7 15.13 6.70 10.03
CA GLY A 7 13.94 6.23 9.36
C GLY A 7 12.71 7.05 9.76
N PRO A 8 11.73 7.11 8.82
CA PRO A 8 10.51 7.85 9.07
C PRO A 8 9.59 7.09 10.03
N SER A 9 8.76 7.86 10.73
CA SER A 9 7.82 7.26 11.68
C SER A 9 6.76 6.46 10.94
N MET A 10 5.84 5.89 11.71
CA MET A 10 4.76 5.10 11.14
C MET A 10 3.82 5.97 10.33
N PRO A 11 3.66 5.59 9.03
CA PRO A 11 2.80 6.33 8.13
C PRO A 11 1.33 6.02 8.42
N ALA A 12 0.46 6.77 7.76
CA ALA A 12 -0.98 6.59 7.94
C ALA A 12 -1.47 5.51 7.00
N SER A 13 -2.32 4.64 7.54
CA SER A 13 -2.88 3.54 6.75
C SER A 13 -3.37 4.06 5.41
N PRO A 14 -3.18 3.22 4.35
CA PRO A 14 -3.61 3.58 3.01
C PRO A 14 -5.12 3.48 2.87
N VAL A 15 -5.71 4.54 2.34
CA VAL A 15 -7.15 4.58 2.15
C VAL A 15 -7.49 4.03 0.77
N LEU A 16 -8.77 4.11 0.42
CA LEU A 16 -9.23 3.62 -0.86
C LEU A 16 -10.15 4.67 -1.50
N THR A 17 -9.54 5.58 -2.24
CA THR A 17 -10.28 6.63 -2.90
C THR A 17 -11.37 6.03 -3.80
N LYS A 18 -10.93 5.24 -4.77
CA LYS A 18 -11.85 4.60 -5.69
C LYS A 18 -11.45 3.13 -5.86
N ALA A 19 -12.43 2.27 -5.71
CA ALA A 19 -12.20 0.84 -5.85
C ALA A 19 -12.76 0.35 -7.19
N GLY A 20 -11.86 -0.14 -8.02
CA GLY A 20 -12.25 -0.64 -9.34
C GLY A 20 -12.46 -2.14 -9.31
N ILE A 21 -12.62 -2.72 -10.50
CA ILE A 21 -12.83 -4.14 -10.63
C ILE A 21 -11.48 -4.84 -10.76
N THR A 22 -10.61 -4.25 -11.55
CA THR A 22 -9.28 -4.80 -11.77
C THR A 22 -8.21 -3.77 -11.40
N TRP A 23 -8.55 -2.92 -10.45
CA TRP A 23 -7.63 -1.89 -10.00
C TRP A 23 -8.14 -1.34 -8.67
N LEU A 24 -7.23 -0.80 -7.89
CA LEU A 24 -7.57 -0.24 -6.59
C LEU A 24 -6.75 1.04 -6.36
N SER A 25 -7.45 2.15 -6.29
CA SER A 25 -6.81 3.43 -6.07
C SER A 25 -6.70 3.71 -4.56
N LEU A 26 -5.51 3.46 -4.03
CA LEU A 26 -5.27 3.68 -2.62
C LEU A 26 -4.68 5.08 -2.42
N GLN A 27 -4.75 5.55 -1.19
CA GLN A 27 -4.23 6.86 -0.85
C GLN A 27 -3.65 6.86 0.56
N TRP A 28 -2.35 7.12 0.64
CA TRP A 28 -1.66 7.15 1.92
C TRP A 28 -0.98 8.51 2.05
N SER A 29 -0.68 8.86 3.29
CA SER A 29 -0.02 10.13 3.57
C SER A 29 1.26 9.89 4.38
N LYS A 30 2.08 10.93 4.45
CA LYS A 30 3.33 10.85 5.17
C LYS A 30 3.04 10.60 6.65
N PRO A 31 4.10 10.16 7.38
CA PRO A 31 3.97 9.87 8.80
C PRO A 31 3.92 11.16 9.61
N SER A 32 3.26 11.09 10.76
CA SER A 32 3.13 12.24 11.63
C SER A 32 4.52 12.74 12.05
N GLY A 33 4.69 14.04 11.98
CA GLY A 33 5.96 14.65 12.34
C GLY A 33 7.15 13.86 11.77
N THR A 34 7.49 14.17 10.53
CA THR A 34 8.59 13.49 9.87
C THR A 34 9.65 14.50 9.43
N PRO A 35 10.86 13.97 9.11
CA PRO A 35 11.96 14.81 8.68
C PRO A 35 11.75 15.28 7.24
N SER A 36 11.98 14.38 6.31
CA SER A 36 11.82 14.69 4.89
C SER A 36 10.34 14.91 4.57
N ASP A 37 10.01 16.15 4.26
CA ASP A 37 8.64 16.49 3.93
C ASP A 37 8.25 15.84 2.61
N GLU A 38 8.94 16.24 1.56
CA GLU A 38 8.69 15.69 0.23
C GLU A 38 9.92 14.97 -0.29
N GLY A 39 9.77 13.66 -0.48
CA GLY A 39 10.88 12.86 -0.97
C GLY A 39 10.78 11.43 -0.44
N ILE A 40 10.03 11.28 0.64
CA ILE A 40 9.86 9.97 1.25
C ILE A 40 9.14 9.04 0.26
N SER A 41 9.45 7.75 0.39
CA SER A 41 8.85 6.76 -0.47
C SER A 41 8.06 5.74 0.36
N TYR A 42 7.03 5.19 -0.26
CA TYR A 42 6.20 4.20 0.42
C TYR A 42 5.92 3.01 -0.50
N ILE A 43 6.07 1.82 0.07
CA ILE A 43 5.84 0.59 -0.67
C ILE A 43 4.46 0.05 -0.34
N LEU A 44 3.64 -0.08 -1.37
CA LEU A 44 2.29 -0.59 -1.20
C LEU A 44 2.31 -2.11 -1.30
N GLU A 45 2.23 -2.76 -0.14
CA GLU A 45 2.23 -4.21 -0.09
C GLU A 45 0.80 -4.74 -0.03
N MET A 46 0.66 -6.01 -0.38
CA MET A 46 -0.64 -6.64 -0.38
C MET A 46 -0.51 -8.17 -0.40
N GLU A 47 -1.26 -8.82 0.47
CA GLU A 47 -1.25 -10.27 0.54
C GLU A 47 -2.64 -10.81 0.86
N GLU A 48 -2.86 -12.06 0.48
CA GLU A 48 -4.15 -12.70 0.71
C GLU A 48 -4.00 -13.82 1.74
N GLU A 49 -5.06 -14.00 2.52
CA GLU A 49 -5.06 -15.03 3.54
C GLU A 49 -4.14 -14.62 4.70
N THR A 50 -4.21 -15.41 5.77
CA THR A 50 -3.39 -15.16 6.94
C THR A 50 -3.45 -13.67 7.31
N SER A 51 -2.55 -13.27 8.20
CA SER A 51 -2.49 -11.90 8.65
C SER A 51 -1.76 -11.04 7.60
N GLY A 52 -0.48 -11.33 7.44
CA GLY A 52 0.35 -10.59 6.49
C GLY A 52 1.83 -10.79 6.80
N TYR A 53 2.28 -12.03 6.68
CA TYR A 53 3.67 -12.35 6.94
C TYR A 53 4.43 -12.61 5.64
N GLY A 54 3.69 -12.51 4.54
CA GLY A 54 4.27 -12.73 3.23
C GLY A 54 3.99 -11.55 2.30
N PHE A 55 3.41 -10.50 2.88
CA PHE A 55 3.08 -9.31 2.12
C PHE A 55 4.15 -9.02 1.07
N LYS A 56 3.75 -9.10 -0.18
CA LYS A 56 4.67 -8.84 -1.29
C LYS A 56 4.50 -7.39 -1.75
N PRO A 57 5.62 -6.82 -2.26
CA PRO A 57 5.60 -5.45 -2.74
C PRO A 57 4.92 -5.35 -4.10
N LYS A 58 4.42 -4.16 -4.40
CA LYS A 58 3.74 -3.93 -5.66
C LYS A 58 4.19 -2.59 -6.24
N TYR A 59 4.07 -1.56 -5.42
CA TYR A 59 4.47 -0.22 -5.83
C TYR A 59 5.74 0.23 -5.10
N ASP A 60 6.52 1.04 -5.80
CA ASP A 60 7.76 1.55 -5.23
C ASP A 60 8.07 2.92 -5.84
N GLY A 61 7.39 3.94 -5.31
CA GLY A 61 7.58 5.28 -5.79
C GLY A 61 7.48 6.29 -4.64
N GLU A 62 7.82 7.53 -4.95
CA GLU A 62 7.76 8.60 -3.96
C GLU A 62 6.46 9.38 -4.10
N ASP A 63 5.38 8.66 -4.32
CA ASP A 63 4.08 9.28 -4.48
C ASP A 63 3.18 8.87 -3.32
N LEU A 64 2.25 9.76 -2.98
CA LEU A 64 1.32 9.49 -1.90
C LEU A 64 0.01 8.96 -2.47
N ALA A 65 0.12 8.34 -3.64
CA ALA A 65 -1.05 7.78 -4.30
C ALA A 65 -0.60 6.86 -5.43
N TYR A 66 -1.34 5.78 -5.60
CA TYR A 66 -1.03 4.81 -6.64
C TYR A 66 -2.30 4.09 -7.13
N THR A 67 -2.21 3.56 -8.33
CA THR A 67 -3.33 2.85 -8.92
C THR A 67 -2.98 1.38 -9.13
N VAL A 68 -3.43 0.55 -8.20
CA VAL A 68 -3.17 -0.88 -8.27
C VAL A 68 -3.81 -1.45 -9.53
N LYS A 69 -3.13 -2.40 -10.14
CA LYS A 69 -3.62 -3.04 -11.34
C LYS A 69 -3.45 -4.56 -11.23
N ASN A 70 -4.03 -5.26 -12.19
CA ASN A 70 -3.94 -6.71 -12.22
C ASN A 70 -4.55 -7.27 -10.93
N LEU A 71 -5.88 -7.19 -10.86
CA LEU A 71 -6.59 -7.70 -9.70
C LEU A 71 -7.75 -8.59 -10.16
N ARG A 72 -8.61 -8.92 -9.22
CA ARG A 72 -9.76 -9.76 -9.51
C ARG A 72 -11.05 -9.07 -9.05
N ARG A 73 -12.10 -9.29 -9.83
CA ARG A 73 -13.39 -8.70 -9.52
C ARG A 73 -13.96 -9.33 -8.24
N SER A 74 -14.74 -8.53 -7.53
CA SER A 74 -15.35 -8.99 -6.29
C SER A 74 -14.37 -9.87 -5.51
N THR A 75 -13.43 -9.21 -4.85
CA THR A 75 -12.43 -9.90 -4.06
C THR A 75 -12.02 -9.07 -2.85
N LYS A 76 -11.34 -9.72 -1.92
CA LYS A 76 -10.88 -9.05 -0.72
C LYS A 76 -9.36 -9.15 -0.62
N TYR A 77 -8.71 -8.01 -0.68
CA TYR A 77 -7.26 -7.95 -0.60
C TYR A 77 -6.81 -7.01 0.52
N LYS A 78 -5.68 -7.37 1.12
CA LYS A 78 -5.13 -6.57 2.22
C LYS A 78 -4.09 -5.60 1.64
N PHE A 79 -3.72 -4.64 2.48
CA PHE A 79 -2.74 -3.65 2.08
C PHE A 79 -2.16 -2.91 3.29
N LYS A 80 -0.92 -2.49 3.16
CA LYS A 80 -0.25 -1.78 4.23
C LYS A 80 0.84 -0.87 3.64
N VAL A 81 0.84 0.37 4.10
CA VAL A 81 1.81 1.34 3.62
C VAL A 81 3.05 1.30 4.53
N ILE A 82 4.20 1.22 3.89
CA ILE A 82 5.46 1.17 4.62
C ILE A 82 6.35 2.33 4.15
N ALA A 83 6.71 3.17 5.11
CA ALA A 83 7.56 4.32 4.83
C ALA A 83 9.02 3.93 5.06
N TYR A 84 9.78 3.93 3.97
CA TYR A 84 11.19 3.59 4.05
C TYR A 84 12.06 4.72 3.49
N ASN A 85 13.33 4.68 3.86
CA ASN A 85 14.27 5.69 3.43
C ASN A 85 15.45 5.01 2.72
N SER A 86 16.06 5.74 1.80
CA SER A 86 17.20 5.23 1.07
C SER A 86 18.14 4.47 2.01
N GLU A 87 18.11 4.88 3.28
CA GLU A 87 18.95 4.25 4.28
C GLU A 87 18.42 2.86 4.62
N GLY A 88 17.12 2.80 4.84
CA GLY A 88 16.47 1.53 5.18
C GLY A 88 14.95 1.68 5.18
N LYS A 89 14.31 0.79 5.93
CA LYS A 89 12.87 0.81 6.04
C LYS A 89 12.46 0.81 7.52
N SER A 90 11.27 1.33 7.77
CA SER A 90 10.76 1.39 9.13
C SER A 90 9.65 0.36 9.33
N ASN A 91 8.90 0.55 10.40
CA ASN A 91 7.81 -0.36 10.70
C ASN A 91 6.63 -0.06 9.78
N PRO A 92 5.84 -1.14 9.49
CA PRO A 92 4.68 -1.00 8.62
C PRO A 92 3.53 -0.32 9.35
N SER A 93 2.57 0.17 8.56
CA SER A 93 1.42 0.86 9.12
C SER A 93 0.25 -0.13 9.27
N GLU A 94 -0.83 0.38 9.85
CA GLU A 94 -2.01 -0.45 10.06
C GLU A 94 -2.45 -1.08 8.74
N VAL A 95 -2.74 -2.37 8.81
CA VAL A 95 -3.18 -3.10 7.63
C VAL A 95 -4.66 -2.84 7.39
N VAL A 96 -4.97 -2.39 6.19
CA VAL A 96 -6.35 -2.09 5.82
C VAL A 96 -6.84 -3.13 4.82
N GLU A 97 -8.15 -3.19 4.66
CA GLU A 97 -8.76 -4.13 3.73
C GLU A 97 -9.75 -3.41 2.82
N PHE A 98 -9.84 -3.90 1.59
CA PHE A 98 -10.74 -3.31 0.62
C PHE A 98 -11.24 -4.37 -0.36
N THR A 99 -12.24 -3.99 -1.14
CA THR A 99 -12.84 -4.90 -2.11
C THR A 99 -12.96 -4.20 -3.47
N THR A 100 -13.23 -5.01 -4.49
CA THR A 100 -13.37 -4.50 -5.84
C THR A 100 -14.83 -4.62 -6.31
N CYS A 101 -15.08 -4.10 -7.49
CA CYS A 101 -16.41 -4.16 -8.06
C CYS A 101 -16.50 -5.40 -8.96
N PRO A 102 -17.76 -5.74 -9.35
CA PRO A 102 -17.98 -6.89 -10.20
C PRO A 102 -17.59 -6.58 -11.65
N ASP A 103 -17.05 -7.59 -12.31
CA ASP A 103 -16.63 -7.45 -13.69
C ASP A 103 -17.80 -7.77 -14.61
N SER A 104 -18.42 -6.72 -15.13
CA SER A 104 -19.55 -6.87 -16.03
C SER A 104 -19.96 -5.51 -16.59
N GLY A 105 -20.18 -5.49 -17.90
CA GLY A 105 -20.58 -4.26 -18.58
C GLY A 105 -19.37 -3.38 -18.86
N PRO A 106 -18.77 -3.61 -20.07
CA PRO A 106 -17.61 -2.84 -20.48
C PRO A 106 -18.01 -1.43 -20.91
N SER A 107 -17.21 -0.47 -20.47
CA SER A 107 -17.47 0.93 -20.79
C SER A 107 -18.83 1.35 -20.23
N SER A 108 -19.08 2.66 -20.31
CA SER A 108 -20.33 3.20 -19.82
C SER A 108 -20.59 4.57 -20.45
N GLY A 109 -21.82 4.78 -20.87
CA GLY A 109 -22.21 6.03 -21.48
C GLY A 109 -23.18 6.81 -20.59
#